data_6XLI
#
_entry.id   6XLI
#
_cell.length_a   126.240
_cell.length_b   83.660
_cell.length_c   166.870
_cell.angle_alpha   90.000
_cell.angle_beta   92.500
_cell.angle_gamma   90.000
#
_symmetry.space_group_name_H-M   'C 1 2 1'
#
loop_
_entity.id
_entity.type
_entity.pdbx_description
1 polymer 'PT3 Fab Heavy Chain'
2 polymer 'PT3 Fab Light Chain'
3 polymer 'Tau Phosphopeptide (Ac-SR(pT)PSLP(pT)PPTRE-OH)'
4 non-polymer GLYCEROL
5 water water
#
loop_
_entity_poly.entity_id
_entity_poly.type
_entity_poly.pdbx_seq_one_letter_code
_entity_poly.pdbx_strand_id
1 'polypeptide(L)'
;EVKLVESGGDLVKPGGSLKLSCAASGFTFSSYAMSWVRQNPEKRLEWVASISKGGNTYYPNSVKGRFTISRDNARNILYL
QMSSLRSEDTALYYCARGWGDYGWFAYWGQVTLVTVSAASTKGPSVFPLAPSSKSTSGGTAALGCLVKDYFPEPVTVSWN
SGALTSGVHTFPAVLQSSGLYSLSSVVTVPSSSLGTQTYICNVNHKPSNTKVDKKVEPKSCHHHHHH
;
A,C,H
2 'polypeptide(L)'
;DIKMTQSPSSMYASLGERVTITCKASQDINRYLNWFQQKPGKSPKTLIYRANRLLDGVPSRFSGSGSGQDYSLTISSLDY
EDMGIYYCLQYDEFPLTFGDGTKLELKRTVAAPSVFIFPPSDEQLKSGTASVVCLLNNFYPREAKVQWKVDNALQSGNSQ
ESVTEQDSKDSTYSLSSTLTLSKADYEKHKVYACEVTHQGLSSPVTKSFNRGEC
;
B,D,L
3 'polypeptide(L)' (ACE)SR(TPO)PSLP(TPO)PPTRE E,F,P
#
loop_
_chem_comp.id
_chem_comp.type
_chem_comp.name
_chem_comp.formula
ACE non-polymer 'ACETYL GROUP' 'C2 H4 O'
GOL non-polymer GLYCEROL 'C3 H8 O3'
#
# COMPACT_ATOMS: atom_id res chain seq x y z
N GLY A 8 -10.06 15.26 21.74
CA GLY A 8 -10.86 15.55 20.56
C GLY A 8 -10.07 15.80 19.28
N GLY A 9 -9.65 14.73 18.61
CA GLY A 9 -8.96 14.88 17.34
C GLY A 9 -7.44 14.88 17.48
N ASP A 10 -6.75 14.99 16.36
CA ASP A 10 -5.28 15.03 16.38
C ASP A 10 -4.76 16.46 16.63
N LEU A 11 -3.75 16.58 17.50
CA LEU A 11 -3.16 17.87 17.79
CA LEU A 11 -3.15 17.87 17.83
C LEU A 11 -1.68 17.86 17.42
N VAL A 12 -1.26 18.90 16.72
CA VAL A 12 0.12 18.95 16.25
C VAL A 12 0.64 20.38 16.39
N LYS A 13 1.94 20.50 16.68
CA LYS A 13 2.58 21.81 16.79
C LYS A 13 2.86 22.28 15.38
N PRO A 14 2.87 23.60 15.16
CA PRO A 14 3.25 24.11 13.84
C PRO A 14 4.61 23.55 13.39
N GLY A 15 4.72 23.23 12.10
CA GLY A 15 5.92 22.62 11.55
C GLY A 15 5.96 21.10 11.64
N GLY A 16 5.05 20.51 12.40
CA GLY A 16 5.10 19.08 12.68
C GLY A 16 4.53 18.17 11.61
N SER A 17 4.36 16.89 11.95
CA SER A 17 4.00 15.87 10.98
C SER A 17 2.83 15.02 11.47
N LEU A 18 2.05 14.49 10.53
CA LEU A 18 0.91 13.65 10.87
C LEU A 18 0.57 12.70 9.72
N LYS A 19 0.07 11.51 10.03
CA LYS A 19 -0.39 10.62 8.98
C LYS A 19 -1.84 10.23 9.26
N LEU A 20 -2.74 10.56 8.34
CA LEU A 20 -4.16 10.20 8.47
C LEU A 20 -4.38 8.91 7.72
N SER A 21 -5.30 8.07 8.18
CA SER A 21 -5.64 6.87 7.41
C SER A 21 -7.17 6.69 7.35
N CYS A 22 -7.65 6.07 6.29
CA CYS A 22 -9.07 5.89 6.02
C CYS A 22 -9.31 4.49 5.46
N ALA A 23 -9.89 3.62 6.29
CA ALA A 23 -10.09 2.22 5.94
C ALA A 23 -11.45 2.00 5.28
N ALA A 24 -11.43 1.36 4.12
CA ALA A 24 -12.63 1.23 3.32
C ALA A 24 -13.55 0.10 3.79
N SER A 25 -14.85 0.38 3.77
CA SER A 25 -15.87 -0.63 4.04
C SER A 25 -17.14 -0.36 3.23
N GLY A 26 -17.68 -1.41 2.61
CA GLY A 26 -18.93 -1.33 1.86
C GLY A 26 -18.81 -0.98 0.39
N PHE A 27 -17.60 -1.12 -0.17
CA PHE A 27 -17.38 -0.91 -1.61
C PHE A 27 -16.06 -1.53 -2.03
N THR A 28 -15.81 -1.63 -3.33
CA THR A 28 -14.56 -2.20 -3.83
C THR A 28 -13.51 -1.09 -4.02
N PHE A 29 -12.68 -0.92 -3.00
CA PHE A 29 -11.72 0.18 -2.89
C PHE A 29 -10.85 0.34 -4.13
N SER A 30 -10.38 -0.76 -4.69
CA SER A 30 -9.45 -0.68 -5.81
C SER A 30 -10.11 -0.18 -7.09
N SER A 31 -11.44 -0.07 -7.12
CA SER A 31 -12.11 0.45 -8.32
C SER A 31 -12.17 1.98 -8.46
N TYR A 32 -11.98 2.71 -7.36
CA TYR A 32 -12.30 4.15 -7.33
C TYR A 32 -11.09 5.07 -7.21
N ALA A 33 -11.22 6.27 -7.77
CA ALA A 33 -10.35 7.37 -7.41
C ALA A 33 -10.70 7.80 -5.99
N MET A 34 -9.69 8.07 -5.17
CA MET A 34 -9.90 8.46 -3.79
C MET A 34 -9.34 9.86 -3.53
N SER A 35 -9.98 10.62 -2.63
CA SER A 35 -9.57 12.01 -2.38
C SER A 35 -9.63 12.41 -0.91
N TRP A 36 -8.93 13.50 -0.58
CA TRP A 36 -9.04 14.13 0.73
C TRP A 36 -9.55 15.54 0.51
N VAL A 37 -10.48 15.96 1.37
CA VAL A 37 -11.08 17.28 1.32
C VAL A 37 -11.18 17.81 2.75
N ARG A 38 -10.92 19.10 2.95
CA ARG A 38 -11.02 19.63 4.30
C ARG A 38 -11.97 20.81 4.38
N GLN A 39 -12.51 21.01 5.58
CA GLN A 39 -13.43 22.09 5.88
C GLN A 39 -12.85 22.89 7.03
N ASN A 40 -12.54 24.16 6.77
CA ASN A 40 -11.84 24.97 7.75
C ASN A 40 -12.83 25.64 8.72
N PRO A 41 -12.33 26.30 9.79
CA PRO A 41 -13.26 26.86 10.78
C PRO A 41 -14.30 27.87 10.24
N GLU A 42 -14.09 28.40 9.04
CA GLU A 42 -15.10 29.30 8.49
C GLU A 42 -15.97 28.56 7.48
N LYS A 43 -16.06 27.25 7.66
CA LYS A 43 -16.91 26.38 6.85
C LYS A 43 -16.68 26.48 5.33
N ARG A 44 -15.49 26.89 4.92
CA ARG A 44 -15.15 26.76 3.49
C ARG A 44 -14.63 25.33 3.24
N LEU A 45 -15.00 24.75 2.11
CA LEU A 45 -14.47 23.44 1.69
C LEU A 45 -13.27 23.65 0.77
N GLU A 46 -12.27 22.79 0.90
CA GLU A 46 -11.06 22.92 0.11
C GLU A 46 -10.53 21.53 -0.27
N TRP A 47 -10.25 21.33 -1.56
CA TRP A 47 -9.66 20.08 -2.02
C TRP A 47 -8.21 19.98 -1.56
N VAL A 48 -7.84 18.81 -1.05
CA VAL A 48 -6.51 18.59 -0.49
C VAL A 48 -5.62 17.69 -1.36
N ALA A 49 -6.15 16.55 -1.84
CA ALA A 49 -5.36 15.66 -2.70
C ALA A 49 -6.27 14.60 -3.32
N SER A 50 -5.87 14.07 -4.47
CA SER A 50 -6.59 12.95 -5.09
C SER A 50 -5.60 11.90 -5.58
N ILE A 51 -6.05 10.64 -5.69
CA ILE A 51 -5.18 9.59 -6.22
C ILE A 51 -6.05 8.64 -7.07
N SER A 52 -5.60 8.35 -8.28
CA SER A 52 -6.37 7.50 -9.18
C SER A 52 -6.28 6.05 -8.71
N LYS A 53 -7.12 5.18 -9.27
CA LYS A 53 -7.14 3.79 -8.83
C LYS A 53 -5.77 3.16 -9.02
N GLY A 54 -5.06 3.61 -10.06
CA GLY A 54 -3.74 3.09 -10.34
C GLY A 54 -2.59 3.78 -9.61
N GLY A 55 -2.88 4.82 -8.86
CA GLY A 55 -1.87 5.42 -8.00
C GLY A 55 -1.29 6.76 -8.45
N ASN A 56 -1.81 7.32 -9.54
CA ASN A 56 -1.39 8.65 -9.98
C ASN A 56 -1.96 9.70 -9.02
N THR A 57 -1.16 10.71 -8.66
CA THR A 57 -1.54 11.66 -7.62
C THR A 57 -1.77 13.04 -8.20
N TYR A 58 -2.60 13.84 -7.52
CA TYR A 58 -2.95 15.19 -7.93
C TYR A 58 -3.02 16.09 -6.68
N TYR A 59 -2.46 17.29 -6.75
CA TYR A 59 -2.40 18.19 -5.60
C TYR A 59 -2.62 19.64 -5.99
N PRO A 60 -3.19 20.45 -5.07
CA PRO A 60 -3.17 21.91 -5.25
C PRO A 60 -1.83 22.46 -4.80
N ASN A 61 -1.47 23.65 -5.26
CA ASN A 61 -0.18 24.22 -4.89
C ASN A 61 -0.03 24.46 -3.37
N SER A 62 -1.12 24.72 -2.67
CA SER A 62 -1.05 24.99 -1.21
C SER A 62 -0.47 23.85 -0.38
N VAL A 63 -0.52 22.62 -0.89
CA VAL A 63 0.01 21.51 -0.12
C VAL A 63 1.08 20.73 -0.87
N LYS A 64 1.40 21.14 -2.09
CA LYS A 64 2.38 20.40 -2.88
C LYS A 64 3.75 20.48 -2.22
N GLY A 65 4.43 19.35 -2.15
CA GLY A 65 5.69 19.24 -1.44
C GLY A 65 5.62 19.00 0.06
N ARG A 66 4.43 19.14 0.65
CA ARG A 66 4.26 18.97 2.10
C ARG A 66 3.44 17.72 2.43
N PHE A 67 2.42 17.45 1.61
CA PHE A 67 1.49 16.35 1.84
C PHE A 67 1.72 15.26 0.79
N THR A 68 1.55 14.00 1.18
CA THR A 68 1.60 12.90 0.22
C THR A 68 0.37 11.99 0.31
N ILE A 69 -0.37 11.81 -0.78
CA ILE A 69 -1.50 10.89 -0.74
C ILE A 69 -1.04 9.52 -1.25
N SER A 70 -1.49 8.45 -0.61
CA SER A 70 -1.14 7.10 -1.08
C SER A 70 -2.26 6.11 -0.76
N ARG A 71 -2.20 4.93 -1.38
CA ARG A 71 -3.25 3.93 -1.20
C ARG A 71 -2.69 2.51 -1.16
N ASP A 72 -3.35 1.65 -0.39
CA ASP A 72 -3.03 0.23 -0.33
C ASP A 72 -4.22 -0.57 -0.87
N ASN A 73 -4.14 -1.01 -2.12
CA ASN A 73 -5.25 -1.68 -2.76
C ASN A 73 -5.41 -3.13 -2.30
N ALA A 74 -4.47 -3.60 -1.47
CA ALA A 74 -4.58 -4.94 -0.89
C ALA A 74 -5.28 -4.93 0.45
N ARG A 75 -4.94 -3.95 1.30
CA ARG A 75 -5.59 -3.83 2.59
C ARG A 75 -6.76 -2.85 2.53
N ASN A 76 -6.95 -2.21 1.38
CA ASN A 76 -8.04 -1.24 1.17
C ASN A 76 -8.00 -0.08 2.17
N ILE A 77 -6.89 0.66 2.14
CA ILE A 77 -6.72 1.80 3.04
C ILE A 77 -6.21 2.99 2.26
N LEU A 78 -6.75 4.17 2.56
CA LEU A 78 -6.25 5.41 2.00
C LEU A 78 -5.42 6.15 3.06
N TYR A 79 -4.31 6.77 2.65
CA TYR A 79 -3.46 7.53 3.58
C TYR A 79 -3.27 8.99 3.16
N LEU A 80 -3.08 9.85 4.16
CA LEU A 80 -2.60 11.22 3.92
C LEU A 80 -1.45 11.50 4.89
N GLN A 81 -0.25 11.59 4.34
CA GLN A 81 0.93 11.97 5.12
C GLN A 81 1.14 13.48 5.05
N MET A 82 1.11 14.14 6.19
CA MET A 82 1.25 15.60 6.24
C MET A 82 2.56 16.07 6.88
N SER A 83 3.30 16.94 6.20
CA SER A 83 4.55 17.48 6.73
C SER A 83 4.49 18.99 6.79
N SER A 84 5.37 19.59 7.58
CA SER A 84 5.44 21.05 7.67
C SER A 84 4.08 21.69 7.90
N LEU A 85 3.35 21.20 8.90
CA LEU A 85 1.98 21.63 9.13
C LEU A 85 1.94 23.10 9.57
N ARG A 86 0.93 23.82 9.10
CA ARG A 86 0.76 25.23 9.44
C ARG A 86 -0.54 25.41 10.22
N SER A 87 -0.65 26.46 11.00
CA SER A 87 -1.88 26.66 11.77
C SER A 87 -3.07 26.78 10.81
N GLU A 88 -2.82 27.29 9.60
CA GLU A 88 -3.84 27.38 8.56
C GLU A 88 -4.32 26.02 8.01
N ASP A 89 -3.64 24.92 8.36
CA ASP A 89 -4.06 23.56 8.00
C ASP A 89 -5.10 22.98 8.98
N THR A 90 -5.40 23.73 10.05
CA THR A 90 -6.40 23.33 11.03
C THR A 90 -7.76 23.19 10.34
N ALA A 91 -8.40 22.02 10.51
CA ALA A 91 -9.63 21.71 9.78
C ALA A 91 -10.17 20.32 10.09
N LEU A 92 -11.41 20.10 9.64
CA LEU A 92 -11.98 18.76 9.52
C LEU A 92 -11.50 18.16 8.21
N TYR A 93 -10.97 16.94 8.25
CA TYR A 93 -10.50 16.28 7.03
C TYR A 93 -11.43 15.11 6.68
N TYR A 94 -11.94 15.10 5.45
CA TYR A 94 -12.82 14.05 4.94
C TYR A 94 -12.12 13.16 3.95
N CYS A 95 -12.45 11.87 3.99
CA CYS A 95 -12.09 10.94 2.94
C CYS A 95 -13.27 10.91 1.93
N ALA A 96 -13.00 10.82 0.63
CA ALA A 96 -14.09 10.78 -0.37
C ALA A 96 -13.75 9.88 -1.54
N ARG A 97 -14.76 9.33 -2.22
CA ARG A 97 -14.47 8.50 -3.38
C ARG A 97 -15.28 8.90 -4.59
N GLY A 98 -14.77 8.64 -5.78
CA GLY A 98 -15.49 8.98 -6.99
C GLY A 98 -14.92 8.30 -8.22
N TRP A 99 -15.44 8.68 -9.39
CA TRP A 99 -15.03 8.12 -10.67
C TRP A 99 -15.80 8.79 -11.79
N GLY A 100 -15.22 8.76 -12.99
CA GLY A 100 -15.91 9.16 -14.22
C GLY A 100 -16.58 10.52 -14.12
N ASP A 101 -17.78 10.63 -14.67
CA ASP A 101 -18.48 11.91 -14.70
C ASP A 101 -19.18 12.27 -13.40
N TYR A 102 -19.25 11.33 -12.45
CA TYR A 102 -19.71 11.63 -11.09
C TYR A 102 -18.83 12.70 -10.45
N GLY A 103 -17.56 12.66 -10.82
CA GLY A 103 -16.55 13.51 -10.21
C GLY A 103 -15.80 12.79 -9.10
N TRP A 104 -14.97 13.54 -8.39
CA TRP A 104 -14.03 13.01 -7.41
C TRP A 104 -14.66 12.80 -6.03
N PHE A 105 -15.79 13.45 -5.78
CA PHE A 105 -16.40 13.44 -4.45
C PHE A 105 -17.83 12.90 -4.50
N ALA A 106 -18.04 11.76 -5.12
CA ALA A 106 -19.39 11.23 -5.23
C ALA A 106 -19.92 10.82 -3.86
N TYR A 107 -19.06 10.20 -3.04
CA TYR A 107 -19.45 9.72 -1.72
C TYR A 107 -18.44 10.14 -0.65
N TRP A 108 -18.95 10.61 0.48
CA TRP A 108 -18.10 11.18 1.52
C TRP A 108 -18.00 10.23 2.71
N GLY A 109 -16.77 10.09 3.21
CA GLY A 109 -16.41 9.12 4.21
C GLY A 109 -16.16 9.66 5.60
N GLN A 110 -15.24 8.96 6.26
CA GLN A 110 -14.82 9.20 7.65
C GLN A 110 -14.12 10.54 7.79
N VAL A 111 -14.56 11.32 8.77
CA VAL A 111 -13.96 12.62 9.06
C VAL A 111 -12.94 12.53 10.20
N THR A 112 -11.96 13.43 10.21
CA THR A 112 -10.97 13.52 11.29
C THR A 112 -10.64 14.97 11.58
N LEU A 113 -10.67 15.39 12.85
CA LEU A 113 -10.32 16.77 13.16
C LEU A 113 -8.81 16.87 13.36
N VAL A 114 -8.20 17.86 12.70
CA VAL A 114 -6.79 18.13 12.88
C VAL A 114 -6.60 19.57 13.35
N THR A 115 -5.99 19.73 14.53
CA THR A 115 -5.71 21.07 15.05
C THR A 115 -4.20 21.33 15.11
N VAL A 116 -3.74 22.35 14.39
CA VAL A 116 -2.34 22.73 14.39
C VAL A 116 -2.18 23.98 15.24
N SER A 117 -1.56 23.82 16.42
CA SER A 117 -1.43 24.94 17.34
C SER A 117 -0.27 24.76 18.31
N ALA A 118 0.29 25.87 18.78
CA ALA A 118 1.39 25.86 19.74
C ALA A 118 0.88 25.73 21.18
N ALA A 119 -0.43 25.90 21.37
CA ALA A 119 -1.05 25.83 22.69
C ALA A 119 -0.98 24.44 23.32
N SER A 120 -0.83 24.41 24.64
CA SER A 120 -0.84 23.17 25.41
C SER A 120 -2.26 22.85 25.88
N THR A 121 -2.59 21.58 26.07
CA THR A 121 -3.89 21.18 26.59
C THR A 121 -4.13 21.83 27.95
N LYS A 122 -5.31 22.41 28.12
CA LYS A 122 -5.64 23.18 29.33
C LYS A 122 -7.15 23.14 29.60
N GLY A 123 -7.52 22.90 30.86
CA GLY A 123 -8.91 22.91 31.26
C GLY A 123 -9.45 24.32 31.43
N PRO A 124 -10.77 24.49 31.36
CA PRO A 124 -11.36 25.83 31.42
C PRO A 124 -11.55 26.38 32.81
N SER A 125 -11.60 27.70 32.91
CA SER A 125 -12.17 28.35 34.08
C SER A 125 -13.64 28.59 33.76
N VAL A 126 -14.49 28.55 34.78
CA VAL A 126 -15.93 28.73 34.58
C VAL A 126 -16.42 29.84 35.48
N PHE A 127 -16.96 30.90 34.90
CA PHE A 127 -17.44 32.04 35.67
C PHE A 127 -18.95 32.21 35.48
N PRO A 128 -19.65 32.66 36.54
CA PRO A 128 -21.09 32.84 36.46
C PRO A 128 -21.44 34.09 35.65
N LEU A 129 -22.49 33.99 34.84
CA LEU A 129 -23.14 35.17 34.24
C LEU A 129 -24.38 35.41 35.07
N ALA A 130 -24.30 36.32 36.03
CA ALA A 130 -25.31 36.42 37.08
C ALA A 130 -26.57 37.19 36.65
N PRO A 131 -27.76 36.64 36.97
CA PRO A 131 -29.02 37.31 36.64
C PRO A 131 -29.07 38.71 37.22
N SER A 132 -29.48 39.67 36.41
CA SER A 132 -29.46 41.09 36.79
C SER A 132 -30.50 41.40 37.86
N SER A 133 -30.17 42.35 38.74
CA SER A 133 -31.10 42.92 39.70
C SER A 133 -32.42 43.34 39.04
N GLY A 139 -40.53 39.84 33.49
CA GLY A 139 -40.89 38.61 34.17
C GLY A 139 -40.00 37.42 33.84
N THR A 140 -39.03 37.65 32.95
CA THR A 140 -38.11 36.59 32.54
C THR A 140 -36.67 37.04 32.80
N ALA A 141 -35.88 36.14 33.36
CA ALA A 141 -34.48 36.45 33.63
C ALA A 141 -33.55 35.55 32.83
N ALA A 142 -32.36 36.06 32.51
CA ALA A 142 -31.34 35.24 31.86
C ALA A 142 -30.14 35.06 32.77
N LEU A 143 -29.55 33.88 32.73
CA LEU A 143 -28.34 33.60 33.47
C LEU A 143 -27.49 32.60 32.71
N GLY A 144 -26.24 32.47 33.10
CA GLY A 144 -25.38 31.52 32.42
C GLY A 144 -24.01 31.32 33.01
N CYS A 145 -23.17 30.67 32.22
CA CYS A 145 -21.78 30.43 32.54
C CYS A 145 -20.87 30.80 31.39
N LEU A 146 -19.80 31.51 31.70
CA LEU A 146 -18.72 31.78 30.76
C LEU A 146 -17.65 30.70 30.94
N VAL A 147 -17.39 29.93 29.90
CA VAL A 147 -16.39 28.86 29.94
C VAL A 147 -15.14 29.31 29.19
N LYS A 148 -14.11 29.72 29.92
CA LYS A 148 -13.03 30.49 29.34
C LYS A 148 -11.65 29.81 29.39
N ASP A 149 -10.88 30.00 28.31
CA ASP A 149 -9.46 29.67 28.23
C ASP A 149 -9.18 28.17 28.29
N TYR A 150 -9.70 27.42 27.33
CA TYR A 150 -9.43 26.00 27.31
C TYR A 150 -8.85 25.60 25.97
N PHE A 151 -8.26 24.41 25.92
CA PHE A 151 -7.68 23.89 24.69
C PHE A 151 -7.43 22.39 24.81
N PRO A 152 -7.75 21.63 23.76
CA PRO A 152 -8.44 22.03 22.54
C PRO A 152 -9.94 21.96 22.71
N GLU A 153 -10.70 22.13 21.62
CA GLU A 153 -12.13 21.84 21.64
C GLU A 153 -12.33 20.34 21.73
N PRO A 154 -13.50 19.88 22.21
CA PRO A 154 -14.68 20.61 22.69
C PRO A 154 -14.87 20.57 24.18
N VAL A 155 -15.80 21.39 24.67
CA VAL A 155 -16.34 21.24 26.01
C VAL A 155 -17.80 20.91 25.85
N THR A 156 -18.39 20.29 26.85
CA THR A 156 -19.84 20.12 26.86
C THR A 156 -20.39 20.84 28.07
N VAL A 157 -21.61 21.36 27.94
CA VAL A 157 -22.26 22.04 29.05
C VAL A 157 -23.70 21.52 29.20
N SER A 158 -24.10 21.27 30.45
CA SER A 158 -25.48 20.94 30.78
C SER A 158 -25.92 21.80 31.94
N TRP A 159 -27.23 21.87 32.16
CA TRP A 159 -27.77 22.61 33.29
C TRP A 159 -28.54 21.67 34.23
N ASN A 160 -28.26 21.79 35.52
CA ASN A 160 -28.86 20.91 36.55
C ASN A 160 -28.82 19.44 36.15
N SER A 161 -27.63 19.02 35.73
CA SER A 161 -27.33 17.64 35.33
C SER A 161 -28.22 17.12 34.23
N GLY A 162 -28.79 18.02 33.44
CA GLY A 162 -29.57 17.60 32.29
C GLY A 162 -31.06 17.73 32.54
N ALA A 163 -31.43 18.09 33.76
CA ALA A 163 -32.84 18.29 34.10
C ALA A 163 -33.38 19.57 33.46
N LEU A 164 -32.51 20.52 33.19
CA LEU A 164 -32.91 21.80 32.59
C LEU A 164 -32.40 21.88 31.15
N THR A 165 -33.33 21.80 30.19
CA THR A 165 -32.99 21.86 28.77
C THR A 165 -33.75 22.95 28.03
N SER A 166 -34.93 23.28 28.54
CA SER A 166 -35.76 24.31 27.91
C SER A 166 -35.16 25.70 28.08
N GLY A 167 -35.04 26.43 26.97
CA GLY A 167 -34.54 27.79 26.99
C GLY A 167 -33.03 27.90 27.12
N VAL A 168 -32.34 26.77 26.97
CA VAL A 168 -30.87 26.76 27.02
C VAL A 168 -30.27 27.06 25.66
N HIS A 169 -29.29 27.96 25.62
CA HIS A 169 -28.49 28.16 24.40
C HIS A 169 -27.01 28.05 24.70
N THR A 170 -26.33 27.10 24.07
CA THR A 170 -24.89 27.00 24.22
C THR A 170 -24.25 27.42 22.91
N PHE A 171 -23.43 28.48 22.95
CA PHE A 171 -22.87 29.08 21.75
C PHE A 171 -21.63 28.39 21.22
N PRO A 172 -21.38 28.52 19.91
CA PRO A 172 -20.13 28.08 19.31
C PRO A 172 -18.95 28.75 20.02
N ALA A 173 -17.85 28.03 20.20
CA ALA A 173 -16.68 28.65 20.80
C ALA A 173 -16.04 29.66 19.87
N VAL A 174 -15.32 30.64 20.43
CA VAL A 174 -14.46 31.50 19.64
C VAL A 174 -13.01 31.25 20.04
N LEU A 175 -12.10 31.38 19.06
CA LEU A 175 -10.67 31.26 19.31
C LEU A 175 -10.10 32.64 19.65
N GLN A 176 -9.58 32.77 20.87
CA GLN A 176 -9.01 34.04 21.31
C GLN A 176 -7.60 34.22 20.74
N SER A 177 -7.06 35.43 20.82
CA SER A 177 -5.71 35.72 20.30
C SER A 177 -4.63 35.00 21.07
N SER A 178 -4.94 34.62 22.31
CA SER A 178 -4.06 33.80 23.12
C SER A 178 -3.90 32.36 22.59
N GLY A 179 -4.74 31.97 21.64
CA GLY A 179 -4.73 30.60 21.16
C GLY A 179 -5.63 29.67 21.96
N LEU A 180 -6.30 30.22 22.96
CA LEU A 180 -7.22 29.44 23.78
C LEU A 180 -8.67 29.75 23.38
N TYR A 181 -9.56 28.79 23.61
CA TYR A 181 -10.98 28.93 23.24
C TYR A 181 -11.80 29.52 24.38
N SER A 182 -12.95 30.08 24.02
CA SER A 182 -13.88 30.60 25.01
C SER A 182 -15.33 30.43 24.54
N LEU A 183 -16.25 30.13 25.43
CA LEU A 183 -17.65 30.00 25.07
C LEU A 183 -18.57 30.30 26.22
N SER A 184 -19.79 30.68 25.92
CA SER A 184 -20.80 30.89 26.93
C SER A 184 -22.01 29.99 26.71
N SER A 185 -22.70 29.71 27.81
CA SER A 185 -23.95 28.97 27.81
C SER A 185 -24.93 29.74 28.66
N VAL A 186 -26.16 29.94 28.15
CA VAL A 186 -27.16 30.72 28.87
C VAL A 186 -28.49 29.99 28.94
N VAL A 187 -29.35 30.43 29.86
CA VAL A 187 -30.70 29.89 29.96
C VAL A 187 -31.63 31.00 30.40
N THR A 188 -32.88 31.01 29.90
CA THR A 188 -33.86 31.96 30.41
C THR A 188 -34.85 31.23 31.31
N VAL A 189 -35.17 31.84 32.45
CA VAL A 189 -36.07 31.23 33.44
C VAL A 189 -36.98 32.30 34.01
N PRO A 190 -38.10 31.90 34.65
CA PRO A 190 -38.95 32.87 35.34
C PRO A 190 -38.23 33.62 36.45
N SER A 191 -38.38 34.95 36.49
CA SER A 191 -37.82 35.78 37.56
C SER A 191 -38.28 35.30 38.93
N SER A 192 -39.56 34.95 39.01
CA SER A 192 -40.16 34.39 40.22
C SER A 192 -39.32 33.25 40.86
N SER A 193 -38.72 32.42 40.02
CA SER A 193 -38.03 31.22 40.50
C SER A 193 -36.59 31.48 40.95
N LEU A 194 -36.16 32.73 40.86
CA LEU A 194 -34.78 33.10 41.22
C LEU A 194 -34.51 32.87 42.70
N GLY A 195 -35.56 32.92 43.51
CA GLY A 195 -35.44 32.66 44.93
C GLY A 195 -35.50 31.19 45.29
N THR A 196 -36.42 30.46 44.67
CA THR A 196 -36.71 29.07 45.07
C THR A 196 -35.89 28.02 44.34
N GLN A 197 -35.23 28.39 43.25
CA GLN A 197 -34.57 27.37 42.45
C GLN A 197 -33.06 27.56 42.31
N THR A 198 -32.37 26.42 42.21
CA THR A 198 -30.92 26.38 42.15
C THR A 198 -30.52 26.04 40.72
N TYR A 199 -29.67 26.86 40.14
CA TYR A 199 -29.25 26.66 38.76
C TYR A 199 -27.76 26.39 38.75
N ILE A 200 -27.40 25.24 38.24
CA ILE A 200 -26.00 24.85 38.19
C ILE A 200 -25.60 24.47 36.79
N CYS A 201 -24.51 25.04 36.30
CA CYS A 201 -23.99 24.58 35.01
C CYS A 201 -22.87 23.57 35.23
N ASN A 202 -22.95 22.49 34.46
CA ASN A 202 -22.00 21.38 34.51
C ASN A 202 -21.13 21.36 33.25
N VAL A 203 -19.85 21.63 33.45
CA VAL A 203 -18.89 21.70 32.35
C VAL A 203 -17.98 20.48 32.30
N ASN A 204 -17.86 19.89 31.12
CA ASN A 204 -16.95 18.78 30.92
C ASN A 204 -15.99 19.06 29.76
N HIS A 205 -14.69 19.01 30.07
CA HIS A 205 -13.64 19.13 29.06
C HIS A 205 -12.85 17.83 29.03
N LYS A 206 -13.31 16.89 28.21
CA LYS A 206 -12.70 15.56 28.17
C LYS A 206 -11.22 15.56 27.79
N PRO A 207 -10.80 16.40 26.80
CA PRO A 207 -9.37 16.40 26.46
C PRO A 207 -8.41 16.64 27.62
N SER A 208 -8.87 17.27 28.69
CA SER A 208 -8.00 17.55 29.85
C SER A 208 -8.50 16.83 31.09
N ASN A 209 -9.46 15.94 30.93
CA ASN A 209 -10.19 15.35 32.05
C ASN A 209 -10.52 16.34 33.15
N THR A 210 -11.27 17.37 32.80
CA THR A 210 -11.70 18.37 33.76
C THR A 210 -13.23 18.45 33.83
N LYS A 211 -13.78 18.39 35.03
CA LYS A 211 -15.21 18.54 35.23
C LYS A 211 -15.41 19.64 36.28
N VAL A 212 -16.17 20.67 35.91
CA VAL A 212 -16.44 21.79 36.79
C VAL A 212 -17.95 21.98 36.93
N ASP A 213 -18.39 22.31 38.14
CA ASP A 213 -19.78 22.69 38.40
C ASP A 213 -19.83 24.09 38.96
N LYS A 214 -20.70 24.92 38.42
CA LYS A 214 -20.85 26.28 38.94
C LYS A 214 -22.30 26.61 39.23
N LYS A 215 -22.57 27.08 40.45
CA LYS A 215 -23.92 27.44 40.81
C LYS A 215 -24.12 28.91 40.45
N VAL A 216 -25.16 29.22 39.68
CA VAL A 216 -25.32 30.60 39.23
C VAL A 216 -26.51 31.25 39.95
N GLU A 217 -26.21 32.30 40.72
CA GLU A 217 -27.20 32.94 41.58
C GLU A 217 -27.09 34.47 41.50
N PRO A 218 -28.19 35.17 41.83
CA PRO A 218 -28.20 36.64 41.80
C PRO A 218 -27.19 37.27 42.75
N LYS A 219 -26.32 38.12 42.26
CA LYS A 219 -25.30 38.74 43.12
C LYS A 219 -25.79 39.39 44.43
N ASP B 1 -6.47 29.52 -11.24
CA ASP B 1 -7.57 28.84 -10.56
C ASP B 1 -8.89 29.38 -11.04
N ILE B 2 -9.82 28.47 -11.32
CA ILE B 2 -11.18 28.88 -11.72
C ILE B 2 -11.93 29.29 -10.46
N LYS B 3 -12.35 30.55 -10.41
CA LYS B 3 -13.10 31.07 -9.28
C LYS B 3 -14.57 30.74 -9.42
N MET B 4 -15.14 30.19 -8.35
CA MET B 4 -16.56 29.86 -8.31
C MET B 4 -17.26 30.83 -7.36
N THR B 5 -18.26 31.54 -7.87
CA THR B 5 -19.00 32.52 -7.08
C THR B 5 -20.45 32.14 -6.93
N GLN B 6 -20.90 31.94 -5.69
CA GLN B 6 -22.29 31.56 -5.46
C GLN B 6 -23.11 32.75 -4.99
N SER B 7 -24.37 32.79 -5.41
CA SER B 7 -25.29 33.85 -5.01
C SER B 7 -26.65 33.24 -4.75
N PRO B 8 -27.36 33.74 -3.72
CA PRO B 8 -26.85 34.69 -2.72
C PRO B 8 -26.04 33.95 -1.65
N SER B 9 -25.48 34.65 -0.67
CA SER B 9 -24.71 34.00 0.41
C SER B 9 -25.64 33.23 1.33
N SER B 10 -26.83 33.77 1.52
CA SER B 10 -27.86 33.13 2.33
C SER B 10 -29.22 33.59 1.83
N MET B 11 -30.27 32.83 2.14
CA MET B 11 -31.62 33.32 1.89
C MET B 11 -32.61 32.57 2.78
N TYR B 12 -33.70 33.24 3.11
CA TYR B 12 -34.78 32.62 3.87
C TYR B 12 -35.85 32.20 2.88
N ALA B 13 -36.48 31.05 3.13
CA ALA B 13 -37.51 30.56 2.21
C ALA B 13 -38.54 29.77 3.01
N SER B 14 -39.76 29.67 2.45
CA SER B 14 -40.86 28.99 3.16
C SER B 14 -41.04 27.58 2.66
N LEU B 15 -41.66 26.72 3.46
CA LEU B 15 -42.00 25.36 3.02
C LEU B 15 -42.89 25.44 1.77
N GLY B 16 -42.57 24.63 0.76
CA GLY B 16 -43.34 24.57 -0.48
C GLY B 16 -42.90 25.60 -1.50
N GLU B 17 -42.07 26.55 -1.06
CA GLU B 17 -41.60 27.60 -1.95
C GLU B 17 -40.63 27.04 -2.99
N ARG B 18 -40.66 27.61 -4.17
CA ARG B 18 -39.71 27.29 -5.22
C ARG B 18 -38.43 28.11 -5.01
N VAL B 19 -37.30 27.43 -4.93
CA VAL B 19 -36.05 28.09 -4.59
C VAL B 19 -34.99 27.86 -5.65
N THR B 20 -34.32 28.92 -6.07
CA THR B 20 -33.25 28.79 -7.05
C THR B 20 -32.01 29.50 -6.57
N ILE B 21 -30.87 28.80 -6.62
CA ILE B 21 -29.61 29.42 -6.26
C ILE B 21 -28.65 29.30 -7.43
N THR B 22 -27.65 30.16 -7.44
CA THR B 22 -26.81 30.38 -8.60
C THR B 22 -25.33 30.19 -8.31
N CYS B 23 -24.57 29.78 -9.33
CA CYS B 23 -23.14 29.58 -9.22
C CYS B 23 -22.54 30.08 -10.54
N LYS B 24 -21.50 30.92 -10.47
CA LYS B 24 -20.83 31.40 -11.66
C LYS B 24 -19.33 31.13 -11.64
N ALA B 25 -18.80 30.59 -12.73
CA ALA B 25 -17.38 30.32 -12.85
C ALA B 25 -16.67 31.46 -13.58
N SER B 26 -15.39 31.63 -13.31
CA SER B 26 -14.65 32.73 -13.92
C SER B 26 -14.34 32.42 -15.39
N GLN B 27 -14.63 31.20 -15.81
CA GLN B 27 -14.51 30.83 -17.21
C GLN B 27 -15.41 29.64 -17.51
N ASP B 28 -15.51 29.28 -18.79
CA ASP B 28 -16.33 28.15 -19.24
C ASP B 28 -15.83 26.84 -18.60
N ILE B 29 -16.74 26.11 -17.95
CA ILE B 29 -16.36 24.84 -17.31
C ILE B 29 -17.10 23.63 -17.91
N ASN B 30 -17.77 23.82 -19.04
CA ASN B 30 -18.26 22.69 -19.86
C ASN B 30 -19.16 21.71 -19.10
N ARG B 31 -20.00 22.25 -18.22
CA ARG B 31 -20.92 21.47 -17.37
C ARG B 31 -20.26 20.45 -16.43
N TYR B 32 -18.95 20.55 -16.20
CA TYR B 32 -18.34 19.73 -15.16
C TYR B 32 -18.55 20.39 -13.78
N LEU B 33 -19.76 20.27 -13.27
CA LEU B 33 -20.14 20.92 -12.02
C LEU B 33 -20.86 19.98 -11.08
N ASN B 34 -20.36 19.87 -9.84
CA ASN B 34 -21.09 19.18 -8.77
C ASN B 34 -21.87 20.18 -7.90
N TRP B 35 -23.01 19.76 -7.36
CA TRP B 35 -23.64 20.47 -6.23
C TRP B 35 -23.66 19.55 -5.01
N PHE B 36 -23.31 20.11 -3.84
CA PHE B 36 -23.35 19.38 -2.56
C PHE B 36 -24.26 20.05 -1.54
N GLN B 37 -24.84 19.23 -0.68
CA GLN B 37 -25.66 19.70 0.43
C GLN B 37 -25.05 19.29 1.77
N GLN B 38 -24.94 20.23 2.70
CA GLN B 38 -24.44 19.90 4.04
C GLN B 38 -25.35 20.44 5.14
N LYS B 39 -25.86 19.53 5.96
CA LYS B 39 -26.68 19.91 7.11
C LYS B 39 -25.77 20.16 8.31
N PRO B 40 -26.25 20.97 9.28
CA PRO B 40 -25.34 21.31 10.38
C PRO B 40 -24.93 20.08 11.16
N GLY B 41 -23.63 19.94 11.41
CA GLY B 41 -23.10 18.79 12.12
C GLY B 41 -22.97 17.52 11.32
N LYS B 42 -23.31 17.56 10.03
CA LYS B 42 -23.25 16.36 9.20
C LYS B 42 -22.19 16.47 8.07
N SER B 43 -21.83 15.33 7.50
CA SER B 43 -20.96 15.33 6.32
C SER B 43 -21.72 15.79 5.07
N PRO B 44 -21.00 16.36 4.09
CA PRO B 44 -21.68 16.75 2.85
C PRO B 44 -22.27 15.54 2.16
N LYS B 45 -23.30 15.79 1.35
CA LYS B 45 -23.88 14.76 0.51
C LYS B 45 -23.97 15.30 -0.91
N THR B 46 -23.61 14.48 -1.91
CA THR B 46 -23.54 14.93 -3.29
C THR B 46 -24.89 14.75 -3.99
N LEU B 47 -25.39 15.82 -4.59
CA LEU B 47 -26.73 15.82 -5.18
C LEU B 47 -26.69 15.73 -6.70
N ILE B 48 -25.77 16.47 -7.30
CA ILE B 48 -25.77 16.69 -8.74
C ILE B 48 -24.38 16.48 -9.31
N TYR B 49 -24.32 15.85 -10.48
CA TYR B 49 -23.10 15.78 -11.25
C TYR B 49 -23.43 16.21 -12.69
N ARG B 50 -22.40 16.59 -13.44
CA ARG B 50 -22.55 17.12 -14.79
C ARG B 50 -23.60 18.21 -14.87
N ALA B 51 -23.62 19.07 -13.86
CA ALA B 51 -24.49 20.26 -13.82
C ALA B 51 -25.99 19.95 -13.73
N ASN B 52 -26.45 18.83 -14.28
CA ASN B 52 -27.89 18.53 -14.30
C ASN B 52 -28.37 17.08 -14.07
N ARG B 53 -27.47 16.18 -13.68
CA ARG B 53 -27.87 14.81 -13.41
C ARG B 53 -27.85 14.53 -11.91
N LEU B 54 -28.91 13.91 -11.41
CA LEU B 54 -29.03 13.57 -10.00
C LEU B 54 -28.33 12.25 -9.69
N LEU B 55 -27.62 12.19 -8.57
CA LEU B 55 -27.10 10.90 -8.10
C LEU B 55 -28.26 10.04 -7.65
N ASP B 56 -28.06 8.73 -7.70
CA ASP B 56 -29.10 7.79 -7.30
C ASP B 56 -29.58 8.10 -5.90
N GLY B 57 -30.90 8.12 -5.71
CA GLY B 57 -31.49 8.36 -4.40
C GLY B 57 -31.83 9.81 -4.09
N VAL B 58 -31.32 10.75 -4.89
CA VAL B 58 -31.64 12.16 -4.68
C VAL B 58 -33.09 12.45 -5.11
N PRO B 59 -33.89 13.08 -4.22
CA PRO B 59 -35.30 13.37 -4.50
C PRO B 59 -35.50 14.21 -5.76
N SER B 60 -36.58 13.95 -6.50
CA SER B 60 -36.77 14.60 -7.80
C SER B 60 -37.16 16.08 -7.68
N ARG B 61 -37.44 16.56 -6.48
CA ARG B 61 -37.69 18.01 -6.35
C ARG B 61 -36.42 18.82 -6.62
N PHE B 62 -35.27 18.14 -6.63
CA PHE B 62 -33.98 18.76 -6.99
C PHE B 62 -33.73 18.69 -8.47
N SER B 63 -33.21 19.77 -9.04
CA SER B 63 -32.78 19.79 -10.43
C SER B 63 -31.67 20.79 -10.64
N GLY B 64 -30.84 20.59 -11.65
CA GLY B 64 -29.81 21.56 -11.95
C GLY B 64 -29.88 22.02 -13.39
N SER B 65 -29.35 23.20 -13.69
CA SER B 65 -29.33 23.67 -15.07
C SER B 65 -28.20 24.64 -15.33
N GLY B 66 -27.99 24.96 -16.59
CA GLY B 66 -26.98 25.92 -16.98
C GLY B 66 -25.88 25.35 -17.85
N SER B 67 -25.06 26.23 -18.40
CA SER B 67 -23.91 25.82 -19.19
C SER B 67 -22.94 26.97 -19.36
N GLY B 68 -21.77 26.69 -19.92
CA GLY B 68 -20.75 27.70 -20.02
C GLY B 68 -20.25 28.12 -18.64
N GLN B 69 -20.56 29.36 -18.26
CA GLN B 69 -20.12 29.92 -16.99
C GLN B 69 -21.23 30.02 -15.97
N ASP B 70 -22.47 29.83 -16.40
CA ASP B 70 -23.61 30.18 -15.55
C ASP B 70 -24.51 29.00 -15.23
N TYR B 71 -24.66 28.71 -13.94
CA TYR B 71 -25.37 27.52 -13.49
C TYR B 71 -26.33 27.83 -12.35
N SER B 72 -27.26 26.92 -12.13
CA SER B 72 -28.22 27.08 -11.05
C SER B 72 -28.67 25.73 -10.48
N LEU B 73 -29.14 25.76 -9.24
CA LEU B 73 -29.76 24.61 -8.61
C LEU B 73 -31.15 25.03 -8.16
N THR B 74 -32.15 24.22 -8.46
CA THR B 74 -33.52 24.55 -8.08
C THR B 74 -34.15 23.46 -7.23
N ILE B 75 -34.84 23.88 -6.18
CA ILE B 75 -35.71 22.99 -5.43
C ILE B 75 -37.15 23.42 -5.74
N SER B 76 -37.88 22.56 -6.44
CA SER B 76 -39.20 22.92 -6.94
C SER B 76 -40.17 23.24 -5.81
N SER B 77 -40.03 22.50 -4.71
CA SER B 77 -40.91 22.62 -3.56
C SER B 77 -40.17 22.31 -2.27
N LEU B 78 -39.81 23.37 -1.54
CA LEU B 78 -38.93 23.24 -0.38
C LEU B 78 -39.56 22.41 0.74
N ASP B 79 -38.80 21.44 1.24
CA ASP B 79 -39.17 20.69 2.43
C ASP B 79 -38.30 21.03 3.63
N TYR B 80 -38.79 20.71 4.82
CA TYR B 80 -38.08 21.02 6.05
C TYR B 80 -36.68 20.40 6.09
N GLU B 81 -36.54 19.18 5.54
CA GLU B 81 -35.25 18.49 5.49
C GLU B 81 -34.24 19.17 4.56
N ASP B 82 -34.68 20.16 3.80
CA ASP B 82 -33.80 20.74 2.81
C ASP B 82 -32.94 21.92 3.32
N MET B 83 -33.15 22.34 4.57
CA MET B 83 -32.36 23.47 5.10
C MET B 83 -30.90 23.04 5.23
N GLY B 84 -29.97 23.97 4.99
CA GLY B 84 -28.56 23.66 5.10
C GLY B 84 -27.72 24.53 4.19
N ILE B 85 -26.48 24.13 3.96
CA ILE B 85 -25.60 24.89 3.09
C ILE B 85 -25.36 24.14 1.79
N TYR B 86 -25.45 24.88 0.68
CA TYR B 86 -25.26 24.30 -0.64
C TYR B 86 -23.96 24.81 -1.24
N TYR B 87 -23.15 23.89 -1.73
CA TYR B 87 -21.85 24.23 -2.30
C TYR B 87 -21.81 23.78 -3.76
N CYS B 88 -21.15 24.55 -4.61
CA CYS B 88 -20.82 24.06 -5.96
C CYS B 88 -19.33 23.80 -6.08
N LEU B 89 -18.96 22.98 -7.07
CA LEU B 89 -17.56 22.73 -7.37
C LEU B 89 -17.33 22.42 -8.85
N GLN B 90 -16.28 23.00 -9.45
CA GLN B 90 -15.88 22.64 -10.81
C GLN B 90 -14.78 21.57 -10.82
N TYR B 91 -14.92 20.62 -11.73
CA TYR B 91 -13.88 19.61 -11.96
C TYR B 91 -13.55 19.54 -13.44
N ASP B 92 -13.66 20.69 -14.11
CA ASP B 92 -13.22 20.82 -15.50
C ASP B 92 -11.69 20.81 -15.55
N GLU B 93 -11.05 21.56 -14.66
CA GLU B 93 -9.59 21.67 -14.60
C GLU B 93 -9.05 21.60 -13.18
N PHE B 94 -7.80 21.16 -13.04
CA PHE B 94 -7.10 21.28 -11.77
C PHE B 94 -6.56 22.71 -11.62
N PRO B 95 -6.52 23.25 -10.38
CA PRO B 95 -7.03 22.63 -9.14
C PRO B 95 -8.55 22.62 -9.06
N LEU B 96 -9.08 21.58 -8.43
CA LEU B 96 -10.52 21.49 -8.17
C LEU B 96 -10.95 22.64 -7.23
N THR B 97 -11.99 23.38 -7.60
CA THR B 97 -12.35 24.55 -6.79
C THR B 97 -13.83 24.63 -6.38
N PHE B 98 -14.06 24.97 -5.11
CA PHE B 98 -15.40 25.11 -4.53
C PHE B 98 -15.87 26.55 -4.53
N GLY B 99 -17.17 26.75 -4.66
CA GLY B 99 -17.80 28.01 -4.28
C GLY B 99 -17.86 28.13 -2.75
N ASP B 100 -18.16 29.33 -2.25
CA ASP B 100 -18.16 29.60 -0.81
C ASP B 100 -19.44 29.16 -0.13
N GLY B 101 -20.44 28.74 -0.91
CA GLY B 101 -21.63 28.17 -0.32
C GLY B 101 -22.81 29.13 -0.22
N THR B 102 -24.01 28.58 -0.33
CA THR B 102 -25.24 29.34 -0.13
C THR B 102 -26.05 28.66 0.95
N LYS B 103 -26.41 29.43 1.97
CA LYS B 103 -27.12 28.87 3.11
C LYS B 103 -28.64 29.09 2.98
N LEU B 104 -29.41 28.00 3.06
CA LEU B 104 -30.87 28.06 2.99
C LEU B 104 -31.48 27.93 4.37
N GLU B 105 -32.26 28.92 4.78
CA GLU B 105 -32.84 28.91 6.12
C GLU B 105 -34.36 29.05 6.07
N LEU B 106 -35.04 28.71 7.16
CA LEU B 106 -36.50 28.71 7.18
C LEU B 106 -37.04 30.12 7.49
N LYS B 107 -37.98 30.58 6.67
CA LYS B 107 -38.60 31.89 6.84
C LYS B 107 -39.66 31.87 7.95
N ARG B 108 -39.72 32.94 8.74
CA ARG B 108 -40.75 33.11 9.77
C ARG B 108 -41.00 34.61 9.93
N THR B 109 -41.87 34.99 10.86
CA THR B 109 -42.11 36.42 11.14
C THR B 109 -40.97 37.08 11.92
N VAL B 110 -40.83 38.40 11.78
CA VAL B 110 -39.84 39.16 12.52
C VAL B 110 -40.04 38.95 14.03
N ALA B 111 -38.93 38.81 14.76
CA ALA B 111 -38.95 38.68 16.23
C ALA B 111 -37.81 39.52 16.77
N ALA B 112 -38.12 40.53 17.57
CA ALA B 112 -37.06 41.36 18.13
C ALA B 112 -36.33 40.60 19.25
N PRO B 113 -35.01 40.84 19.44
CA PRO B 113 -34.29 40.15 20.51
C PRO B 113 -34.61 40.67 21.89
N SER B 114 -34.57 39.81 22.91
CA SER B 114 -34.47 40.28 24.28
C SER B 114 -32.98 40.39 24.60
N VAL B 115 -32.59 41.53 25.18
CA VAL B 115 -31.19 41.86 25.39
C VAL B 115 -30.82 41.83 26.89
N PHE B 116 -29.69 41.20 27.22
CA PHE B 116 -29.20 41.15 28.61
C PHE B 116 -27.71 41.47 28.65
N ILE B 117 -27.24 42.15 29.70
CA ILE B 117 -25.82 42.43 29.85
C ILE B 117 -25.34 41.86 31.20
N PHE B 118 -24.14 41.30 31.20
CA PHE B 118 -23.59 40.63 32.38
C PHE B 118 -22.23 41.19 32.74
N PRO B 119 -22.08 41.72 33.96
CA PRO B 119 -20.75 42.17 34.37
C PRO B 119 -19.83 41.00 34.67
N PRO B 120 -18.52 41.25 34.69
CA PRO B 120 -17.59 40.18 35.05
C PRO B 120 -17.76 39.74 36.51
N SER B 121 -17.47 38.49 36.82
CA SER B 121 -17.53 38.01 38.20
C SER B 121 -16.32 38.49 38.98
N ASP B 122 -16.48 38.57 40.31
CA ASP B 122 -15.35 38.89 41.18
C ASP B 122 -14.27 37.83 41.07
N GLU B 123 -14.69 36.59 40.87
CA GLU B 123 -13.71 35.51 40.73
C GLU B 123 -12.79 35.74 39.53
N GLN B 124 -13.36 36.16 38.40
CA GLN B 124 -12.54 36.40 37.21
C GLN B 124 -11.58 37.57 37.42
N LEU B 125 -12.06 38.59 38.12
CA LEU B 125 -11.26 39.79 38.32
C LEU B 125 -9.98 39.50 39.12
N LYS B 126 -9.92 38.35 39.81
CA LYS B 126 -8.71 37.99 40.56
C LYS B 126 -7.65 37.42 39.63
N SER B 127 -7.97 37.36 38.34
CA SER B 127 -7.03 36.83 37.35
C SER B 127 -6.41 37.91 36.47
N GLY B 128 -6.85 39.16 36.62
CA GLY B 128 -6.27 40.24 35.85
C GLY B 128 -7.03 40.58 34.57
N THR B 129 -8.08 39.84 34.28
CA THR B 129 -8.84 40.04 33.05
C THR B 129 -10.32 40.21 33.39
N ALA B 130 -11.05 41.00 32.59
CA ALA B 130 -12.48 41.18 32.78
C ALA B 130 -13.22 40.90 31.47
N SER B 131 -14.22 40.03 31.51
CA SER B 131 -15.09 39.78 30.36
C SER B 131 -16.49 40.33 30.64
N VAL B 132 -16.99 41.17 29.72
CA VAL B 132 -18.35 41.66 29.79
C VAL B 132 -19.15 40.99 28.69
N VAL B 133 -20.32 40.46 29.01
CA VAL B 133 -21.05 39.67 28.03
C VAL B 133 -22.41 40.27 27.71
N CYS B 134 -22.74 40.30 26.43
CA CYS B 134 -24.05 40.76 25.96
C CYS B 134 -24.78 39.61 25.26
N LEU B 135 -26.01 39.36 25.67
CA LEU B 135 -26.84 38.30 25.10
C LEU B 135 -28.02 38.90 24.29
N LEU B 136 -28.17 38.47 23.05
CA LEU B 136 -29.39 38.75 22.27
C LEU B 136 -30.17 37.46 22.14
N ASN B 137 -31.34 37.40 22.74
CA ASN B 137 -32.05 36.13 22.77
C ASN B 137 -33.25 36.02 21.85
N ASN B 138 -33.30 34.93 21.07
CA ASN B 138 -34.47 34.47 20.28
C ASN B 138 -35.00 35.52 19.30
N PHE B 139 -34.18 35.91 18.35
CA PHE B 139 -34.61 36.93 17.39
C PHE B 139 -34.63 36.41 15.98
N TYR B 140 -35.24 37.18 15.09
CA TYR B 140 -35.31 36.84 13.67
C TYR B 140 -35.64 38.11 12.90
N PRO B 141 -34.94 38.37 11.79
CA PRO B 141 -33.90 37.53 11.19
C PRO B 141 -32.51 37.66 11.82
N ARG B 142 -31.57 36.91 11.31
CA ARG B 142 -30.24 36.86 11.86
C ARG B 142 -29.43 38.13 11.88
N GLU B 143 -29.65 38.99 10.93
CA GLU B 143 -28.83 40.20 10.82
C GLU B 143 -29.05 41.16 12.01
N ALA B 144 -27.96 41.60 12.63
CA ALA B 144 -28.04 42.47 13.81
C ALA B 144 -26.74 43.23 14.00
N LYS B 145 -26.81 44.45 14.54
CA LYS B 145 -25.59 45.18 14.82
C LYS B 145 -25.47 45.34 16.32
N VAL B 146 -24.31 44.97 16.86
CA VAL B 146 -24.05 45.09 18.29
C VAL B 146 -22.84 45.99 18.54
N GLN B 147 -23.03 47.06 19.30
CA GLN B 147 -21.92 47.94 19.65
C GLN B 147 -21.65 48.02 21.16
N TRP B 148 -20.37 48.00 21.52
CA TRP B 148 -19.95 48.18 22.91
C TRP B 148 -19.55 49.65 23.13
N LYS B 149 -20.01 50.21 24.24
CA LYS B 149 -19.62 51.57 24.62
C LYS B 149 -19.16 51.59 26.08
N VAL B 150 -17.99 52.16 26.32
CA VAL B 150 -17.46 52.30 27.68
C VAL B 150 -17.31 53.78 28.01
N ASP B 151 -18.07 54.25 29.01
CA ASP B 151 -18.20 55.68 29.31
C ASP B 151 -18.48 56.41 28.00
N ASN B 152 -19.37 55.79 27.23
CA ASN B 152 -19.89 56.29 25.97
C ASN B 152 -18.90 56.35 24.81
N ALA B 153 -17.72 55.78 24.97
CA ALA B 153 -16.77 55.67 23.84
C ALA B 153 -16.93 54.35 23.10
N LEU B 154 -17.22 54.42 21.80
CA LEU B 154 -17.38 53.24 20.97
C LEU B 154 -16.12 52.39 20.97
N GLN B 155 -16.30 51.10 21.26
CA GLN B 155 -15.18 50.17 21.32
C GLN B 155 -14.93 49.53 19.97
N SER B 156 -13.68 49.17 19.70
CA SER B 156 -13.34 48.50 18.46
C SER B 156 -12.12 47.62 18.63
N GLY B 157 -12.19 46.40 18.11
CA GLY B 157 -11.06 45.49 18.14
C GLY B 157 -10.87 44.67 19.42
N ASN B 158 -11.77 44.81 20.38
CA ASN B 158 -11.65 44.08 21.63
C ASN B 158 -12.90 43.28 22.00
N SER B 159 -13.70 42.91 21.01
CA SER B 159 -14.87 42.05 21.23
C SER B 159 -14.95 40.91 20.22
N GLN B 160 -15.62 39.82 20.60
CA GLN B 160 -15.88 38.72 19.68
C GLN B 160 -17.32 38.27 19.85
N GLU B 161 -17.95 37.77 18.79
CA GLU B 161 -19.33 37.33 18.92
C GLU B 161 -19.54 35.96 18.30
N SER B 162 -20.61 35.31 18.72
CA SER B 162 -20.92 34.00 18.21
C SER B 162 -22.44 33.87 18.14
N VAL B 163 -22.93 33.08 17.18
CA VAL B 163 -24.35 32.98 16.91
C VAL B 163 -24.80 31.53 16.85
N THR B 164 -25.99 31.23 17.39
CA THR B 164 -26.53 29.87 17.29
C THR B 164 -27.05 29.54 15.90
N GLU B 165 -27.29 28.26 15.65
CA GLU B 165 -28.02 27.83 14.44
C GLU B 165 -29.48 28.15 14.65
N GLN B 166 -30.25 28.17 13.57
CA GLN B 166 -31.68 28.43 13.66
C GLN B 166 -32.33 27.39 14.58
N ASP B 167 -33.11 27.86 15.54
CA ASP B 167 -33.74 26.96 16.49
C ASP B 167 -34.75 26.02 15.83
N SER B 168 -34.72 24.73 16.16
CA SER B 168 -35.51 23.75 15.41
C SER B 168 -37.00 23.90 15.67
N LYS B 169 -37.36 24.52 16.79
CA LYS B 169 -38.78 24.64 17.14
C LYS B 169 -39.38 26.07 16.98
N ASP B 170 -38.61 27.15 17.10
CA ASP B 170 -39.21 28.47 16.79
C ASP B 170 -38.48 29.23 15.66
N SER B 171 -37.45 28.62 15.08
CA SER B 171 -36.73 29.21 13.93
C SER B 171 -36.06 30.55 14.24
N THR B 172 -35.72 30.81 15.51
CA THR B 172 -35.03 32.03 15.86
C THR B 172 -33.53 31.79 16.08
N TYR B 173 -32.80 32.88 16.24
CA TYR B 173 -31.37 32.87 16.53
C TYR B 173 -31.11 33.48 17.90
N SER B 174 -29.96 33.17 18.47
CA SER B 174 -29.50 33.91 19.64
C SER B 174 -28.05 34.26 19.39
N LEU B 175 -27.57 35.34 20.01
CA LEU B 175 -26.21 35.81 19.76
C LEU B 175 -25.54 36.20 21.06
N SER B 176 -24.25 35.89 21.16
CA SER B 176 -23.45 36.24 22.33
C SER B 176 -22.30 37.14 21.89
N SER B 177 -22.07 38.22 22.60
CA SER B 177 -20.91 39.07 22.31
C SER B 177 -20.13 39.31 23.61
N THR B 178 -18.81 39.14 23.54
CA THR B 178 -17.95 39.27 24.71
C THR B 178 -16.95 40.40 24.52
N LEU B 179 -17.00 41.38 25.42
CA LEU B 179 -16.01 42.44 25.48
C LEU B 179 -14.94 42.04 26.50
N THR B 180 -13.67 42.04 26.09
CA THR B 180 -12.58 41.62 26.98
C THR B 180 -11.59 42.76 27.24
N LEU B 181 -11.41 43.09 28.52
CA LEU B 181 -10.50 44.15 28.94
C LEU B 181 -9.56 43.64 30.03
N SER B 182 -8.43 44.32 30.22
CA SER B 182 -7.61 44.06 31.39
C SER B 182 -8.33 44.54 32.64
N LYS B 183 -8.03 43.97 33.80
CA LYS B 183 -8.62 44.44 35.04
C LYS B 183 -8.32 45.92 35.26
N ALA B 184 -7.09 46.33 34.93
CA ALA B 184 -6.67 47.72 35.10
C ALA B 184 -7.58 48.66 34.31
N ASP B 185 -7.77 48.37 33.03
CA ASP B 185 -8.68 49.15 32.20
C ASP B 185 -10.13 49.11 32.70
N TYR B 186 -10.61 47.93 33.09
CA TYR B 186 -11.99 47.79 33.58
C TYR B 186 -12.23 48.65 34.81
N GLU B 187 -11.25 48.71 35.69
CA GLU B 187 -11.38 49.46 36.94
C GLU B 187 -11.24 50.97 36.69
N LYS B 188 -10.88 51.35 35.47
CA LYS B 188 -10.62 52.75 35.14
C LYS B 188 -11.85 53.46 34.56
N HIS B 189 -12.96 52.73 34.45
CA HIS B 189 -14.18 53.28 33.84
C HIS B 189 -15.42 52.88 34.61
N LYS B 190 -16.52 53.61 34.40
CA LYS B 190 -17.70 53.37 35.21
C LYS B 190 -18.86 52.70 34.43
N VAL B 191 -19.24 53.30 33.30
CA VAL B 191 -20.43 52.85 32.55
C VAL B 191 -20.11 51.89 31.41
N TYR B 192 -20.66 50.67 31.49
CA TYR B 192 -20.48 49.65 30.46
C TYR B 192 -21.83 49.36 29.79
N ALA B 193 -21.87 49.49 28.46
CA ALA B 193 -23.14 49.39 27.75
C ALA B 193 -23.04 48.61 26.43
N CYS B 194 -24.10 47.87 26.16
CA CYS B 194 -24.23 47.08 24.96
C CYS B 194 -25.42 47.61 24.17
N GLU B 195 -25.20 48.09 22.94
CA GLU B 195 -26.27 48.71 22.15
C GLU B 195 -26.64 47.91 20.89
N VAL B 196 -27.91 47.57 20.76
CA VAL B 196 -28.36 46.61 19.74
C VAL B 196 -29.33 47.23 18.74
N THR B 197 -29.03 47.08 17.45
CA THR B 197 -29.90 47.56 16.37
C THR B 197 -30.39 46.34 15.58
N HIS B 198 -31.70 46.26 15.38
CA HIS B 198 -32.30 45.10 14.76
C HIS B 198 -33.59 45.51 14.07
N GLN B 199 -33.94 44.82 12.99
CA GLN B 199 -35.13 45.11 12.21
C GLN B 199 -36.42 45.11 13.01
N GLY B 200 -36.46 44.31 14.07
CA GLY B 200 -37.67 44.20 14.86
C GLY B 200 -37.81 45.27 15.94
N LEU B 201 -36.79 46.12 16.09
CA LEU B 201 -36.82 47.16 17.12
C LEU B 201 -37.01 48.55 16.46
N SER B 202 -37.81 49.42 17.07
CA SER B 202 -38.10 50.70 16.44
C SER B 202 -37.07 51.76 16.84
N SER B 203 -36.22 51.42 17.80
CA SER B 203 -35.03 52.21 18.16
C SER B 203 -33.98 51.27 18.76
N PRO B 204 -32.69 51.69 18.81
CA PRO B 204 -31.69 50.75 19.35
C PRO B 204 -31.96 50.44 20.82
N VAL B 205 -31.74 49.20 21.24
CA VAL B 205 -31.90 48.84 22.66
C VAL B 205 -30.54 48.84 23.34
N THR B 206 -30.45 49.57 24.45
CA THR B 206 -29.22 49.66 25.20
C THR B 206 -29.40 49.06 26.58
N LYS B 207 -28.56 48.09 26.93
CA LYS B 207 -28.51 47.58 28.28
C LYS B 207 -27.17 47.99 28.87
N SER B 208 -27.18 48.46 30.12
CA SER B 208 -25.94 48.93 30.73
C SER B 208 -25.89 48.62 32.22
N PHE B 209 -24.69 48.73 32.79
CA PHE B 209 -24.50 48.70 34.25
C PHE B 209 -23.36 49.67 34.59
N ASN B 210 -23.29 50.04 35.87
CA ASN B 210 -22.19 50.87 36.40
C ASN B 210 -21.27 50.01 37.25
N ARG B 211 -19.96 50.07 36.99
CA ARG B 211 -19.04 49.25 37.77
C ARG B 211 -19.14 49.63 39.25
N GLY B 212 -19.33 48.61 40.09
CA GLY B 212 -19.41 48.84 41.53
C GLY B 212 -20.84 48.81 42.06
N LYS C 3 -11.53 -44.07 -31.78
CA LYS C 3 -12.66 -43.55 -30.99
C LYS C 3 -13.18 -44.39 -29.83
N LEU C 4 -13.67 -43.63 -28.86
CA LEU C 4 -14.26 -44.12 -27.64
C LEU C 4 -15.59 -43.45 -27.50
N VAL C 5 -16.67 -44.18 -27.82
CA VAL C 5 -18.00 -43.59 -27.87
C VAL C 5 -18.78 -43.97 -26.61
N GLU C 6 -19.06 -42.97 -25.78
CA GLU C 6 -19.66 -43.27 -24.49
C GLU C 6 -21.17 -43.15 -24.57
N SER C 7 -21.85 -43.92 -23.72
CA SER C 7 -23.29 -43.87 -23.65
C SER C 7 -23.78 -44.34 -22.29
N GLY C 8 -25.09 -44.21 -22.09
CA GLY C 8 -25.76 -44.83 -20.98
C GLY C 8 -25.80 -43.89 -19.82
N GLY C 9 -25.83 -42.60 -20.11
CA GLY C 9 -25.81 -41.63 -19.04
C GLY C 9 -27.27 -41.38 -18.81
N ASP C 10 -27.69 -40.56 -17.84
CA ASP C 10 -29.15 -40.27 -17.64
C ASP C 10 -29.42 -39.22 -16.59
N LEU C 11 -30.71 -39.14 -16.27
CA LEU C 11 -31.18 -38.39 -15.17
C LEU C 11 -31.49 -39.56 -14.22
N VAL C 12 -30.90 -39.57 -13.05
CA VAL C 12 -31.10 -40.62 -12.08
C VAL C 12 -31.28 -40.09 -10.66
N LYS C 13 -32.10 -40.73 -9.85
CA LYS C 13 -32.29 -40.27 -8.46
C LYS C 13 -31.16 -40.70 -7.53
N PRO C 14 -30.88 -39.90 -6.49
CA PRO C 14 -29.97 -40.35 -5.44
C PRO C 14 -30.43 -41.72 -4.88
N GLY C 15 -29.49 -42.58 -4.54
CA GLY C 15 -29.82 -43.94 -4.10
C GLY C 15 -30.02 -44.90 -5.26
N GLY C 16 -30.11 -44.35 -6.47
CA GLY C 16 -30.35 -45.14 -7.67
C GLY C 16 -29.05 -45.71 -8.25
N SER C 17 -29.14 -46.24 -9.46
CA SER C 17 -28.00 -46.85 -10.14
C SER C 17 -27.92 -46.52 -11.61
N LEU C 18 -26.70 -46.55 -12.13
CA LEU C 18 -26.49 -46.34 -13.56
C LEU C 18 -25.25 -47.13 -14.01
N LYS C 19 -25.29 -47.67 -15.22
CA LYS C 19 -24.09 -48.32 -15.78
C LYS C 19 -23.70 -47.65 -17.11
N LEU C 20 -22.54 -47.02 -17.12
CA LEU C 20 -22.06 -46.35 -18.33
C LEU C 20 -21.24 -47.34 -19.15
N SER C 21 -21.26 -47.18 -20.47
CA SER C 21 -20.42 -48.01 -21.34
C SER C 21 -19.69 -47.09 -22.34
N CYS C 22 -18.52 -47.54 -22.78
CA CYS C 22 -17.67 -46.79 -23.70
C CYS C 22 -17.09 -47.78 -24.72
N ALA C 23 -17.57 -47.72 -25.96
CA ALA C 23 -17.15 -48.67 -26.99
C ALA C 23 -15.95 -48.17 -27.75
N ALA C 24 -14.92 -49.02 -27.80
CA ALA C 24 -13.66 -48.65 -28.43
C ALA C 24 -13.70 -48.84 -29.94
N SER C 25 -13.08 -47.91 -30.66
CA SER C 25 -12.93 -48.00 -32.10
C SER C 25 -11.62 -47.34 -32.52
N GLY C 26 -10.87 -48.00 -33.40
CA GLY C 26 -9.66 -47.40 -33.95
C GLY C 26 -8.39 -47.61 -33.14
N PHE C 27 -8.43 -48.55 -32.20
CA PHE C 27 -7.22 -48.91 -31.45
C PHE C 27 -7.45 -50.29 -30.87
N THR C 28 -6.38 -50.91 -30.39
CA THR C 28 -6.52 -52.26 -29.84
C THR C 28 -6.80 -52.20 -28.34
N PHE C 29 -8.08 -52.24 -28.01
CA PHE C 29 -8.58 -52.00 -26.65
C PHE C 29 -7.87 -52.78 -25.54
N SER C 30 -7.63 -54.07 -25.78
CA SER C 30 -7.05 -54.92 -24.74
C SER C 30 -5.59 -54.58 -24.39
N SER C 31 -4.96 -53.72 -25.20
CA SER C 31 -3.58 -53.33 -24.94
C SER C 31 -3.41 -52.24 -23.88
N TYR C 32 -4.48 -51.46 -23.61
CA TYR C 32 -4.34 -50.23 -22.80
C TYR C 32 -5.01 -50.29 -21.43
N ALA C 33 -4.45 -49.52 -20.51
CA ALA C 33 -5.15 -49.16 -19.28
C ALA C 33 -6.28 -48.17 -19.62
N MET C 34 -7.45 -48.38 -19.03
CA MET C 34 -8.62 -47.53 -19.31
C MET C 34 -9.11 -46.86 -18.03
N SER C 35 -9.63 -45.64 -18.18
CA SER C 35 -10.03 -44.83 -17.02
C SER C 35 -11.30 -44.05 -17.26
N TRP C 36 -11.91 -43.64 -16.15
CA TRP C 36 -13.03 -42.70 -16.15
C TRP C 36 -12.61 -41.44 -15.38
N VAL C 37 -12.98 -40.28 -15.90
CA VAL C 37 -12.71 -38.97 -15.30
C VAL C 37 -14.00 -38.17 -15.40
N ARG C 38 -14.32 -37.36 -14.39
CA ARG C 38 -15.52 -36.56 -14.48
C ARG C 38 -15.23 -35.08 -14.29
N GLN C 39 -16.10 -34.26 -14.89
CA GLN C 39 -15.97 -32.81 -14.82
C GLN C 39 -17.26 -32.25 -14.23
N ASN C 40 -17.16 -31.61 -13.07
CA ASN C 40 -18.36 -31.20 -12.36
C ASN C 40 -18.86 -29.84 -12.87
N PRO C 41 -20.07 -29.41 -12.45
CA PRO C 41 -20.63 -28.19 -13.05
C PRO C 41 -19.76 -26.93 -12.92
N GLU C 42 -18.79 -26.94 -12.03
CA GLU C 42 -17.86 -25.80 -11.97
C GLU C 42 -16.47 -26.14 -12.53
N LYS C 43 -16.46 -27.00 -13.56
CA LYS C 43 -15.26 -27.32 -14.34
C LYS C 43 -14.02 -27.85 -13.60
N ARG C 44 -14.20 -28.47 -12.44
CA ARG C 44 -13.09 -29.19 -11.84
C ARG C 44 -13.09 -30.59 -12.44
N LEU C 45 -11.90 -31.12 -12.71
CA LEU C 45 -11.73 -32.49 -13.19
C LEU C 45 -11.41 -33.36 -12.02
N GLU C 46 -11.96 -34.57 -11.99
CA GLU C 46 -11.74 -35.48 -10.89
C GLU C 46 -11.59 -36.90 -11.44
N TRP C 47 -10.54 -37.59 -11.04
CA TRP C 47 -10.37 -39.01 -11.41
C TRP C 47 -11.41 -39.87 -10.71
N VAL C 48 -12.04 -40.78 -11.46
CA VAL C 48 -13.13 -41.60 -10.92
C VAL C 48 -12.71 -43.08 -10.73
N ALA C 49 -12.04 -43.66 -11.73
CA ALA C 49 -11.60 -45.07 -11.65
C ALA C 49 -10.64 -45.41 -12.77
N SER C 50 -9.80 -46.42 -12.54
CA SER C 50 -8.90 -46.95 -13.59
C SER C 50 -8.89 -48.48 -13.57
N ILE C 51 -8.58 -49.08 -14.72
CA ILE C 51 -8.46 -50.53 -14.79
C ILE C 51 -7.32 -50.94 -15.73
N SER C 52 -6.44 -51.82 -15.27
CA SER C 52 -5.32 -52.25 -16.12
C SER C 52 -5.82 -53.16 -17.23
N LYS C 53 -4.94 -53.43 -18.19
CA LYS C 53 -5.29 -54.27 -19.32
C LYS C 53 -5.71 -55.66 -18.85
N GLY C 54 -5.12 -56.11 -17.74
CA GLY C 54 -5.43 -57.42 -17.19
C GLY C 54 -6.59 -57.43 -16.20
N GLY C 55 -7.14 -56.25 -15.88
CA GLY C 55 -8.36 -56.17 -15.09
C GLY C 55 -8.23 -55.72 -13.65
N ASN C 56 -7.02 -55.33 -13.24
CA ASN C 56 -6.83 -54.82 -11.89
C ASN C 56 -7.45 -53.43 -11.79
N THR C 57 -8.13 -53.16 -10.68
CA THR C 57 -8.90 -51.93 -10.54
C THR C 57 -8.33 -50.96 -9.51
N TYR C 58 -8.63 -49.68 -9.69
CA TYR C 58 -8.12 -48.63 -8.81
C TYR C 58 -9.20 -47.56 -8.60
N TYR C 59 -9.38 -47.11 -7.36
CA TYR C 59 -10.44 -46.14 -7.05
C TYR C 59 -9.97 -45.10 -6.04
N PRO C 60 -10.54 -43.88 -6.09
CA PRO C 60 -10.41 -42.94 -4.96
C PRO C 60 -11.46 -43.26 -3.89
N ASN C 61 -11.21 -42.80 -2.67
CA ASN C 61 -12.12 -43.05 -1.55
C ASN C 61 -13.55 -42.51 -1.79
N SER C 62 -13.68 -41.45 -2.57
CA SER C 62 -14.99 -40.83 -2.83
C SER C 62 -16.02 -41.76 -3.50
N VAL C 63 -15.56 -42.78 -4.24
CA VAL C 63 -16.50 -43.69 -4.91
C VAL C 63 -16.29 -45.17 -4.56
N LYS C 64 -15.32 -45.44 -3.68
CA LYS C 64 -15.04 -46.83 -3.30
C LYS C 64 -16.22 -47.44 -2.57
N GLY C 65 -16.57 -48.67 -2.94
CA GLY C 65 -17.76 -49.28 -2.40
C GLY C 65 -19.04 -48.91 -3.09
N ARG C 66 -19.00 -47.89 -3.95
CA ARG C 66 -20.20 -47.47 -4.68
C ARG C 66 -20.08 -47.70 -6.20
N PHE C 67 -18.89 -47.47 -6.74
CA PHE C 67 -18.66 -47.61 -8.18
C PHE C 67 -17.81 -48.85 -8.49
N THR C 68 -18.13 -49.52 -9.59
CA THR C 68 -17.31 -50.63 -10.09
C THR C 68 -16.92 -50.41 -11.55
N ILE C 69 -15.62 -50.39 -11.83
CA ILE C 69 -15.14 -50.31 -13.21
C ILE C 69 -14.85 -51.72 -13.73
N SER C 70 -15.22 -51.98 -14.98
CA SER C 70 -14.96 -53.28 -15.57
C SER C 70 -14.75 -53.17 -17.07
N ARG C 71 -14.22 -54.23 -17.67
CA ARG C 71 -13.90 -54.22 -19.09
C ARG C 71 -14.16 -55.58 -19.77
N ASP C 72 -14.55 -55.51 -21.03
CA ASP C 72 -14.74 -56.69 -21.87
C ASP C 72 -13.70 -56.67 -22.99
N ASN C 73 -12.64 -57.43 -22.84
CA ASN C 73 -11.56 -57.38 -23.83
C ASN C 73 -11.85 -58.12 -25.12
N ALA C 74 -12.98 -58.83 -25.18
CA ALA C 74 -13.41 -59.50 -26.40
C ALA C 74 -14.32 -58.62 -27.26
N ARG C 75 -15.25 -57.91 -26.63
CA ARG C 75 -16.15 -56.99 -27.35
C ARG C 75 -15.59 -55.57 -27.33
N ASN C 76 -14.49 -55.38 -26.60
CA ASN C 76 -13.83 -54.07 -26.51
C ASN C 76 -14.73 -52.96 -25.99
N ILE C 77 -15.24 -53.16 -24.78
CA ILE C 77 -16.11 -52.18 -24.13
C ILE C 77 -15.63 -51.95 -22.70
N LEU C 78 -15.62 -50.69 -22.30
CA LEU C 78 -15.33 -50.30 -20.92
C LEU C 78 -16.62 -49.93 -20.21
N TYR C 79 -16.76 -50.33 -18.95
CA TYR C 79 -17.97 -50.06 -18.18
C TYR C 79 -17.68 -49.31 -16.90
N LEU C 80 -18.66 -48.49 -16.46
CA LEU C 80 -18.65 -47.94 -15.11
C LEU C 80 -20.04 -48.18 -14.49
N GLN C 81 -20.10 -49.07 -13.50
CA GLN C 81 -21.35 -49.34 -12.76
C GLN C 81 -21.41 -48.38 -11.58
N MET C 82 -22.41 -47.49 -11.55
CA MET C 82 -22.54 -46.55 -10.45
C MET C 82 -23.76 -46.89 -9.60
N SER C 83 -23.52 -47.15 -8.31
CA SER C 83 -24.58 -47.47 -7.35
C SER C 83 -24.53 -46.53 -6.14
N SER C 84 -25.62 -46.50 -5.36
CA SER C 84 -25.72 -45.63 -4.19
C SER C 84 -25.39 -44.19 -4.61
N LEU C 85 -26.02 -43.75 -5.70
CA LEU C 85 -25.65 -42.46 -6.30
C LEU C 85 -25.97 -41.29 -5.38
N ARG C 86 -25.13 -40.26 -5.44
CA ARG C 86 -25.33 -39.02 -4.69
C ARG C 86 -25.46 -37.82 -5.64
N SER C 87 -26.09 -36.74 -5.17
CA SER C 87 -26.24 -35.56 -6.02
C SER C 87 -24.87 -35.01 -6.41
N GLU C 88 -23.89 -35.17 -5.52
CA GLU C 88 -22.51 -34.76 -5.79
C GLU C 88 -21.83 -35.61 -6.89
N ASP C 89 -22.46 -36.69 -7.35
CA ASP C 89 -21.91 -37.45 -8.47
C ASP C 89 -22.30 -36.86 -9.83
N THR C 90 -23.14 -35.83 -9.82
CA THR C 90 -23.53 -35.11 -11.04
C THR C 90 -22.32 -34.51 -11.76
N ALA C 91 -22.18 -34.82 -13.05
CA ALA C 91 -21.03 -34.35 -13.85
C ALA C 91 -21.06 -34.89 -15.28
N LEU C 92 -20.16 -34.32 -16.09
CA LEU C 92 -19.79 -34.89 -17.36
C LEU C 92 -18.77 -36.00 -17.13
N TYR C 93 -19.02 -37.19 -17.68
CA TYR C 93 -18.12 -38.34 -17.49
C TYR C 93 -17.37 -38.66 -18.79
N TYR C 94 -16.05 -38.74 -18.69
CA TYR C 94 -15.17 -39.05 -19.82
C TYR C 94 -14.53 -40.43 -19.66
N CYS C 95 -14.41 -41.21 -20.72
CA CYS C 95 -13.51 -42.35 -20.65
C CYS C 95 -12.18 -41.93 -21.29
N ALA C 96 -11.09 -42.54 -20.84
CA ALA C 96 -9.77 -42.23 -21.36
C ALA C 96 -8.92 -43.48 -21.43
N ARG C 97 -7.90 -43.47 -22.30
CA ARG C 97 -6.94 -44.57 -22.37
C ARG C 97 -5.49 -44.09 -22.22
N GLY C 98 -4.63 -44.96 -21.70
CA GLY C 98 -3.23 -44.61 -21.53
C GLY C 98 -2.35 -45.82 -21.28
N TRP C 99 -1.08 -45.57 -21.01
CA TRP C 99 -0.09 -46.62 -20.79
C TRP C 99 1.26 -45.98 -20.51
N GLY C 100 2.14 -46.73 -19.86
CA GLY C 100 3.54 -46.34 -19.66
C GLY C 100 3.70 -44.96 -19.06
N ASP C 101 4.72 -44.23 -19.54
CA ASP C 101 5.02 -42.91 -19.00
C ASP C 101 4.10 -41.82 -19.57
N TYR C 102 3.31 -42.14 -20.59
CA TYR C 102 2.25 -41.22 -21.06
C TYR C 102 1.28 -40.86 -19.94
N GLY C 103 1.04 -41.83 -19.06
CA GLY C 103 0.05 -41.69 -18.01
C GLY C 103 -1.28 -42.35 -18.37
N TRP C 104 -2.28 -42.15 -17.50
CA TRP C 104 -3.57 -42.84 -17.63
C TRP C 104 -4.54 -42.18 -18.62
N PHE C 105 -4.28 -40.92 -18.96
CA PHE C 105 -5.22 -40.10 -19.76
C PHE C 105 -4.60 -39.58 -21.04
N ALA C 106 -3.95 -40.44 -21.82
CA ALA C 106 -3.26 -39.99 -23.02
C ALA C 106 -4.26 -39.56 -24.10
N TYR C 107 -5.36 -40.29 -24.21
CA TYR C 107 -6.38 -39.97 -25.21
C TYR C 107 -7.75 -39.99 -24.57
N TRP C 108 -8.56 -38.97 -24.86
CA TRP C 108 -9.85 -38.83 -24.20
C TRP C 108 -10.98 -39.20 -25.13
N GLY C 109 -11.99 -39.88 -24.59
CA GLY C 109 -13.08 -40.38 -25.40
C GLY C 109 -14.32 -39.53 -25.25
N GLN C 110 -15.45 -40.10 -25.63
CA GLN C 110 -16.72 -39.37 -25.62
C GLN C 110 -17.27 -39.16 -24.21
N VAL C 111 -17.92 -38.01 -24.00
CA VAL C 111 -18.65 -37.72 -22.76
C VAL C 111 -20.07 -38.13 -22.75
N THR C 112 -20.57 -38.27 -21.53
CA THR C 112 -21.97 -38.53 -21.28
C THR C 112 -22.32 -37.68 -20.04
N LEU C 113 -23.44 -36.95 -20.12
CA LEU C 113 -23.83 -36.09 -19.00
C LEU C 113 -24.62 -36.97 -18.03
N VAL C 114 -24.24 -36.93 -16.77
CA VAL C 114 -24.98 -37.65 -15.73
C VAL C 114 -25.52 -36.66 -14.69
N THR C 115 -26.84 -36.61 -14.56
CA THR C 115 -27.49 -35.77 -13.55
C THR C 115 -28.11 -36.63 -12.48
N VAL C 116 -27.61 -36.49 -11.26
CA VAL C 116 -28.16 -37.21 -10.13
C VAL C 116 -29.03 -36.24 -9.32
N SER C 117 -30.34 -36.39 -9.45
CA SER C 117 -31.29 -35.50 -8.80
C SER C 117 -32.68 -36.11 -8.62
N ALA C 118 -33.37 -35.66 -7.57
CA ALA C 118 -34.72 -36.13 -7.30
C ALA C 118 -35.76 -35.38 -8.12
N ALA C 119 -35.38 -34.26 -8.73
CA ALA C 119 -36.34 -33.44 -9.48
C ALA C 119 -36.88 -34.24 -10.67
N SER C 120 -38.13 -34.01 -11.03
CA SER C 120 -38.75 -34.68 -12.17
C SER C 120 -38.52 -33.91 -13.45
N THR C 121 -38.48 -34.64 -14.55
CA THR C 121 -38.33 -34.05 -15.87
C THR C 121 -39.47 -33.09 -16.16
N LYS C 122 -39.14 -31.93 -16.73
CA LYS C 122 -40.15 -30.96 -17.08
C LYS C 122 -39.73 -30.15 -18.32
N GLY C 123 -40.63 -30.04 -19.30
CA GLY C 123 -40.35 -29.27 -20.50
C GLY C 123 -40.50 -27.77 -20.27
N PRO C 124 -39.78 -26.97 -21.08
CA PRO C 124 -39.76 -25.53 -20.85
C PRO C 124 -40.96 -24.80 -21.41
N SER C 125 -41.25 -23.63 -20.86
CA SER C 125 -42.09 -22.68 -21.52
C SER C 125 -41.21 -21.74 -22.34
N VAL C 126 -41.70 -21.29 -23.48
CA VAL C 126 -40.88 -20.46 -24.35
C VAL C 126 -41.61 -19.15 -24.59
N PHE C 127 -41.01 -18.05 -24.15
CA PHE C 127 -41.60 -16.74 -24.30
C PHE C 127 -40.75 -15.84 -25.18
N PRO C 128 -41.39 -14.97 -25.96
CA PRO C 128 -40.66 -14.06 -26.85
C PRO C 128 -40.04 -12.89 -26.09
N LEU C 129 -38.81 -12.52 -26.46
CA LEU C 129 -38.24 -11.24 -26.06
C LEU C 129 -38.35 -10.30 -27.28
N ALA C 130 -39.42 -9.50 -27.30
CA ALA C 130 -39.79 -8.74 -28.48
C ALA C 130 -38.94 -7.49 -28.67
N PRO C 131 -38.52 -7.23 -29.93
CA PRO C 131 -37.74 -6.03 -30.28
C PRO C 131 -38.44 -4.73 -29.85
N SER C 132 -37.67 -3.84 -29.22
CA SER C 132 -38.19 -2.62 -28.63
C SER C 132 -38.69 -1.64 -29.68
N SER C 133 -39.75 -0.91 -29.32
CA SER C 133 -40.26 0.20 -30.12
C SER C 133 -39.17 1.17 -30.57
N GLY C 138 -28.60 1.40 -32.01
CA GLY C 138 -28.57 2.44 -33.02
C GLY C 138 -28.56 1.85 -34.42
N GLY C 139 -29.71 1.87 -35.09
CA GLY C 139 -29.85 1.21 -36.37
C GLY C 139 -29.84 -0.30 -36.23
N THR C 140 -29.68 -0.77 -34.99
CA THR C 140 -29.62 -2.21 -34.69
C THR C 140 -30.63 -2.58 -33.61
N ALA C 141 -31.34 -3.69 -33.82
CA ALA C 141 -32.32 -4.14 -32.84
C ALA C 141 -31.91 -5.47 -32.20
N ALA C 142 -32.33 -5.67 -30.95
CA ALA C 142 -32.11 -6.97 -30.30
C ALA C 142 -33.45 -7.64 -30.04
N LEU C 143 -33.48 -8.95 -30.21
CA LEU C 143 -34.68 -9.73 -29.93
C LEU C 143 -34.27 -11.12 -29.45
N GLY C 144 -35.20 -11.88 -28.88
CA GLY C 144 -34.86 -13.21 -28.43
C GLY C 144 -35.96 -14.09 -27.87
N CYS C 145 -35.55 -15.18 -27.22
CA CYS C 145 -36.48 -16.11 -26.56
C CYS C 145 -36.02 -16.40 -25.14
N LEU C 146 -36.97 -16.37 -24.21
CA LEU C 146 -36.73 -16.82 -22.84
C LEU C 146 -37.22 -18.26 -22.67
N VAL C 147 -36.31 -19.17 -22.35
CA VAL C 147 -36.65 -20.58 -22.18
C VAL C 147 -36.69 -20.91 -20.71
N LYS C 148 -37.88 -21.02 -20.14
CA LYS C 148 -38.01 -20.98 -18.68
C LYS C 148 -38.56 -22.26 -18.04
N ASP C 149 -38.01 -22.61 -16.89
CA ASP C 149 -38.56 -23.63 -15.98
C ASP C 149 -38.53 -25.04 -16.57
N TYR C 150 -37.33 -25.55 -16.84
CA TYR C 150 -37.20 -26.90 -17.39
C TYR C 150 -36.22 -27.70 -16.56
N PHE C 151 -36.24 -29.02 -16.73
CA PHE C 151 -35.32 -29.87 -16.01
C PHE C 151 -35.31 -31.27 -16.66
N PRO C 152 -34.13 -31.90 -16.79
CA PRO C 152 -32.80 -31.34 -16.52
C PRO C 152 -32.24 -30.65 -17.76
N GLU C 153 -30.96 -30.30 -17.68
CA GLU C 153 -30.19 -29.87 -18.84
C GLU C 153 -29.99 -31.07 -19.77
N PRO C 154 -29.75 -30.81 -21.06
CA PRO C 154 -29.63 -29.48 -21.68
C PRO C 154 -30.79 -29.11 -22.60
N VAL C 155 -30.82 -27.86 -23.01
CA VAL C 155 -31.66 -27.45 -24.13
C VAL C 155 -30.78 -26.94 -25.25
N THR C 156 -31.29 -27.02 -26.47
CA THR C 156 -30.60 -26.39 -27.60
C THR C 156 -31.50 -25.35 -28.21
N VAL C 157 -30.88 -24.29 -28.71
CA VAL C 157 -31.60 -23.22 -29.38
C VAL C 157 -30.94 -22.91 -30.71
N SER C 158 -31.76 -22.74 -31.75
CA SER C 158 -31.30 -22.24 -33.04
C SER C 158 -32.29 -21.19 -33.52
N TRP C 159 -31.88 -20.39 -34.49
CA TRP C 159 -32.73 -19.35 -35.05
C TRP C 159 -32.97 -19.58 -36.55
N ASN C 160 -34.22 -19.44 -36.98
CA ASN C 160 -34.60 -19.67 -38.37
C ASN C 160 -34.00 -20.96 -38.88
N SER C 161 -34.18 -22.02 -38.09
CA SER C 161 -33.76 -23.36 -38.45
C SER C 161 -32.26 -23.50 -38.78
N GLY C 162 -31.45 -22.57 -38.30
CA GLY C 162 -30.02 -22.65 -38.51
C GLY C 162 -29.49 -21.67 -39.54
N ALA C 163 -30.40 -20.96 -40.20
CA ALA C 163 -30.04 -19.96 -41.19
C ALA C 163 -29.42 -18.71 -40.56
N LEU C 164 -29.81 -18.42 -39.32
CA LEU C 164 -29.34 -17.23 -38.63
C LEU C 164 -28.38 -17.62 -37.53
N THR C 165 -27.11 -17.27 -37.71
CA THR C 165 -26.07 -17.59 -36.74
C THR C 165 -25.27 -16.35 -36.32
N SER C 166 -25.21 -15.37 -37.21
CA SER C 166 -24.47 -14.13 -36.94
C SER C 166 -25.19 -13.27 -35.89
N GLY C 167 -24.44 -12.88 -34.86
CA GLY C 167 -24.99 -12.03 -33.81
C GLY C 167 -25.85 -12.77 -32.78
N VAL C 168 -25.85 -14.10 -32.83
CA VAL C 168 -26.59 -14.89 -31.86
C VAL C 168 -25.77 -15.09 -30.59
N HIS C 169 -26.39 -14.87 -29.43
CA HIS C 169 -25.77 -15.26 -28.17
C HIS C 169 -26.77 -16.11 -27.38
N THR C 170 -26.38 -17.36 -27.10
CA THR C 170 -27.20 -18.21 -26.25
C THR C 170 -26.47 -18.39 -24.92
N PHE C 171 -27.11 -17.94 -23.84
CA PHE C 171 -26.45 -17.87 -22.54
C PHE C 171 -26.46 -19.20 -21.78
N PRO C 172 -25.49 -19.38 -20.88
CA PRO C 172 -25.56 -20.50 -19.94
C PRO C 172 -26.86 -20.47 -19.17
N ALA C 173 -27.47 -21.63 -18.92
CA ALA C 173 -28.68 -21.64 -18.10
C ALA C 173 -28.32 -21.28 -16.65
N VAL C 174 -29.26 -20.72 -15.91
CA VAL C 174 -29.09 -20.58 -14.45
C VAL C 174 -30.13 -21.45 -13.78
N LEU C 175 -29.75 -21.99 -12.63
CA LEU C 175 -30.65 -22.78 -11.80
C LEU C 175 -31.41 -21.85 -10.87
N GLN C 176 -32.72 -21.80 -11.02
CA GLN C 176 -33.50 -20.89 -10.19
C GLN C 176 -33.64 -21.46 -8.78
N SER C 177 -34.06 -20.60 -7.84
CA SER C 177 -34.22 -21.03 -6.45
C SER C 177 -35.34 -22.08 -6.33
N SER C 178 -36.21 -22.13 -7.33
CA SER C 178 -37.23 -23.17 -7.46
C SER C 178 -36.70 -24.57 -7.82
N GLY C 179 -35.42 -24.64 -8.20
CA GLY C 179 -34.81 -25.89 -8.67
C GLY C 179 -34.96 -26.19 -10.16
N LEU C 180 -35.60 -25.31 -10.90
CA LEU C 180 -35.74 -25.46 -12.35
C LEU C 180 -34.82 -24.49 -13.12
N TYR C 181 -34.43 -24.87 -14.33
CA TYR C 181 -33.51 -24.06 -15.13
C TYR C 181 -34.21 -23.01 -15.97
N SER C 182 -33.45 -21.99 -16.33
CA SER C 182 -33.92 -20.93 -17.20
C SER C 182 -32.75 -20.45 -18.07
N LEU C 183 -33.03 -20.20 -19.34
CA LEU C 183 -32.01 -19.81 -20.29
C LEU C 183 -32.61 -18.78 -21.24
N SER C 184 -31.78 -17.85 -21.73
CA SER C 184 -32.21 -16.95 -22.79
C SER C 184 -31.28 -17.05 -24.00
N SER C 185 -31.82 -16.75 -25.16
CA SER C 185 -31.04 -16.69 -26.39
C SER C 185 -31.43 -15.40 -27.08
N VAL C 186 -30.45 -14.63 -27.54
CA VAL C 186 -30.75 -13.36 -28.20
C VAL C 186 -30.03 -13.24 -29.53
N VAL C 187 -30.50 -12.34 -30.38
CA VAL C 187 -29.79 -12.03 -31.61
C VAL C 187 -29.98 -10.56 -31.93
N THR C 188 -28.94 -9.94 -32.47
CA THR C 188 -29.04 -8.56 -32.92
C THR C 188 -29.15 -8.53 -34.43
N VAL C 189 -30.08 -7.71 -34.94
CA VAL C 189 -30.37 -7.63 -36.36
C VAL C 189 -30.59 -6.17 -36.74
N PRO C 190 -30.50 -5.84 -38.05
CA PRO C 190 -30.82 -4.49 -38.51
C PRO C 190 -32.24 -4.06 -38.19
N SER C 191 -32.40 -2.85 -37.66
CA SER C 191 -33.72 -2.30 -37.37
C SER C 191 -34.64 -2.34 -38.60
N SER C 192 -34.07 -1.97 -39.75
CA SER C 192 -34.75 -2.03 -41.04
C SER C 192 -35.49 -3.33 -41.31
N SER C 193 -34.90 -4.44 -40.90
CA SER C 193 -35.39 -5.76 -41.28
C SER C 193 -36.53 -6.29 -40.41
N LEU C 194 -36.93 -5.50 -39.41
CA LEU C 194 -37.97 -5.97 -38.49
C LEU C 194 -39.33 -6.18 -39.16
N GLY C 195 -39.59 -5.43 -40.23
CA GLY C 195 -40.83 -5.58 -40.97
C GLY C 195 -40.79 -6.70 -41.99
N THR C 196 -39.68 -6.82 -42.70
CA THR C 196 -39.59 -7.71 -43.85
C THR C 196 -39.12 -9.13 -43.55
N GLN C 197 -38.56 -9.36 -42.38
CA GLN C 197 -37.98 -10.66 -42.08
C GLN C 197 -38.62 -11.35 -40.88
N THR C 198 -38.64 -12.68 -40.91
CA THR C 198 -39.30 -13.46 -39.91
C THR C 198 -38.28 -14.12 -39.01
N TYR C 199 -38.40 -13.88 -37.73
CA TYR C 199 -37.43 -14.41 -36.78
C TYR C 199 -38.12 -15.43 -35.89
N ILE C 200 -37.65 -16.66 -35.97
CA ILE C 200 -38.22 -17.76 -35.20
C ILE C 200 -37.11 -18.48 -34.46
N CYS C 201 -37.31 -18.67 -33.15
CA CYS C 201 -36.36 -19.44 -32.35
C CYS C 201 -36.84 -20.88 -32.22
N ASN C 202 -35.92 -21.81 -32.45
CA ASN C 202 -36.26 -23.22 -32.40
C ASN C 202 -35.65 -23.79 -31.14
N VAL C 203 -36.51 -24.17 -30.19
CA VAL C 203 -36.06 -24.71 -28.91
C VAL C 203 -36.25 -26.21 -28.85
N ASN C 204 -35.20 -26.93 -28.46
CA ASN C 204 -35.27 -28.37 -28.31
C ASN C 204 -34.82 -28.88 -26.93
N HIS C 205 -35.73 -29.55 -26.24
CA HIS C 205 -35.42 -30.17 -24.96
C HIS C 205 -35.62 -31.68 -25.03
N LYS C 206 -34.57 -32.41 -25.41
CA LYS C 206 -34.69 -33.86 -25.58
C LYS C 206 -35.10 -34.62 -24.32
N PRO C 207 -34.58 -34.27 -23.12
CA PRO C 207 -35.03 -35.04 -21.96
C PRO C 207 -36.56 -35.12 -21.77
N SER C 208 -37.30 -34.17 -22.32
CA SER C 208 -38.76 -34.17 -22.18
C SER C 208 -39.47 -34.34 -23.52
N ASN C 209 -38.71 -34.56 -24.58
CA ASN C 209 -39.23 -34.67 -25.93
C ASN C 209 -40.10 -33.47 -26.29
N THR C 210 -39.59 -32.29 -26.04
CA THR C 210 -40.33 -31.06 -26.33
C THR C 210 -39.58 -30.29 -27.40
N LYS C 211 -40.30 -29.94 -28.46
CA LYS C 211 -39.77 -29.15 -29.57
C LYS C 211 -40.69 -27.95 -29.74
N VAL C 212 -40.17 -26.74 -29.58
CA VAL C 212 -41.00 -25.55 -29.74
C VAL C 212 -40.38 -24.61 -30.75
N ASP C 213 -41.21 -24.03 -31.60
CA ASP C 213 -40.76 -22.95 -32.47
C ASP C 213 -41.57 -21.75 -32.08
N LYS C 214 -40.90 -20.65 -31.78
CA LYS C 214 -41.60 -19.46 -31.35
C LYS C 214 -41.25 -18.32 -32.27
N LYS C 215 -42.27 -17.64 -32.76
CA LYS C 215 -42.03 -16.54 -33.66
C LYS C 215 -41.98 -15.28 -32.82
N VAL C 216 -40.92 -14.50 -32.99
CA VAL C 216 -40.68 -13.33 -32.17
C VAL C 216 -40.97 -12.10 -33.00
N GLU C 217 -41.97 -11.32 -32.60
CA GLU C 217 -42.41 -10.20 -33.41
C GLU C 217 -42.63 -8.95 -32.57
N PRO C 218 -42.46 -7.77 -33.18
CA PRO C 218 -42.72 -6.49 -32.51
C PRO C 218 -44.18 -6.30 -32.14
N LYS C 219 -44.50 -6.09 -30.86
CA LYS C 219 -45.86 -5.65 -30.49
C LYS C 219 -46.17 -4.37 -31.28
N ASP D 1 -3.63 -37.33 -0.01
CA ASP D 1 -3.80 -36.87 -1.38
C ASP D 1 -2.83 -35.75 -1.66
N ILE D 2 -2.13 -35.83 -2.79
CA ILE D 2 -1.22 -34.76 -3.17
C ILE D 2 -1.98 -33.59 -3.79
N LYS D 3 -1.87 -32.42 -3.18
CA LYS D 3 -2.54 -31.21 -3.68
C LYS D 3 -1.75 -30.54 -4.81
N MET D 4 -2.43 -30.25 -5.92
CA MET D 4 -1.83 -29.55 -7.05
C MET D 4 -2.34 -28.12 -7.12
N THR D 5 -1.44 -27.15 -7.11
CA THR D 5 -1.84 -25.75 -7.13
C THR D 5 -1.31 -25.05 -8.38
N GLN D 6 -2.22 -24.50 -9.18
CA GLN D 6 -1.86 -23.82 -10.42
C GLN D 6 -1.94 -22.29 -10.32
N SER D 7 -1.04 -21.58 -11.01
CA SER D 7 -1.06 -20.12 -11.06
C SER D 7 -0.73 -19.64 -12.46
N PRO D 8 -1.37 -18.53 -12.92
CA PRO D 8 -2.46 -17.82 -12.25
C PRO D 8 -3.80 -18.51 -12.51
N SER D 9 -4.89 -18.00 -11.95
CA SER D 9 -6.21 -18.58 -12.20
C SER D 9 -6.67 -18.28 -13.62
N SER D 10 -6.31 -17.09 -14.10
CA SER D 10 -6.64 -16.69 -15.46
C SER D 10 -5.63 -15.67 -15.95
N MET D 11 -5.51 -15.51 -17.26
CA MET D 11 -4.72 -14.40 -17.79
C MET D 11 -5.10 -14.08 -19.22
N TYR D 12 -4.94 -12.81 -19.58
CA TYR D 12 -5.14 -12.34 -20.94
C TYR D 12 -3.80 -12.22 -21.63
N ALA D 13 -3.77 -12.49 -22.92
CA ALA D 13 -2.54 -12.40 -23.70
C ALA D 13 -2.85 -12.06 -25.13
N SER D 14 -1.84 -11.58 -25.84
CA SER D 14 -1.94 -11.20 -27.24
C SER D 14 -1.31 -12.21 -28.19
N LEU D 15 -1.68 -12.15 -29.47
CA LEU D 15 -1.06 -12.97 -30.50
C LEU D 15 0.46 -12.79 -30.47
N GLY D 16 1.21 -13.88 -30.53
CA GLY D 16 2.66 -13.80 -30.55
C GLY D 16 3.32 -13.69 -29.19
N GLU D 17 2.53 -13.52 -28.14
CA GLU D 17 3.08 -13.34 -26.79
C GLU D 17 3.63 -14.64 -26.18
N ARG D 18 4.70 -14.51 -25.40
CA ARG D 18 5.25 -15.64 -24.68
C ARG D 18 4.50 -15.84 -23.37
N VAL D 19 3.94 -17.03 -23.14
CA VAL D 19 3.11 -17.26 -21.95
C VAL D 19 3.63 -18.42 -21.11
N THR D 20 3.74 -18.23 -19.80
CA THR D 20 4.19 -19.30 -18.92
C THR D 20 3.23 -19.47 -17.77
N ILE D 21 2.80 -20.69 -17.52
CA ILE D 21 1.96 -20.96 -16.35
C ILE D 21 2.61 -21.98 -15.45
N THR D 22 2.17 -21.99 -14.19
CA THR D 22 2.86 -22.69 -13.13
C THR D 22 1.95 -23.71 -12.43
N CYS D 23 2.55 -24.78 -11.93
CA CYS D 23 1.82 -25.83 -11.19
C CYS D 23 2.74 -26.24 -10.05
N LYS D 24 2.23 -26.26 -8.81
CA LYS D 24 3.06 -26.71 -7.69
C LYS D 24 2.38 -27.83 -6.91
N ALA D 25 3.13 -28.91 -6.65
CA ALA D 25 2.65 -30.05 -5.89
C ALA D 25 3.05 -29.98 -4.40
N SER D 26 2.23 -30.60 -3.55
CA SER D 26 2.43 -30.60 -2.11
C SER D 26 3.55 -31.54 -1.63
N GLN D 27 4.08 -32.36 -2.53
CA GLN D 27 5.27 -33.15 -2.22
C GLN D 27 5.97 -33.48 -3.54
N ASP D 28 7.18 -34.05 -3.46
CA ASP D 28 7.93 -34.42 -4.67
C ASP D 28 7.14 -35.47 -5.45
N ILE D 29 6.89 -35.23 -6.74
CA ILE D 29 6.12 -36.19 -7.54
C ILE D 29 6.92 -36.83 -8.65
N ASN D 30 8.24 -36.66 -8.59
CA ASN D 30 9.16 -37.39 -9.46
C ASN D 30 8.87 -37.17 -10.94
N ARG D 31 8.47 -35.94 -11.27
CA ARG D 31 8.19 -35.53 -12.66
C ARG D 31 7.06 -36.32 -13.36
N TYR D 32 6.25 -37.06 -12.61
CA TYR D 32 5.06 -37.67 -13.20
C TYR D 32 3.94 -36.64 -13.27
N LEU D 33 4.05 -35.76 -14.24
CA LEU D 33 3.08 -34.67 -14.42
C LEU D 33 2.60 -34.61 -15.86
N ASN D 34 1.26 -34.61 -16.03
CA ASN D 34 0.61 -34.35 -17.33
C ASN D 34 0.15 -32.89 -17.41
N TRP D 35 0.13 -32.31 -18.61
CA TRP D 35 -0.61 -31.07 -18.90
C TRP D 35 -1.68 -31.34 -19.96
N PHE D 36 -2.88 -30.79 -19.74
CA PHE D 36 -3.98 -30.90 -20.69
C PHE D 36 -4.48 -29.53 -21.13
N GLN D 37 -5.00 -29.47 -22.35
CA GLN D 37 -5.64 -28.26 -22.89
C GLN D 37 -7.12 -28.55 -23.13
N GLN D 38 -8.03 -27.69 -22.68
CA GLN D 38 -9.44 -27.90 -23.01
C GLN D 38 -10.03 -26.63 -23.57
N LYS D 39 -10.50 -26.71 -24.80
CA LYS D 39 -11.16 -25.59 -25.47
C LYS D 39 -12.65 -25.61 -25.15
N PRO D 40 -13.34 -24.45 -25.26
CA PRO D 40 -14.72 -24.42 -24.81
C PRO D 40 -15.61 -25.37 -25.60
N GLY D 41 -16.41 -26.16 -24.90
CA GLY D 41 -17.29 -27.13 -25.52
C GLY D 41 -16.63 -28.41 -26.03
N LYS D 42 -15.32 -28.53 -25.82
CA LYS D 42 -14.59 -29.73 -26.26
C LYS D 42 -14.06 -30.55 -25.09
N SER D 43 -13.68 -31.78 -25.40
CA SER D 43 -12.98 -32.67 -24.49
C SER D 43 -11.54 -32.21 -24.32
N PRO D 44 -10.93 -32.52 -23.16
CA PRO D 44 -9.52 -32.19 -22.98
C PRO D 44 -8.66 -32.93 -23.99
N LYS D 45 -7.51 -32.34 -24.26
CA LYS D 45 -6.49 -32.97 -25.08
C LYS D 45 -5.14 -32.92 -24.35
N THR D 46 -4.41 -34.02 -24.39
CA THR D 46 -3.17 -34.16 -23.62
C THR D 46 -1.99 -33.61 -24.40
N LEU D 47 -1.24 -32.72 -23.78
CA LEU D 47 -0.13 -32.05 -24.47
C LEU D 47 1.24 -32.59 -24.06
N ILE D 48 1.37 -32.85 -22.77
CA ILE D 48 2.65 -33.15 -22.11
C ILE D 48 2.58 -34.36 -21.22
N TYR D 49 3.61 -35.21 -21.25
CA TYR D 49 3.75 -36.26 -20.24
C TYR D 49 5.15 -36.27 -19.61
N ARG D 50 5.26 -36.87 -18.43
CA ARG D 50 6.51 -36.82 -17.66
C ARG D 50 7.14 -35.42 -17.64
N ALA D 51 6.28 -34.44 -17.38
CA ALA D 51 6.64 -33.04 -17.17
C ALA D 51 7.20 -32.29 -18.36
N ASN D 52 7.95 -32.96 -19.25
CA ASN D 52 8.57 -32.21 -20.35
C ASN D 52 8.56 -32.86 -21.74
N ARG D 53 7.80 -33.94 -21.90
CA ARG D 53 7.72 -34.59 -23.20
C ARG D 53 6.39 -34.28 -23.90
N LEU D 54 6.46 -33.90 -25.17
CA LEU D 54 5.30 -33.63 -26.01
C LEU D 54 4.71 -34.92 -26.61
N LEU D 55 3.39 -35.05 -26.60
CA LEU D 55 2.74 -36.16 -27.32
C LEU D 55 2.85 -35.89 -28.81
N ASP D 56 2.74 -36.95 -29.63
CA ASP D 56 2.80 -36.81 -31.09
C ASP D 56 1.77 -35.81 -31.58
N GLY D 57 2.18 -34.93 -32.48
CA GLY D 57 1.24 -33.98 -33.08
C GLY D 57 1.09 -32.64 -32.36
N VAL D 58 1.56 -32.55 -31.13
CA VAL D 58 1.52 -31.30 -30.38
C VAL D 58 2.56 -30.32 -30.93
N PRO D 59 2.14 -29.07 -31.25
CA PRO D 59 3.01 -28.05 -31.86
C PRO D 59 4.22 -27.75 -30.99
N SER D 60 5.38 -27.48 -31.60
CA SER D 60 6.60 -27.33 -30.81
C SER D 60 6.69 -25.98 -30.10
N ARG D 61 5.74 -25.08 -30.33
CA ARG D 61 5.71 -23.85 -29.55
C ARG D 61 5.37 -24.16 -28.08
N PHE D 62 4.87 -25.36 -27.80
CA PHE D 62 4.66 -25.82 -26.42
C PHE D 62 5.90 -26.47 -25.81
N SER D 63 6.15 -26.19 -24.54
CA SER D 63 7.19 -26.90 -23.78
C SER D 63 6.80 -26.95 -22.32
N GLY D 64 7.33 -27.94 -21.60
CA GLY D 64 7.10 -28.05 -20.17
C GLY D 64 8.43 -28.22 -19.47
N SER D 65 8.49 -27.87 -18.18
CA SER D 65 9.72 -28.12 -17.43
C SER D 65 9.44 -28.23 -15.94
N GLY D 66 10.47 -28.64 -15.19
CA GLY D 66 10.39 -28.72 -13.75
C GLY D 66 10.64 -30.11 -13.18
N SER D 67 10.84 -30.14 -11.87
CA SER D 67 11.05 -31.36 -11.11
C SER D 67 10.85 -31.06 -9.64
N GLY D 68 10.89 -32.10 -8.82
CA GLY D 68 10.59 -31.95 -7.41
C GLY D 68 9.13 -31.61 -7.28
N GLN D 69 8.85 -30.39 -6.79
CA GLN D 69 7.47 -29.93 -6.56
C GLN D 69 6.99 -28.88 -7.56
N ASP D 70 7.90 -28.29 -8.33
CA ASP D 70 7.59 -27.08 -9.07
C ASP D 70 7.69 -27.23 -10.59
N TYR D 71 6.60 -26.97 -11.28
CA TYR D 71 6.53 -27.23 -12.71
C TYR D 71 5.94 -26.07 -13.49
N SER D 72 6.18 -26.07 -14.80
CA SER D 72 5.64 -25.03 -15.64
C SER D 72 5.39 -25.50 -17.07
N LEU D 73 4.46 -24.82 -17.72
CA LEU D 73 4.18 -25.01 -19.13
C LEU D 73 4.36 -23.66 -19.80
N THR D 74 5.09 -23.64 -20.91
CA THR D 74 5.32 -22.40 -21.65
C THR D 74 4.86 -22.49 -23.10
N ILE D 75 4.21 -21.44 -23.58
CA ILE D 75 3.95 -21.27 -25.01
C ILE D 75 4.84 -20.16 -25.55
N SER D 76 5.77 -20.52 -26.43
CA SER D 76 6.80 -19.59 -26.89
C SER D 76 6.25 -18.36 -27.61
N SER D 77 5.21 -18.57 -28.41
CA SER D 77 4.62 -17.53 -29.23
C SER D 77 3.13 -17.88 -29.44
N LEU D 78 2.24 -17.19 -28.73
CA LEU D 78 0.82 -17.55 -28.66
C LEU D 78 0.07 -17.48 -30.00
N ASP D 79 -0.71 -18.52 -30.29
CA ASP D 79 -1.64 -18.52 -31.43
C ASP D 79 -3.08 -18.37 -30.93
N TYR D 80 -3.97 -17.91 -31.81
CA TYR D 80 -5.37 -17.76 -31.45
C TYR D 80 -6.01 -19.09 -30.97
N GLU D 81 -5.63 -20.21 -31.60
CA GLU D 81 -6.18 -21.51 -31.23
C GLU D 81 -5.72 -22.01 -29.85
N ASP D 82 -4.80 -21.29 -29.21
CA ASP D 82 -4.28 -21.73 -27.91
C ASP D 82 -5.15 -21.29 -26.73
N MET D 83 -6.18 -20.50 -26.99
CA MET D 83 -7.06 -20.09 -25.90
C MET D 83 -7.81 -21.30 -25.34
N GLY D 84 -8.02 -21.31 -24.03
CA GLY D 84 -8.74 -22.38 -23.37
C GLY D 84 -8.27 -22.51 -21.92
N ILE D 85 -8.61 -23.62 -21.29
CA ILE D 85 -8.20 -23.86 -19.91
C ILE D 85 -7.13 -24.96 -19.89
N TYR D 86 -6.07 -24.71 -19.12
CA TYR D 86 -4.96 -25.65 -18.98
C TYR D 86 -4.98 -26.25 -17.60
N TYR D 87 -4.88 -27.58 -17.54
CA TYR D 87 -4.87 -28.36 -16.30
C TYR D 87 -3.61 -29.16 -16.16
N CYS D 88 -3.08 -29.29 -14.93
CA CYS D 88 -1.99 -30.24 -14.65
C CYS D 88 -2.53 -31.41 -13.86
N LEU D 89 -1.79 -32.52 -13.86
CA LEU D 89 -2.18 -33.66 -13.06
C LEU D 89 -0.96 -34.49 -12.66
N GLN D 90 -0.88 -34.90 -11.39
CA GLN D 90 0.18 -35.82 -10.95
C GLN D 90 -0.29 -37.28 -11.01
N TYR D 91 0.59 -38.15 -11.48
CA TYR D 91 0.32 -39.58 -11.48
C TYR D 91 1.49 -40.36 -10.85
N ASP D 92 2.17 -39.72 -9.90
CA ASP D 92 3.15 -40.39 -9.05
C ASP D 92 2.52 -41.36 -8.06
N GLU D 93 1.45 -40.94 -7.40
CA GLU D 93 0.76 -41.76 -6.39
C GLU D 93 -0.75 -41.69 -6.54
N PHE D 94 -1.45 -42.76 -6.15
CA PHE D 94 -2.90 -42.72 -6.01
C PHE D 94 -3.27 -42.01 -4.71
N PRO D 95 -4.38 -41.25 -4.70
CA PRO D 95 -5.24 -40.98 -5.86
C PRO D 95 -4.63 -39.99 -6.86
N LEU D 96 -4.94 -40.17 -8.15
CA LEU D 96 -4.54 -39.25 -9.21
C LEU D 96 -5.25 -37.93 -8.95
N THR D 97 -4.50 -36.83 -8.94
CA THR D 97 -5.12 -35.54 -8.60
C THR D 97 -4.83 -34.42 -9.59
N PHE D 98 -5.88 -33.65 -9.92
CA PHE D 98 -5.80 -32.51 -10.84
C PHE D 98 -5.59 -31.14 -10.15
N GLY D 99 -4.90 -30.25 -10.85
CA GLY D 99 -4.98 -28.82 -10.51
C GLY D 99 -6.34 -28.26 -10.95
N ASP D 100 -6.65 -27.07 -10.43
CA ASP D 100 -7.95 -26.44 -10.67
C ASP D 100 -8.04 -25.71 -12.00
N GLY D 101 -6.91 -25.57 -12.70
CA GLY D 101 -6.93 -25.01 -14.04
C GLY D 101 -6.50 -23.55 -14.17
N THR D 102 -5.94 -23.21 -15.32
CA THR D 102 -5.59 -21.83 -15.65
C THR D 102 -6.30 -21.44 -16.95
N LYS D 103 -7.08 -20.36 -16.93
CA LYS D 103 -7.82 -19.96 -18.11
C LYS D 103 -7.06 -18.91 -18.93
N LEU D 104 -6.78 -19.24 -20.19
CA LEU D 104 -6.06 -18.34 -21.07
C LEU D 104 -7.04 -17.70 -22.06
N GLU D 105 -7.14 -16.37 -22.03
CA GLU D 105 -8.05 -15.61 -22.89
C GLU D 105 -7.30 -14.53 -23.67
N LEU D 106 -7.94 -13.98 -24.70
CA LEU D 106 -7.35 -13.03 -25.64
C LEU D 106 -7.55 -11.57 -25.19
N LYS D 107 -6.48 -10.78 -25.21
CA LYS D 107 -6.53 -9.36 -24.83
C LYS D 107 -7.04 -8.50 -26.00
N ARG D 108 -7.87 -7.49 -25.69
CA ARG D 108 -8.29 -6.53 -26.68
C ARG D 108 -8.56 -5.20 -25.99
N THR D 109 -9.01 -4.20 -26.74
CA THR D 109 -9.33 -2.90 -26.15
C THR D 109 -10.60 -2.95 -25.31
N VAL D 110 -10.70 -2.04 -24.35
CA VAL D 110 -11.92 -1.89 -23.56
C VAL D 110 -13.08 -1.56 -24.49
N ALA D 111 -14.23 -2.18 -24.26
CA ALA D 111 -15.43 -1.96 -25.07
C ALA D 111 -16.64 -1.90 -24.16
N ALA D 112 -17.37 -0.78 -24.18
CA ALA D 112 -18.56 -0.63 -23.36
C ALA D 112 -19.71 -1.45 -23.91
N PRO D 113 -20.61 -1.94 -23.04
CA PRO D 113 -21.77 -2.72 -23.51
C PRO D 113 -22.87 -1.86 -24.16
N SER D 114 -23.57 -2.44 -25.14
CA SER D 114 -24.85 -1.90 -25.58
C SER D 114 -25.93 -2.53 -24.71
N VAL D 115 -26.82 -1.72 -24.15
CA VAL D 115 -27.79 -2.22 -23.20
C VAL D 115 -29.20 -2.21 -23.80
N PHE D 116 -29.92 -3.31 -23.61
CA PHE D 116 -31.30 -3.50 -24.08
C PHE D 116 -32.18 -4.03 -22.96
N ILE D 117 -33.43 -3.61 -22.91
CA ILE D 117 -34.34 -4.15 -21.89
C ILE D 117 -35.60 -4.71 -22.55
N PHE D 118 -36.11 -5.81 -21.99
CA PHE D 118 -37.27 -6.52 -22.52
C PHE D 118 -38.33 -6.70 -21.45
N PRO D 119 -39.53 -6.18 -21.69
CA PRO D 119 -40.65 -6.41 -20.76
C PRO D 119 -41.17 -7.86 -20.86
N PRO D 120 -41.94 -8.30 -19.85
CA PRO D 120 -42.51 -9.65 -19.94
C PRO D 120 -43.52 -9.76 -21.08
N SER D 121 -43.68 -10.94 -21.65
CA SER D 121 -44.69 -11.16 -22.68
C SER D 121 -46.07 -11.32 -22.05
N ASP D 122 -47.12 -11.01 -22.80
CA ASP D 122 -48.48 -11.22 -22.29
C ASP D 122 -48.72 -12.70 -21.99
N GLU D 123 -48.09 -13.58 -22.78
CA GLU D 123 -48.24 -15.02 -22.57
C GLU D 123 -47.74 -15.45 -21.19
N GLN D 124 -46.59 -14.94 -20.77
CA GLN D 124 -46.08 -15.33 -19.46
C GLN D 124 -46.97 -14.77 -18.37
N LEU D 125 -47.51 -13.58 -18.60
CA LEU D 125 -48.35 -12.93 -17.60
C LEU D 125 -49.62 -13.74 -17.33
N LYS D 126 -49.98 -14.64 -18.25
CA LYS D 126 -51.16 -15.48 -18.10
C LYS D 126 -50.87 -16.67 -17.18
N SER D 127 -49.64 -16.76 -16.71
CA SER D 127 -49.25 -17.83 -15.81
C SER D 127 -49.00 -17.32 -14.40
N GLY D 128 -49.12 -16.01 -14.21
CA GLY D 128 -48.99 -15.42 -12.89
C GLY D 128 -47.62 -14.87 -12.52
N THR D 129 -46.69 -14.97 -13.45
CA THR D 129 -45.29 -14.56 -13.22
C THR D 129 -44.85 -13.55 -14.29
N ALA D 130 -43.93 -12.66 -13.94
CA ALA D 130 -43.37 -11.72 -14.91
C ALA D 130 -41.84 -11.72 -14.87
N SER D 131 -41.22 -11.98 -16.02
CA SER D 131 -39.77 -11.90 -16.13
C SER D 131 -39.38 -10.71 -16.98
N VAL D 132 -38.55 -9.82 -16.41
CA VAL D 132 -37.97 -8.71 -17.14
C VAL D 132 -36.50 -9.04 -17.43
N VAL D 133 -36.08 -8.84 -18.66
CA VAL D 133 -34.72 -9.22 -19.06
C VAL D 133 -33.88 -8.02 -19.50
N CYS D 134 -32.66 -7.96 -19.01
CA CYS D 134 -31.70 -6.94 -19.41
C CYS D 134 -30.51 -7.60 -20.12
N LEU D 135 -30.17 -7.09 -21.30
CA LEU D 135 -29.07 -7.60 -22.13
C LEU D 135 -27.93 -6.59 -22.21
N LEU D 136 -26.73 -7.05 -21.87
CA LEU D 136 -25.50 -6.26 -22.08
C LEU D 136 -24.73 -6.92 -23.19
N ASN D 137 -24.61 -6.27 -24.34
CA ASN D 137 -24.06 -6.94 -25.51
C ASN D 137 -22.65 -6.46 -25.86
N ASN D 138 -21.76 -7.43 -26.10
CA ASN D 138 -20.45 -7.23 -26.69
C ASN D 138 -19.55 -6.24 -25.95
N PHE D 139 -19.21 -6.56 -24.71
CA PHE D 139 -18.37 -5.68 -23.92
C PHE D 139 -17.05 -6.36 -23.52
N TYR D 140 -16.12 -5.59 -22.98
CA TYR D 140 -14.82 -6.11 -22.55
C TYR D 140 -14.17 -5.07 -21.64
N PRO D 141 -13.62 -5.48 -20.49
CA PRO D 141 -13.49 -6.86 -20.01
C PRO D 141 -14.78 -7.37 -19.36
N ARG D 142 -14.69 -8.56 -18.79
CA ARG D 142 -15.83 -9.34 -18.33
C ARG D 142 -16.61 -8.76 -17.16
N GLU D 143 -15.94 -8.04 -16.27
CA GLU D 143 -16.58 -7.55 -15.05
C GLU D 143 -17.64 -6.49 -15.38
N ALA D 144 -18.83 -6.64 -14.81
CA ALA D 144 -19.92 -5.69 -15.03
C ALA D 144 -20.87 -5.78 -13.86
N LYS D 145 -21.48 -4.66 -13.52
CA LYS D 145 -22.46 -4.64 -12.46
C LYS D 145 -23.81 -4.21 -13.02
N VAL D 146 -24.85 -5.00 -12.73
CA VAL D 146 -26.21 -4.74 -13.15
C VAL D 146 -27.11 -4.57 -11.93
N GLN D 147 -27.80 -3.44 -11.84
CA GLN D 147 -28.75 -3.21 -10.75
C GLN D 147 -30.16 -3.06 -11.29
N TRP D 148 -31.12 -3.72 -10.67
CA TRP D 148 -32.50 -3.55 -11.09
C TRP D 148 -33.20 -2.53 -10.20
N LYS D 149 -34.02 -1.67 -10.83
CA LYS D 149 -34.85 -0.71 -10.11
C LYS D 149 -36.30 -0.74 -10.58
N VAL D 150 -37.20 -0.82 -9.60
CA VAL D 150 -38.62 -0.80 -9.90
C VAL D 150 -39.19 0.46 -9.22
N ASP D 151 -39.70 1.39 -10.02
CA ASP D 151 -40.08 2.72 -9.55
C ASP D 151 -38.99 3.34 -8.69
N ASN D 152 -37.74 3.22 -9.15
CA ASN D 152 -36.55 3.74 -8.48
C ASN D 152 -36.20 3.08 -7.16
N ALA D 153 -36.86 1.98 -6.83
CA ALA D 153 -36.47 1.21 -5.66
C ALA D 153 -35.53 0.06 -6.04
N LEU D 154 -34.32 0.05 -5.48
CA LEU D 154 -33.35 -1.00 -5.76
C LEU D 154 -33.87 -2.38 -5.39
N GLN D 155 -33.75 -3.31 -6.33
CA GLN D 155 -34.21 -4.68 -6.12
C GLN D 155 -33.07 -5.54 -5.59
N SER D 156 -33.44 -6.57 -4.82
CA SER D 156 -32.44 -7.47 -4.29
C SER D 156 -33.03 -8.87 -4.07
N GLY D 157 -32.25 -9.89 -4.41
CA GLY D 157 -32.65 -11.26 -4.15
C GLY D 157 -33.63 -11.83 -5.15
N ASN D 158 -33.96 -11.07 -6.19
CA ASN D 158 -34.93 -11.55 -7.18
C ASN D 158 -34.41 -11.50 -8.62
N SER D 159 -33.09 -11.48 -8.80
CA SER D 159 -32.55 -11.52 -10.13
C SER D 159 -31.41 -12.52 -10.24
N GLN D 160 -31.20 -13.03 -11.45
CA GLN D 160 -30.05 -13.89 -11.73
C GLN D 160 -29.46 -13.54 -13.07
N GLU D 161 -28.17 -13.80 -13.25
CA GLU D 161 -27.51 -13.47 -14.49
C GLU D 161 -26.54 -14.56 -14.98
N SER D 162 -26.23 -14.55 -16.26
CA SER D 162 -25.20 -15.46 -16.79
C SER D 162 -24.46 -14.75 -17.93
N VAL D 163 -23.22 -15.18 -18.15
CA VAL D 163 -22.33 -14.50 -19.08
C VAL D 163 -21.77 -15.47 -20.13
N THR D 164 -21.71 -15.06 -21.39
CA THR D 164 -21.10 -15.93 -22.39
C THR D 164 -19.59 -16.06 -22.21
N GLU D 165 -19.00 -17.04 -22.88
CA GLU D 165 -17.55 -17.11 -23.00
C GLU D 165 -17.09 -16.07 -24.01
N GLN D 166 -15.78 -15.80 -24.06
CA GLN D 166 -15.23 -14.83 -24.99
C GLN D 166 -15.56 -15.21 -26.44
N ASP D 167 -16.11 -14.25 -27.18
CA ASP D 167 -16.47 -14.48 -28.58
C ASP D 167 -15.24 -14.73 -29.43
N SER D 168 -15.32 -15.73 -30.31
CA SER D 168 -14.14 -16.14 -31.07
C SER D 168 -13.74 -15.11 -32.11
N LYS D 169 -14.67 -14.23 -32.45
CA LYS D 169 -14.44 -13.29 -33.54
C LYS D 169 -14.12 -11.84 -33.11
N ASP D 170 -14.69 -11.34 -32.02
CA ASP D 170 -14.34 -9.99 -31.59
C ASP D 170 -13.81 -9.93 -30.15
N SER D 171 -13.70 -11.10 -29.54
CA SER D 171 -13.14 -11.25 -28.20
C SER D 171 -13.92 -10.53 -27.10
N THR D 172 -15.21 -10.31 -27.32
CA THR D 172 -16.05 -9.69 -26.29
C THR D 172 -16.92 -10.71 -25.55
N TYR D 173 -17.58 -10.21 -24.49
CA TYR D 173 -18.53 -10.97 -23.69
C TYR D 173 -19.93 -10.37 -23.80
N SER D 174 -20.95 -11.18 -23.49
CA SER D 174 -22.32 -10.66 -23.35
C SER D 174 -22.91 -11.19 -22.06
N LEU D 175 -23.90 -10.46 -21.53
CA LEU D 175 -24.49 -10.84 -20.26
C LEU D 175 -26.00 -10.64 -20.32
N SER D 176 -26.72 -11.59 -19.72
CA SER D 176 -28.18 -11.53 -19.60
C SER D 176 -28.56 -11.56 -18.11
N SER D 177 -29.45 -10.66 -17.69
CA SER D 177 -29.94 -10.63 -16.32
C SER D 177 -31.47 -10.68 -16.36
N THR D 178 -32.04 -11.51 -15.49
CA THR D 178 -33.49 -11.69 -15.45
C THR D 178 -34.04 -11.33 -14.07
N LEU D 179 -34.93 -10.36 -14.03
CA LEU D 179 -35.66 -10.01 -12.81
C LEU D 179 -37.01 -10.73 -12.83
N THR D 180 -37.34 -11.47 -11.78
CA THR D 180 -38.58 -12.25 -11.78
C THR D 180 -39.55 -11.83 -10.66
N LEU D 181 -40.76 -11.46 -11.06
CA LEU D 181 -41.77 -10.94 -10.13
C LEU D 181 -43.10 -11.67 -10.27
N SER D 182 -43.95 -11.59 -9.24
CA SER D 182 -45.33 -12.07 -9.41
C SER D 182 -46.08 -11.11 -10.34
N LYS D 183 -47.13 -11.60 -10.98
CA LYS D 183 -47.94 -10.72 -11.81
C LYS D 183 -48.51 -9.58 -10.98
N ALA D 184 -48.92 -9.88 -9.75
CA ALA D 184 -49.48 -8.86 -8.86
C ALA D 184 -48.49 -7.72 -8.61
N ASP D 185 -47.26 -8.07 -8.25
CA ASP D 185 -46.22 -7.06 -8.04
C ASP D 185 -45.94 -6.27 -9.32
N TYR D 186 -45.85 -6.96 -10.45
CA TYR D 186 -45.55 -6.32 -11.72
C TYR D 186 -46.61 -5.29 -12.13
N GLU D 187 -47.88 -5.63 -11.89
CA GLU D 187 -49.00 -4.78 -12.29
C GLU D 187 -49.19 -3.60 -11.36
N LYS D 188 -48.49 -3.60 -10.23
CA LYS D 188 -48.65 -2.58 -9.21
C LYS D 188 -47.59 -1.47 -9.33
N HIS D 189 -46.72 -1.61 -10.33
CA HIS D 189 -45.64 -0.64 -10.53
C HIS D 189 -45.51 -0.25 -11.99
N LYS D 190 -44.88 0.90 -12.24
CA LYS D 190 -44.87 1.49 -13.58
C LYS D 190 -43.50 1.44 -14.28
N VAL D 191 -42.47 1.95 -13.60
CA VAL D 191 -41.15 2.10 -14.20
C VAL D 191 -40.19 0.95 -13.86
N TYR D 192 -39.74 0.25 -14.90
CA TYR D 192 -38.79 -0.86 -14.75
C TYR D 192 -37.48 -0.49 -15.41
N ALA D 193 -36.39 -0.53 -14.64
CA ALA D 193 -35.10 -0.07 -15.13
C ALA D 193 -33.95 -0.99 -14.79
N CYS D 194 -33.00 -1.09 -15.72
CA CYS D 194 -31.79 -1.87 -15.55
C CYS D 194 -30.62 -0.89 -15.59
N GLU D 195 -29.84 -0.82 -14.51
CA GLU D 195 -28.75 0.17 -14.44
C GLU D 195 -27.38 -0.51 -14.48
N VAL D 196 -26.55 -0.08 -15.43
CA VAL D 196 -25.31 -0.79 -15.78
C VAL D 196 -24.05 0.01 -15.55
N THR D 197 -23.10 -0.60 -14.84
CA THR D 197 -21.80 -0.03 -14.54
C THR D 197 -20.71 -0.89 -15.20
N HIS D 198 -19.80 -0.27 -15.92
CA HIS D 198 -18.76 -1.04 -16.63
C HIS D 198 -17.59 -0.11 -16.81
N GLN D 199 -16.39 -0.67 -16.88
CA GLN D 199 -15.17 0.12 -17.03
C GLN D 199 -15.14 1.02 -18.25
N GLY D 200 -15.88 0.66 -19.29
CA GLY D 200 -15.89 1.43 -20.52
C GLY D 200 -16.88 2.59 -20.54
N LEU D 201 -17.67 2.74 -19.47
CA LEU D 201 -18.71 3.80 -19.42
C LEU D 201 -18.30 4.95 -18.51
N SER D 202 -18.58 6.21 -18.87
CA SER D 202 -18.17 7.34 -18.05
CA SER D 202 -18.15 7.32 -18.04
C SER D 202 -19.12 7.56 -16.88
N SER D 203 -20.33 7.02 -16.99
CA SER D 203 -21.32 7.06 -15.93
C SER D 203 -22.27 5.89 -16.16
N PRO D 204 -23.06 5.48 -15.14
CA PRO D 204 -23.92 4.31 -15.36
C PRO D 204 -24.94 4.55 -16.44
N VAL D 205 -25.20 3.51 -17.24
CA VAL D 205 -26.21 3.58 -18.28
C VAL D 205 -27.50 2.92 -17.81
N THR D 206 -28.61 3.63 -17.93
CA THR D 206 -29.92 3.07 -17.53
C THR D 206 -30.85 2.92 -18.71
N LYS D 207 -31.36 1.69 -18.91
CA LYS D 207 -32.43 1.44 -19.87
C LYS D 207 -33.70 1.14 -19.09
N SER D 208 -34.81 1.72 -19.52
CA SER D 208 -36.06 1.54 -18.78
C SER D 208 -37.26 1.48 -19.71
N PHE D 209 -38.39 1.03 -19.19
CA PHE D 209 -39.64 1.13 -19.91
C PHE D 209 -40.73 1.39 -18.88
N ASN D 210 -41.87 1.88 -19.35
CA ASN D 210 -43.05 2.07 -18.51
C ASN D 210 -44.07 1.02 -18.87
N ARG D 211 -44.56 0.30 -17.86
CA ARG D 211 -45.55 -0.74 -18.09
C ARG D 211 -46.77 -0.10 -18.70
N GLY D 212 -47.29 -0.68 -19.78
CA GLY D 212 -48.46 -0.15 -20.44
C GLY D 212 -48.17 0.59 -21.73
N GLU D 213 -47.14 1.44 -21.74
CA GLU D 213 -46.76 2.16 -22.96
C GLU D 213 -46.36 1.22 -24.08
N GLU E 1 35.37 27.95 7.78
CA GLU E 1 34.82 26.77 7.13
C GLU E 1 34.12 25.87 8.15
N VAL E 2 33.22 25.03 7.68
CA VAL E 2 32.43 24.14 8.54
C VAL E 2 33.29 23.04 9.17
N LYS E 3 33.19 22.89 10.49
CA LYS E 3 33.95 21.86 11.20
C LYS E 3 33.23 21.26 12.41
N LEU E 4 33.46 19.97 12.61
CA LEU E 4 32.91 19.27 13.77
C LEU E 4 34.05 18.44 14.35
N VAL E 5 34.66 18.94 15.42
CA VAL E 5 35.84 18.30 15.98
C VAL E 5 35.50 17.49 17.23
N GLU E 6 35.64 16.18 17.11
CA GLU E 6 35.23 15.24 18.14
C GLU E 6 36.36 14.85 19.07
N SER E 7 36.00 14.51 20.30
CA SER E 7 36.98 14.05 21.26
C SER E 7 36.34 13.11 22.30
N GLY E 8 37.19 12.48 23.10
CA GLY E 8 36.75 11.67 24.21
C GLY E 8 36.72 10.17 23.99
N GLY E 9 37.08 9.70 22.80
CA GLY E 9 37.10 8.26 22.60
C GLY E 9 38.20 7.71 23.50
N ASP E 10 38.21 6.39 23.71
CA ASP E 10 39.12 5.78 24.67
C ASP E 10 38.80 4.29 24.78
N LEU E 11 39.77 3.53 25.28
CA LEU E 11 39.53 2.24 25.94
C LEU E 11 38.76 2.38 27.27
N VAL E 12 37.65 1.68 27.41
CA VAL E 12 36.87 1.74 28.64
C VAL E 12 36.31 0.36 28.97
N LYS E 13 36.22 0.01 30.26
CA LYS E 13 35.68 -1.30 30.66
C LYS E 13 34.17 -1.40 30.61
N PRO E 14 33.65 -2.59 30.29
CA PRO E 14 32.22 -2.89 30.33
C PRO E 14 31.63 -2.50 31.66
N GLY E 15 30.40 -2.01 31.66
CA GLY E 15 29.74 -1.54 32.85
C GLY E 15 30.07 -0.08 33.15
N GLY E 16 31.09 0.45 32.46
CA GLY E 16 31.62 1.78 32.70
C GLY E 16 30.89 2.92 32.01
N SER E 17 31.52 4.09 32.02
CA SER E 17 30.92 5.33 31.49
C SER E 17 31.92 6.10 30.68
N LEU E 18 31.45 6.88 29.71
CA LEU E 18 32.30 7.72 28.87
C LEU E 18 31.49 8.92 28.34
N LYS E 19 32.12 10.08 28.19
CA LYS E 19 31.38 11.22 27.63
C LYS E 19 32.07 11.75 26.37
N LEU E 20 31.35 11.70 25.25
CA LEU E 20 31.91 12.22 23.99
C LEU E 20 31.55 13.69 23.80
N SER E 21 32.40 14.43 23.10
CA SER E 21 32.19 15.85 22.79
C SER E 21 32.42 16.13 21.31
N CYS E 22 31.70 17.11 20.79
CA CYS E 22 31.81 17.47 19.39
C CYS E 22 31.71 19.00 19.33
N ALA E 23 32.83 19.67 19.05
CA ALA E 23 32.87 21.13 19.05
C ALA E 23 32.61 21.67 17.64
N ALA E 24 31.57 22.49 17.53
CA ALA E 24 31.11 23.03 16.27
C ALA E 24 31.85 24.30 15.89
N SER E 25 32.18 24.44 14.61
CA SER E 25 32.85 25.62 14.09
C SER E 25 32.43 25.99 12.67
N GLY E 26 32.17 27.28 12.42
CA GLY E 26 31.91 27.73 11.05
C GLY E 26 30.48 27.68 10.54
N PHE E 27 29.54 27.60 11.47
CA PHE E 27 28.12 27.61 11.12
C PHE E 27 27.34 27.99 12.34
N THR E 28 26.05 28.25 12.19
CA THR E 28 25.25 28.64 13.34
C THR E 28 24.66 27.41 14.02
N PHE E 29 25.40 26.91 15.00
CA PHE E 29 25.10 25.66 15.70
C PHE E 29 23.66 25.58 16.20
N SER E 30 23.15 26.69 16.74
CA SER E 30 21.81 26.72 17.33
C SER E 30 20.66 26.58 16.32
N SER E 31 20.97 26.68 15.03
CA SER E 31 19.95 26.50 14.01
C SER E 31 19.64 25.04 13.65
N TYR E 32 20.55 24.13 13.99
CA TYR E 32 20.49 22.73 13.50
C TYR E 32 20.16 21.65 14.54
N ALA E 33 19.50 20.59 14.08
CA ALA E 33 19.44 19.31 14.76
C ALA E 33 20.81 18.65 14.71
N MET E 34 21.23 18.01 15.82
CA MET E 34 22.54 17.36 15.89
C MET E 34 22.33 15.88 16.26
N SER E 35 23.20 15.01 15.76
CA SER E 35 23.03 13.57 15.93
C SER E 35 24.36 12.86 16.17
N TRP E 36 24.28 11.65 16.72
CA TRP E 36 25.42 10.73 16.82
C TRP E 36 25.10 9.49 16.04
N VAL E 37 26.11 8.96 15.34
CA VAL E 37 25.99 7.74 14.54
C VAL E 37 27.26 6.90 14.76
N ARG E 38 27.14 5.58 14.83
CA ARG E 38 28.34 4.76 15.00
C ARG E 38 28.49 3.71 13.91
N GLN E 39 29.75 3.32 13.70
CA GLN E 39 30.10 2.34 12.69
C GLN E 39 30.87 1.23 13.35
N ASN E 40 30.34 0.02 13.29
CA ASN E 40 30.92 -1.08 14.06
C ASN E 40 32.03 -1.74 13.25
N PRO E 41 32.80 -2.67 13.87
CA PRO E 41 33.93 -3.25 13.13
C PRO E 41 33.54 -3.95 11.82
N GLU E 42 32.26 -4.22 11.62
CA GLU E 42 31.84 -4.82 10.35
C GLU E 42 31.23 -3.79 9.40
N LYS E 43 31.67 -2.55 9.58
CA LYS E 43 31.35 -1.40 8.72
C LYS E 43 29.84 -1.16 8.55
N ARG E 44 29.04 -1.65 9.48
CA ARG E 44 27.63 -1.31 9.43
C ARG E 44 27.39 0.01 10.18
N LEU E 45 26.50 0.85 9.66
CA LEU E 45 26.14 2.10 10.32
C LEU E 45 24.88 1.97 11.17
N GLU E 46 24.86 2.63 12.32
CA GLU E 46 23.73 2.57 13.25
C GLU E 46 23.50 3.94 13.88
N TRP E 47 22.26 4.41 13.82
CA TRP E 47 21.90 5.66 14.49
C TRP E 47 21.95 5.47 16.02
N VAL E 48 22.52 6.43 16.74
CA VAL E 48 22.69 6.35 18.19
C VAL E 48 21.76 7.33 18.95
N ALA E 49 21.70 8.59 18.49
CA ALA E 49 20.85 9.59 19.15
C ALA E 49 20.73 10.88 18.33
N SER E 50 19.64 11.62 18.52
CA SER E 50 19.46 12.91 17.89
C SER E 50 18.90 13.91 18.90
N ILE E 51 19.15 15.19 18.65
CA ILE E 51 18.60 16.23 19.50
C ILE E 51 18.23 17.42 18.62
N SER E 52 17.02 17.94 18.80
CA SER E 52 16.56 19.07 17.98
C SER E 52 17.24 20.35 18.44
N LYS E 53 17.07 21.42 17.66
CA LYS E 53 17.73 22.68 17.99
C LYS E 53 17.31 23.18 19.36
N GLY E 54 16.06 22.89 19.74
CA GLY E 54 15.55 23.29 21.04
C GLY E 54 15.78 22.32 22.20
N GLY E 55 16.39 21.17 21.94
CA GLY E 55 16.76 20.25 23.02
C GLY E 55 15.91 18.98 23.18
N ASN E 56 14.95 18.79 22.28
CA ASN E 56 14.17 17.55 22.31
C ASN E 56 15.04 16.39 21.84
N THR E 57 14.98 15.25 22.53
CA THR E 57 15.89 14.13 22.24
C THR E 57 15.16 12.93 21.66
N TYR E 58 15.89 12.09 20.92
CA TYR E 58 15.33 10.90 20.27
C TYR E 58 16.33 9.76 20.35
N TYR E 59 15.87 8.54 20.65
CA TYR E 59 16.80 7.42 20.82
C TYR E 59 16.22 6.15 20.24
N PRO E 60 17.08 5.24 19.74
CA PRO E 60 16.64 3.88 19.43
C PRO E 60 16.63 3.04 20.71
N ASN E 61 15.89 1.93 20.73
CA ASN E 61 15.81 1.09 21.94
C ASN E 61 17.13 0.51 22.40
N SER E 62 18.06 0.26 21.48
CA SER E 62 19.37 -0.30 21.83
C SER E 62 20.18 0.53 22.84
N VAL E 63 19.91 1.84 22.95
CA VAL E 63 20.67 2.67 23.89
C VAL E 63 19.78 3.46 24.84
N LYS E 64 18.47 3.30 24.69
CA LYS E 64 17.52 4.05 25.50
C LYS E 64 17.67 3.64 26.96
N GLY E 65 17.74 4.63 27.84
CA GLY E 65 18.05 4.39 29.23
C GLY E 65 19.54 4.28 29.54
N ARG E 66 20.38 4.16 28.53
CA ARG E 66 21.82 4.08 28.77
C ARG E 66 22.59 5.31 28.30
N PHE E 67 22.23 5.84 27.13
CA PHE E 67 22.93 6.98 26.55
C PHE E 67 22.09 8.25 26.68
N THR E 68 22.74 9.40 26.92
CA THR E 68 22.06 10.70 26.94
C THR E 68 22.74 11.70 26.01
N ILE E 69 21.98 12.25 25.07
CA ILE E 69 22.49 13.28 24.17
C ILE E 69 22.11 14.64 24.75
N SER E 70 23.02 15.59 24.68
CA SER E 70 22.74 16.94 25.18
C SER E 70 23.50 17.96 24.35
N ARG E 71 23.13 19.23 24.46
CA ARG E 71 23.78 20.26 23.68
C ARG E 71 23.95 21.56 24.47
N ASP E 72 25.03 22.27 24.21
CA ASP E 72 25.24 23.59 24.81
C ASP E 72 25.23 24.63 23.69
N ASN E 73 24.12 25.34 23.51
CA ASN E 73 24.03 26.27 22.39
C ASN E 73 24.80 27.57 22.60
N ALA E 74 25.37 27.77 23.78
CA ALA E 74 26.18 28.95 24.04
C ALA E 74 27.62 28.69 23.66
N ARG E 75 28.12 27.51 23.99
CA ARG E 75 29.49 27.17 23.64
C ARG E 75 29.59 26.39 22.32
N ASN E 76 28.44 26.12 21.69
CA ASN E 76 28.39 25.38 20.42
C ASN E 76 29.07 24.01 20.51
N ILE E 77 28.61 23.20 21.46
CA ILE E 77 29.20 21.87 21.68
C ILE E 77 28.09 20.86 21.83
N LEU E 78 28.28 19.71 21.18
CA LEU E 78 27.37 18.57 21.30
C LEU E 78 28.01 17.49 22.20
N TYR E 79 27.19 16.86 23.02
CA TYR E 79 27.67 15.80 23.95
C TYR E 79 26.95 14.47 23.77
N LEU E 80 27.66 13.38 24.06
CA LEU E 80 27.02 12.09 24.21
C LEU E 80 27.54 11.45 25.49
N GLN E 81 26.66 11.33 26.48
CA GLN E 81 27.00 10.62 27.71
C GLN E 81 26.68 9.14 27.58
N MET E 82 27.70 8.29 27.68
CA MET E 82 27.48 6.86 27.52
C MET E 82 27.64 6.16 28.89
N SER E 83 26.62 5.42 29.32
CA SER E 83 26.65 4.68 30.58
C SER E 83 26.30 3.21 30.36
N SER E 84 26.57 2.37 31.35
CA SER E 84 26.27 0.93 31.27
C SER E 84 26.82 0.32 29.98
N LEU E 85 28.07 0.61 29.68
CA LEU E 85 28.68 0.25 28.40
C LEU E 85 28.81 -1.25 28.26
N ARG E 86 28.57 -1.73 27.04
CA ARG E 86 28.67 -3.13 26.64
C ARG E 86 29.71 -3.25 25.54
N SER E 87 30.29 -4.44 25.38
CA SER E 87 31.29 -4.64 24.33
C SER E 87 30.70 -4.35 22.94
N GLU E 88 29.40 -4.56 22.80
CA GLU E 88 28.71 -4.26 21.55
C GLU E 88 28.65 -2.75 21.23
N ASP E 89 29.01 -1.90 22.19
CA ASP E 89 29.07 -0.45 21.95
C ASP E 89 30.41 -0.02 21.33
N THR E 90 31.34 -0.96 21.17
CA THR E 90 32.61 -0.69 20.51
C THR E 90 32.35 -0.26 19.08
N ALA E 91 32.87 0.89 18.68
CA ALA E 91 32.59 1.44 17.34
C ALA E 91 33.31 2.74 17.13
N LEU E 92 33.36 3.18 15.88
CA LEU E 92 33.69 4.55 15.52
C LEU E 92 32.44 5.40 15.73
N TYR E 93 32.56 6.55 16.40
CA TYR E 93 31.40 7.42 16.64
C TYR E 93 31.55 8.70 15.84
N TYR E 94 30.51 9.04 15.08
CA TYR E 94 30.45 10.28 14.31
C TYR E 94 29.39 11.23 14.87
N CYS E 95 29.67 12.52 14.92
CA CYS E 95 28.57 13.48 15.10
C CYS E 95 28.15 14.03 13.71
N ALA E 96 26.91 14.44 13.57
CA ALA E 96 26.43 14.95 12.29
C ALA E 96 25.46 16.08 12.55
N ARG E 97 25.27 16.97 11.57
CA ARG E 97 24.27 18.03 11.73
C ARG E 97 23.28 17.90 10.59
N GLY E 98 22.05 18.32 10.83
CA GLY E 98 21.03 18.28 9.80
C GLY E 98 19.83 19.15 10.11
N TRP E 99 18.82 19.07 9.23
CA TRP E 99 17.58 19.85 9.35
C TRP E 99 16.66 19.50 8.20
N GLY E 100 15.36 19.71 8.40
CA GLY E 100 14.40 19.63 7.30
C GLY E 100 14.45 18.39 6.44
N ASP E 101 14.23 18.54 5.13
CA ASP E 101 14.21 17.38 4.23
C ASP E 101 15.61 16.89 3.89
N TYR E 102 16.63 17.69 4.20
CA TYR E 102 18.03 17.21 4.10
C TYR E 102 18.19 15.98 4.97
N GLY E 103 17.46 15.98 6.08
CA GLY E 103 17.54 14.88 7.02
C GLY E 103 18.49 15.15 8.17
N TRP E 104 18.72 14.12 9.00
CA TRP E 104 19.49 14.28 10.24
C TRP E 104 21.01 14.27 10.04
N PHE E 105 21.48 13.72 8.93
CA PHE E 105 22.92 13.50 8.74
C PHE E 105 23.42 14.20 7.48
N ALA E 106 23.13 15.50 7.32
CA ALA E 106 23.52 16.23 6.11
C ALA E 106 25.05 16.44 6.02
N TYR E 107 25.68 16.63 7.17
CA TYR E 107 27.14 16.85 7.25
CA TYR E 107 27.13 16.86 7.24
C TYR E 107 27.72 16.08 8.43
N TRP E 108 28.81 15.35 8.19
CA TRP E 108 29.40 14.45 9.19
C TRP E 108 30.71 15.00 9.80
N GLY E 109 30.98 14.74 11.07
CA GLY E 109 32.17 15.31 11.70
C GLY E 109 33.31 14.29 11.75
N GLN E 110 34.44 14.64 12.36
CA GLN E 110 35.59 13.71 12.35
C GLN E 110 35.43 12.65 13.44
N VAL E 111 35.75 11.41 13.11
CA VAL E 111 35.40 10.29 13.97
C VAL E 111 36.18 10.21 15.31
N THR E 112 35.63 9.46 16.27
CA THR E 112 36.36 9.16 17.50
C THR E 112 36.11 7.67 17.80
N LEU E 113 37.17 6.93 18.11
CA LEU E 113 37.08 5.49 18.37
C LEU E 113 36.77 5.18 19.82
N VAL E 114 35.78 4.32 20.05
CA VAL E 114 35.46 3.85 21.40
C VAL E 114 35.63 2.33 21.45
N THR E 115 36.51 1.86 22.32
CA THR E 115 36.70 0.41 22.50
C THR E 115 36.20 0.04 23.88
N VAL E 116 35.16 -0.78 23.96
CA VAL E 116 34.68 -1.23 25.25
C VAL E 116 35.22 -2.64 25.50
N SER E 117 36.19 -2.76 26.40
CA SER E 117 36.82 -4.06 26.66
C SER E 117 37.48 -4.14 28.04
N ALA E 118 37.49 -5.36 28.59
CA ALA E 118 38.12 -5.64 29.89
C ALA E 118 39.59 -5.96 29.77
N ALA E 119 40.07 -6.19 28.54
CA ALA E 119 41.47 -6.59 28.36
C ALA E 119 42.40 -5.45 28.80
N SER E 120 43.55 -5.81 29.37
CA SER E 120 44.51 -4.80 29.79
C SER E 120 45.39 -4.41 28.62
N THR E 121 45.81 -3.16 28.64
CA THR E 121 46.71 -2.62 27.63
C THR E 121 48.02 -3.40 27.64
N LYS E 122 48.52 -3.70 26.44
CA LYS E 122 49.78 -4.42 26.31
C LYS E 122 50.51 -4.01 25.03
N GLY E 123 51.79 -3.70 25.15
CA GLY E 123 52.61 -3.35 24.00
C GLY E 123 53.10 -4.57 23.22
N PRO E 124 53.38 -4.38 21.92
CA PRO E 124 53.73 -5.47 21.00
C PRO E 124 55.17 -5.94 21.04
N SER E 125 55.40 -7.19 20.63
CA SER E 125 56.72 -7.67 20.24
C SER E 125 56.90 -7.56 18.74
N VAL E 126 58.12 -7.32 18.27
CA VAL E 126 58.33 -7.11 16.85
C VAL E 126 59.37 -8.07 16.32
N PHE E 127 58.96 -8.88 15.33
CA PHE E 127 59.85 -9.85 14.73
C PHE E 127 60.05 -9.55 13.25
N PRO E 128 61.26 -9.83 12.74
CA PRO E 128 61.58 -9.60 11.33
C PRO E 128 60.99 -10.67 10.40
N LEU E 129 60.48 -10.23 9.25
CA LEU E 129 60.18 -11.16 8.18
C LEU E 129 61.32 -11.08 7.18
N ALA E 130 62.31 -11.96 7.33
CA ALA E 130 63.54 -11.81 6.56
C ALA E 130 63.36 -12.29 5.13
N PRO E 131 63.82 -11.48 4.17
CA PRO E 131 63.79 -11.83 2.74
C PRO E 131 64.52 -13.15 2.48
N SER E 132 63.87 -14.03 1.73
CA SER E 132 64.40 -15.37 1.45
C SER E 132 65.58 -15.29 0.49
N GLY E 138 60.37 -12.25 -8.57
CA GLY E 138 61.22 -12.37 -9.74
C GLY E 138 61.94 -11.06 -10.02
N GLY E 139 63.22 -11.00 -9.65
CA GLY E 139 63.97 -9.75 -9.73
C GLY E 139 63.53 -8.80 -8.62
N THR E 140 62.57 -9.25 -7.82
CA THR E 140 61.99 -8.47 -6.73
C THR E 140 61.98 -9.29 -5.43
N ALA E 141 62.36 -8.66 -4.32
CA ALA E 141 62.34 -9.35 -3.04
C ALA E 141 61.30 -8.70 -2.13
N ALA E 142 60.72 -9.50 -1.23
CA ALA E 142 59.80 -9.00 -0.21
C ALA E 142 60.37 -9.24 1.20
N LEU E 143 60.14 -8.27 2.09
CA LEU E 143 60.55 -8.38 3.49
C LEU E 143 59.56 -7.64 4.37
N GLY E 144 59.62 -7.86 5.68
CA GLY E 144 58.71 -7.15 6.55
C GLY E 144 58.89 -7.34 8.04
N CYS E 145 57.88 -6.92 8.80
CA CYS E 145 57.84 -7.06 10.24
C CYS E 145 56.53 -7.68 10.71
N LEU E 146 56.62 -8.63 11.63
CA LEU E 146 55.45 -9.18 12.32
C LEU E 146 55.26 -8.50 13.68
N VAL E 147 54.14 -7.80 13.85
CA VAL E 147 53.85 -7.10 15.10
C VAL E 147 52.81 -7.85 15.93
N LYS E 148 53.26 -8.54 16.97
CA LYS E 148 52.46 -9.57 17.62
C LYS E 148 52.11 -9.31 19.10
N ASP E 149 50.88 -9.66 19.48
CA ASP E 149 50.42 -9.72 20.87
C ASP E 149 50.33 -8.34 21.55
N TYR E 150 49.47 -7.47 21.03
CA TYR E 150 49.26 -6.17 21.64
C TYR E 150 47.77 -5.91 21.82
N PHE E 151 47.44 -4.89 22.64
CA PHE E 151 46.06 -4.47 22.88
C PHE E 151 46.05 -3.09 23.53
N PRO E 152 45.14 -2.19 23.11
CA PRO E 152 44.16 -2.26 22.03
C PRO E 152 44.73 -1.82 20.70
N GLU E 153 43.85 -1.69 19.71
CA GLU E 153 44.19 -1.05 18.46
C GLU E 153 44.27 0.48 18.70
N PRO E 154 45.03 1.21 17.86
CA PRO E 154 45.82 0.76 16.70
C PRO E 154 47.31 0.78 16.94
N VAL E 155 48.07 0.26 15.98
CA VAL E 155 49.50 0.49 15.89
C VAL E 155 49.77 1.20 14.57
N THR E 156 50.89 1.91 14.48
CA THR E 156 51.32 2.46 13.21
C THR E 156 52.66 1.86 12.82
N VAL E 157 52.87 1.70 11.52
CA VAL E 157 54.12 1.16 11.00
C VAL E 157 54.62 2.06 9.88
N SER E 158 55.92 2.33 9.89
CA SER E 158 56.58 3.01 8.78
C SER E 158 57.88 2.30 8.45
N TRP E 159 58.41 2.52 7.26
CA TRP E 159 59.69 1.93 6.87
C TRP E 159 60.74 3.01 6.60
N ASN E 160 61.92 2.82 7.15
CA ASN E 160 63.01 3.78 7.05
C ASN E 160 62.55 5.19 7.41
N SER E 161 61.86 5.29 8.53
CA SER E 161 61.39 6.56 9.11
C SER E 161 60.53 7.39 8.18
N GLY E 162 59.90 6.74 7.20
CA GLY E 162 58.98 7.42 6.30
C GLY E 162 59.56 7.66 4.92
N ALA E 163 60.84 7.31 4.77
CA ALA E 163 61.55 7.44 3.51
C ALA E 163 61.07 6.43 2.46
N LEU E 164 60.54 5.31 2.95
CA LEU E 164 60.08 4.24 2.07
C LEU E 164 58.56 4.11 2.08
N THR E 165 57.93 4.42 0.94
CA THR E 165 56.47 4.36 0.85
C THR E 165 56.00 3.46 -0.28
N SER E 166 56.81 3.36 -1.33
CA SER E 166 56.45 2.58 -2.51
C SER E 166 56.51 1.07 -2.26
N GLY E 167 55.44 0.38 -2.62
CA GLY E 167 55.41 -1.08 -2.50
C GLY E 167 55.15 -1.59 -1.09
N VAL E 168 54.74 -0.68 -0.21
CA VAL E 168 54.41 -1.04 1.17
C VAL E 168 52.98 -1.55 1.32
N HIS E 169 52.82 -2.65 2.04
CA HIS E 169 51.49 -3.07 2.44
C HIS E 169 51.43 -3.33 3.95
N THR E 170 50.58 -2.58 4.63
CA THR E 170 50.33 -2.84 6.04
C THR E 170 48.92 -3.38 6.20
N PHE E 171 48.83 -4.60 6.71
CA PHE E 171 47.56 -5.33 6.75
C PHE E 171 46.74 -5.01 7.98
N PRO E 172 45.41 -5.16 7.86
CA PRO E 172 44.54 -5.10 9.04
C PRO E 172 45.01 -6.08 10.08
N ALA E 173 44.97 -5.68 11.34
CA ALA E 173 45.34 -6.59 12.43
C ALA E 173 44.27 -7.67 12.57
N VAL E 174 44.66 -8.82 13.08
CA VAL E 174 43.67 -9.83 13.43
C VAL E 174 43.67 -10.01 14.95
N LEU E 175 42.50 -10.31 15.49
CA LEU E 175 42.36 -10.60 16.91
C LEU E 175 42.58 -12.08 17.12
N GLN E 176 43.63 -12.44 17.87
CA GLN E 176 43.92 -13.85 18.10
C GLN E 176 42.98 -14.44 19.15
N SER E 177 42.91 -15.76 19.24
CA SER E 177 42.02 -16.43 20.19
C SER E 177 42.42 -16.13 21.64
N SER E 178 43.67 -15.74 21.84
CA SER E 178 44.15 -15.26 23.14
C SER E 178 43.56 -13.89 23.52
N GLY E 179 42.90 -13.22 22.57
CA GLY E 179 42.38 -11.88 22.83
C GLY E 179 43.35 -10.74 22.55
N LEU E 180 44.55 -11.06 22.07
CA LEU E 180 45.55 -10.05 21.69
C LEU E 180 45.64 -9.91 20.17
N TYR E 181 46.03 -8.72 19.70
CA TYR E 181 46.12 -8.48 18.26
C TYR E 181 47.48 -8.87 17.67
N SER E 182 47.48 -9.07 16.36
CA SER E 182 48.69 -9.38 15.62
C SER E 182 48.58 -8.72 14.25
N LEU E 183 49.67 -8.11 13.80
CA LEU E 183 49.67 -7.40 12.53
C LEU E 183 50.98 -7.60 11.77
N SER E 184 50.93 -7.52 10.45
CA SER E 184 52.15 -7.62 9.65
CA SER E 184 52.13 -7.63 9.62
C SER E 184 52.25 -6.44 8.67
N SER E 185 53.48 -6.04 8.37
CA SER E 185 53.73 -5.02 7.36
C SER E 185 54.81 -5.54 6.44
N VAL E 186 54.60 -5.40 5.13
CA VAL E 186 55.60 -5.88 4.19
C VAL E 186 55.93 -4.81 3.17
N VAL E 187 57.08 -4.98 2.51
CA VAL E 187 57.43 -4.11 1.40
C VAL E 187 58.21 -4.94 0.38
N THR E 188 57.97 -4.65 -0.89
CA THR E 188 58.73 -5.29 -1.96
C THR E 188 59.76 -4.31 -2.52
N VAL E 189 60.97 -4.81 -2.76
CA VAL E 189 62.09 -3.97 -3.17
C VAL E 189 62.87 -4.61 -4.30
N PRO E 190 63.70 -3.82 -5.01
CA PRO E 190 64.58 -4.47 -6.00
C PRO E 190 65.43 -5.52 -5.30
N SER E 191 65.46 -6.73 -5.86
CA SER E 191 66.25 -7.82 -5.33
C SER E 191 67.73 -7.46 -5.18
N SER E 192 68.26 -6.83 -6.22
CA SER E 192 69.62 -6.31 -6.24
C SER E 192 70.00 -5.53 -4.98
N SER E 193 69.06 -4.76 -4.46
CA SER E 193 69.34 -3.78 -3.41
C SER E 193 69.37 -4.31 -1.99
N LEU E 194 69.19 -5.61 -1.79
CA LEU E 194 69.15 -6.16 -0.43
C LEU E 194 70.48 -5.95 0.31
N GLY E 195 71.57 -5.89 -0.45
CA GLY E 195 72.88 -5.68 0.11
C GLY E 195 73.20 -4.20 0.32
N THR E 196 72.82 -3.38 -0.65
CA THR E 196 73.26 -1.98 -0.65
C THR E 196 72.35 -1.05 0.14
N GLN E 197 71.16 -1.52 0.51
CA GLN E 197 70.24 -0.67 1.25
C GLN E 197 69.83 -1.30 2.57
N THR E 198 69.53 -0.44 3.55
CA THR E 198 69.21 -0.89 4.91
C THR E 198 67.73 -0.63 5.20
N TYR E 199 67.04 -1.68 5.66
CA TYR E 199 65.60 -1.58 5.88
C TYR E 199 65.19 -1.71 7.35
N ILE E 200 64.53 -0.67 7.83
CA ILE E 200 64.05 -0.62 9.21
C ILE E 200 62.56 -0.30 9.24
N CYS E 201 61.78 -1.11 9.96
CA CYS E 201 60.38 -0.80 10.16
C CYS E 201 60.23 -0.11 11.52
N ASN E 202 59.42 0.94 11.57
CA ASN E 202 59.22 1.71 12.79
C ASN E 202 57.83 1.47 13.36
N VAL E 203 57.76 0.84 14.52
CA VAL E 203 56.46 0.51 15.10
C VAL E 203 56.12 1.41 16.28
N ASN E 204 54.93 1.99 16.24
CA ASN E 204 54.43 2.81 17.35
C ASN E 204 53.09 2.34 17.88
N HIS E 205 53.06 2.00 19.17
CA HIS E 205 51.81 1.63 19.84
C HIS E 205 51.56 2.65 20.95
N LYS E 206 50.83 3.72 20.61
CA LYS E 206 50.58 4.83 21.55
C LYS E 206 49.88 4.44 22.85
N PRO E 207 48.84 3.57 22.80
CA PRO E 207 48.18 3.18 24.05
C PRO E 207 49.12 2.62 25.13
N SER E 208 50.26 2.11 24.71
CA SER E 208 51.23 1.56 25.65
C SER E 208 52.54 2.34 25.64
N ASN E 209 52.53 3.49 24.98
CA ASN E 209 53.76 4.23 24.67
C ASN E 209 54.92 3.32 24.33
N THR E 210 54.73 2.54 23.26
CA THR E 210 55.77 1.64 22.79
C THR E 210 56.18 2.08 21.39
N LYS E 211 57.48 2.27 21.23
CA LYS E 211 58.05 2.59 19.92
C LYS E 211 59.21 1.65 19.67
N VAL E 212 59.13 0.87 18.60
CA VAL E 212 60.20 -0.05 18.28
C VAL E 212 60.69 0.17 16.85
N ASP E 213 62.00 0.10 16.67
CA ASP E 213 62.58 0.11 15.35
C ASP E 213 63.28 -1.20 15.16
N LYS E 214 62.92 -1.92 14.11
CA LYS E 214 63.53 -3.21 13.84
C LYS E 214 64.08 -3.21 12.43
N LYS E 215 65.35 -3.57 12.30
CA LYS E 215 65.97 -3.59 10.99
C LYS E 215 65.96 -5.02 10.49
N VAL E 216 65.52 -5.18 9.25
CA VAL E 216 65.28 -6.50 8.67
C VAL E 216 66.42 -6.86 7.73
N GLU E 217 67.06 -7.99 8.00
CA GLU E 217 68.27 -8.37 7.30
C GLU E 217 68.16 -9.78 6.75
N PRO E 218 68.84 -10.05 5.63
CA PRO E 218 68.87 -11.45 5.18
C PRO E 218 69.65 -12.30 6.18
N LYS E 219 68.96 -13.24 6.82
CA LYS E 219 69.61 -14.23 7.68
C LYS E 219 70.66 -15.03 6.90
N SER E 220 71.76 -15.37 7.56
CA SER E 220 72.74 -16.28 7.00
C SER E 220 72.92 -17.53 7.86
N ASP F 1 10.64 -1.77 13.33
CA ASP F 1 11.72 -1.10 12.61
C ASP F 1 11.57 -1.32 11.12
N ILE F 2 11.74 -0.25 10.36
CA ILE F 2 11.69 -0.40 8.92
C ILE F 2 13.01 -0.99 8.42
N LYS F 3 12.95 -2.18 7.83
CA LYS F 3 14.16 -2.81 7.29
C LYS F 3 14.52 -2.25 5.93
N MET F 4 15.80 -1.88 5.77
CA MET F 4 16.32 -1.39 4.49
C MET F 4 17.23 -2.43 3.86
N THR F 5 16.92 -2.86 2.64
CA THR F 5 17.69 -3.89 1.94
C THR F 5 18.36 -3.36 0.67
N GLN F 6 19.68 -3.43 0.60
CA GLN F 6 20.43 -2.90 -0.55
C GLN F 6 20.94 -4.00 -1.48
N SER F 7 20.97 -3.70 -2.77
CA SER F 7 21.49 -4.66 -3.76
C SER F 7 22.31 -3.92 -4.82
N PRO F 8 23.41 -4.54 -5.30
CA PRO F 8 24.03 -5.77 -4.80
C PRO F 8 24.91 -5.48 -3.59
N SER F 9 25.55 -6.48 -3.01
CA SER F 9 26.43 -6.25 -1.86
C SER F 9 27.73 -5.57 -2.28
N SER F 10 28.21 -5.93 -3.46
CA SER F 10 29.42 -5.34 -4.02
C SER F 10 29.39 -5.45 -5.53
N MET F 11 30.16 -4.61 -6.20
CA MET F 11 30.34 -4.73 -7.64
C MET F 11 31.57 -4.00 -8.13
N TYR F 12 32.14 -4.53 -9.21
CA TYR F 12 33.27 -3.91 -9.90
C TYR F 12 32.74 -3.15 -11.10
N ALA F 13 33.32 -1.99 -11.40
CA ALA F 13 32.85 -1.22 -12.55
C ALA F 13 33.99 -0.41 -13.15
N SER F 14 33.85 -0.06 -14.42
CA SER F 14 34.93 0.64 -15.13
C SER F 14 34.72 2.14 -15.22
N LEU F 15 35.79 2.88 -15.50
CA LEU F 15 35.68 4.32 -15.75
C LEU F 15 34.65 4.55 -16.85
N GLY F 16 33.75 5.51 -16.65
CA GLY F 16 32.76 5.85 -17.64
C GLY F 16 31.51 5.00 -17.65
N GLU F 17 31.51 3.93 -16.87
CA GLU F 17 30.39 3.00 -16.88
C GLU F 17 29.16 3.59 -16.17
N ARG F 18 27.97 3.26 -16.67
CA ARG F 18 26.72 3.64 -16.02
C ARG F 18 26.39 2.61 -14.94
N VAL F 19 26.26 3.07 -13.70
CA VAL F 19 26.07 2.17 -12.56
C VAL F 19 24.78 2.50 -11.80
N THR F 20 23.97 1.47 -11.52
CA THR F 20 22.75 1.64 -10.74
C THR F 20 22.70 0.66 -9.58
N ILE F 21 22.41 1.17 -8.38
CA ILE F 21 22.22 0.31 -7.22
C ILE F 21 20.84 0.56 -6.61
N THR F 22 20.31 -0.41 -5.88
CA THR F 22 18.92 -0.37 -5.43
C THR F 22 18.79 -0.48 -3.93
N CYS F 23 17.67 0.05 -3.42
CA CYS F 23 17.39 0.02 -1.98
C CYS F 23 15.89 -0.25 -1.85
N LYS F 24 15.52 -1.20 -1.01
CA LYS F 24 14.10 -1.47 -0.80
C LYS F 24 13.75 -1.38 0.68
N ALA F 25 12.69 -0.67 0.99
CA ALA F 25 12.20 -0.52 2.35
C ALA F 25 11.07 -1.54 2.62
N SER F 26 10.91 -1.98 3.86
CA SER F 26 9.89 -3.00 4.17
C SER F 26 8.46 -2.41 4.19
N GLN F 27 8.34 -1.08 4.09
CA GLN F 27 7.05 -0.41 3.93
C GLN F 27 7.25 0.95 3.24
N ASP F 28 6.16 1.62 2.87
CA ASP F 28 6.21 2.92 2.19
C ASP F 28 6.90 3.96 3.08
N ILE F 29 7.92 4.65 2.54
CA ILE F 29 8.64 5.66 3.34
C ILE F 29 8.47 7.09 2.81
N ASN F 30 7.49 7.28 1.91
CA ASN F 30 7.12 8.59 1.38
CA ASN F 30 7.14 8.62 1.46
C ASN F 30 8.32 9.41 0.87
N ARG F 31 9.23 8.71 0.22
CA ARG F 31 10.46 9.24 -0.38
C ARG F 31 11.41 9.94 0.61
N TYR F 32 11.25 9.70 1.91
CA TYR F 32 12.23 10.22 2.89
C TYR F 32 13.43 9.25 2.96
N LEU F 33 14.28 9.35 1.97
CA LEU F 33 15.42 8.50 1.85
C LEU F 33 16.71 9.23 1.54
N ASN F 34 17.74 9.00 2.33
CA ASN F 34 19.10 9.54 2.08
C ASN F 34 20.00 8.51 1.38
N TRP F 35 20.96 8.96 0.57
CA TRP F 35 22.11 8.13 0.11
C TRP F 35 23.39 8.76 0.59
N PHE F 36 24.30 7.93 1.11
CA PHE F 36 25.62 8.38 1.56
C PHE F 36 26.71 7.64 0.82
N GLN F 37 27.86 8.30 0.65
CA GLN F 37 29.06 7.69 0.08
C GLN F 37 30.19 7.75 1.10
N GLN F 38 30.89 6.63 1.33
CA GLN F 38 32.03 6.67 2.23
C GLN F 38 33.26 6.08 1.57
N LYS F 39 34.29 6.91 1.44
CA LYS F 39 35.58 6.48 0.88
C LYS F 39 36.43 5.89 2.00
N PRO F 40 37.41 5.05 1.67
CA PRO F 40 38.14 4.35 2.74
C PRO F 40 38.88 5.29 3.69
N GLY F 41 38.69 5.09 4.99
CA GLY F 41 39.33 5.92 5.99
C GLY F 41 38.72 7.30 6.16
N LYS F 42 37.65 7.60 5.44
CA LYS F 42 37.02 8.92 5.54
C LYS F 42 35.62 8.88 6.14
N SER F 43 35.14 10.04 6.56
CA SER F 43 33.76 10.17 7.02
C SER F 43 32.84 10.05 5.82
N PRO F 44 31.60 9.59 6.05
CA PRO F 44 30.63 9.56 4.96
C PRO F 44 30.31 10.96 4.43
N LYS F 45 29.84 11.00 3.19
CA LYS F 45 29.40 12.23 2.58
C LYS F 45 27.98 11.99 2.08
N THR F 46 27.11 12.95 2.32
CA THR F 46 25.71 12.82 1.99
C THR F 46 25.50 13.33 0.57
N LEU F 47 24.89 12.49 -0.28
CA LEU F 47 24.71 12.83 -1.69
C LEU F 47 23.26 13.21 -2.05
N ILE F 48 22.30 12.48 -1.49
CA ILE F 48 20.90 12.57 -1.92
C ILE F 48 20.00 12.74 -0.70
N TYR F 49 18.98 13.57 -0.83
CA TYR F 49 17.93 13.65 0.18
C TYR F 49 16.58 13.61 -0.53
N ARG F 50 15.52 13.28 0.22
CA ARG F 50 14.19 13.06 -0.37
C ARG F 50 14.23 12.24 -1.65
N ALA F 51 15.05 11.18 -1.63
CA ALA F 51 15.15 10.18 -2.70
C ALA F 51 15.73 10.65 -4.04
N ASN F 52 15.51 11.91 -4.42
CA ASN F 52 15.99 12.31 -5.75
C ASN F 52 16.57 13.72 -5.85
N ARG F 53 16.83 14.35 -4.70
CA ARG F 53 17.45 15.68 -4.70
C ARG F 53 18.92 15.63 -4.26
N LEU F 54 19.77 16.33 -5.01
CA LEU F 54 21.19 16.41 -4.71
C LEU F 54 21.50 17.50 -3.70
N LEU F 55 22.38 17.22 -2.74
CA LEU F 55 22.90 18.23 -1.81
C LEU F 55 23.82 19.17 -2.56
N ASP F 56 24.03 20.39 -2.03
CA ASP F 56 24.90 21.36 -2.68
C ASP F 56 26.29 20.79 -2.92
N GLY F 57 26.81 20.98 -4.12
CA GLY F 57 28.17 20.55 -4.39
C GLY F 57 28.31 19.14 -4.91
N VAL F 58 27.24 18.35 -4.85
CA VAL F 58 27.27 16.98 -5.37
C VAL F 58 27.22 16.99 -6.90
N PRO F 59 28.15 16.29 -7.56
CA PRO F 59 28.21 16.25 -9.04
C PRO F 59 26.92 15.73 -9.69
N SER F 60 26.58 16.30 -10.84
CA SER F 60 25.31 15.99 -11.50
C SER F 60 25.31 14.62 -12.16
N ARG F 61 26.45 13.92 -12.18
CA ARG F 61 26.45 12.54 -12.65
C ARG F 61 25.71 11.60 -11.67
N PHE F 62 25.49 12.06 -10.44
CA PHE F 62 24.66 11.32 -9.48
C PHE F 62 23.19 11.66 -9.65
N SER F 63 22.33 10.65 -9.55
CA SER F 63 20.90 10.89 -9.50
C SER F 63 20.18 9.80 -8.70
N GLY F 64 19.01 10.12 -8.17
CA GLY F 64 18.24 9.12 -7.46
C GLY F 64 16.83 9.04 -8.00
N SER F 65 16.15 7.92 -7.81
CA SER F 65 14.76 7.82 -8.24
C SER F 65 14.01 6.81 -7.39
N GLY F 66 12.68 6.78 -7.56
CA GLY F 66 11.85 5.83 -6.85
C GLY F 66 10.82 6.47 -5.95
N SER F 67 9.90 5.64 -5.46
CA SER F 67 8.89 6.06 -4.50
C SER F 67 8.27 4.81 -3.89
N GLY F 68 7.42 4.98 -2.89
CA GLY F 68 6.86 3.83 -2.19
C GLY F 68 7.96 3.07 -1.43
N GLN F 69 8.21 1.83 -1.84
CA GLN F 69 9.19 0.98 -1.17
C GLN F 69 10.50 0.84 -1.97
N ASP F 70 10.49 1.25 -3.23
CA ASP F 70 11.57 0.90 -4.17
C ASP F 70 12.33 2.11 -4.68
N TYR F 71 13.64 2.11 -4.46
CA TYR F 71 14.49 3.25 -4.76
C TYR F 71 15.77 2.85 -5.45
N SER F 72 16.41 3.80 -6.11
CA SER F 72 17.68 3.52 -6.76
C SER F 72 18.55 4.76 -6.80
N LEU F 73 19.85 4.52 -6.87
CA LEU F 73 20.85 5.54 -7.08
C LEU F 73 21.61 5.20 -8.37
N THR F 74 21.76 6.19 -9.24
CA THR F 74 22.47 5.96 -10.49
C THR F 74 23.67 6.90 -10.65
N ILE F 75 24.79 6.34 -11.09
CA ILE F 75 25.93 7.14 -11.57
C ILE F 75 25.99 7.06 -13.10
N SER F 76 25.76 8.18 -13.78
CA SER F 76 25.62 8.17 -15.24
C SER F 76 26.92 7.72 -15.93
N SER F 77 28.05 8.15 -15.39
CA SER F 77 29.36 7.88 -15.97
C SER F 77 30.42 7.85 -14.86
N LEU F 78 30.85 6.66 -14.48
CA LEU F 78 31.67 6.46 -13.27
C LEU F 78 33.03 7.15 -13.31
N ASP F 79 33.39 7.82 -12.21
CA ASP F 79 34.71 8.41 -12.03
C ASP F 79 35.51 7.60 -11.02
N TYR F 80 36.83 7.69 -11.08
CA TYR F 80 37.71 7.00 -10.14
C TYR F 80 37.40 7.40 -8.70
N GLU F 81 37.08 8.67 -8.49
CA GLU F 81 36.78 9.18 -7.17
C GLU F 81 35.46 8.64 -6.59
N ASP F 82 34.69 7.91 -7.39
CA ASP F 82 33.38 7.41 -6.96
C ASP F 82 33.43 6.05 -6.25
N MET F 83 34.60 5.44 -6.16
CA MET F 83 34.72 4.16 -5.46
C MET F 83 34.51 4.33 -3.95
N GLY F 84 33.92 3.32 -3.31
CA GLY F 84 33.68 3.36 -1.88
C GLY F 84 32.42 2.58 -1.54
N ILE F 85 31.87 2.78 -0.34
CA ILE F 85 30.64 2.09 0.04
C ILE F 85 29.46 3.05 0.07
N TYR F 86 28.35 2.64 -0.52
CA TYR F 86 27.15 3.46 -0.60
C TYR F 86 26.10 2.90 0.35
N TYR F 87 25.51 3.78 1.14
CA TYR F 87 24.46 3.43 2.10
C TYR F 87 23.17 4.21 1.84
N CYS F 88 22.02 3.57 2.04
CA CYS F 88 20.75 4.29 2.08
C CYS F 88 20.23 4.36 3.51
N LEU F 89 19.33 5.30 3.77
CA LEU F 89 18.69 5.42 5.07
C LEU F 89 17.32 6.04 4.93
N GLN F 90 16.32 5.48 5.62
CA GLN F 90 14.98 6.08 5.69
C GLN F 90 14.86 6.96 6.91
N TYR F 91 14.22 8.11 6.75
CA TYR F 91 13.92 8.98 7.88
C TYR F 91 12.45 9.37 7.89
N ASP F 92 11.61 8.48 7.36
CA ASP F 92 10.16 8.66 7.48
C ASP F 92 9.69 8.46 8.93
N GLU F 93 10.20 7.42 9.58
CA GLU F 93 9.79 7.07 10.96
C GLU F 93 10.97 6.70 11.85
N PHE F 94 10.85 6.94 13.14
CA PHE F 94 11.82 6.45 14.11
C PHE F 94 11.56 4.96 14.36
N PRO F 95 12.63 4.15 14.59
CA PRO F 95 14.05 4.53 14.58
C PRO F 95 14.58 4.75 13.18
N LEU F 96 15.51 5.68 13.03
CA LEU F 96 16.19 5.90 11.75
C LEU F 96 16.96 4.63 11.39
N THR F 97 16.78 4.10 10.18
CA THR F 97 17.45 2.82 9.84
C THR F 97 18.24 2.84 8.53
N PHE F 98 19.45 2.26 8.56
CA PHE F 98 20.37 2.16 7.43
C PHE F 98 20.26 0.85 6.67
N GLY F 99 20.50 0.88 5.36
CA GLY F 99 20.83 -0.33 4.62
C GLY F 99 22.24 -0.80 4.94
N ASP F 100 22.57 -2.04 4.57
CA ASP F 100 23.87 -2.62 4.92
C ASP F 100 25.02 -2.17 4.00
N GLY F 101 24.72 -1.45 2.93
CA GLY F 101 25.76 -0.87 2.09
C GLY F 101 26.03 -1.66 0.81
N THR F 102 26.45 -0.95 -0.24
CA THR F 102 26.90 -1.57 -1.48
C THR F 102 28.34 -1.10 -1.76
N LYS F 103 29.27 -2.02 -1.90
CA LYS F 103 30.67 -1.64 -2.09
C LYS F 103 30.97 -1.57 -3.59
N LEU F 104 31.36 -0.39 -4.05
CA LEU F 104 31.68 -0.16 -5.45
C LEU F 104 33.19 -0.08 -5.63
N GLU F 105 33.76 -0.98 -6.42
CA GLU F 105 35.22 -1.03 -6.62
C GLU F 105 35.58 -0.96 -8.12
N LEU F 106 36.85 -0.67 -8.41
CA LEU F 106 37.27 -0.42 -9.78
C LEU F 106 37.63 -1.73 -10.47
N LYS F 107 37.05 -1.94 -11.64
CA LYS F 107 37.26 -3.14 -12.44
C LYS F 107 38.60 -3.11 -13.18
N ARG F 108 39.28 -4.24 -13.23
CA ARG F 108 40.52 -4.36 -13.99
C ARG F 108 40.64 -5.80 -14.45
N THR F 109 41.75 -6.12 -15.12
CA THR F 109 41.95 -7.51 -15.57
C THR F 109 42.29 -8.40 -14.39
N VAL F 110 41.93 -9.67 -14.51
CA VAL F 110 42.31 -10.65 -13.51
C VAL F 110 43.83 -10.66 -13.41
N ALA F 111 44.33 -10.73 -12.18
CA ALA F 111 45.76 -10.74 -11.91
C ALA F 111 46.05 -11.80 -10.87
N ALA F 112 46.88 -12.78 -11.22
CA ALA F 112 47.25 -13.83 -10.26
C ALA F 112 48.25 -13.29 -9.23
N PRO F 113 48.19 -13.81 -7.98
CA PRO F 113 49.13 -13.40 -6.94
C PRO F 113 50.56 -13.93 -7.06
N SER F 114 51.51 -13.10 -6.63
CA SER F 114 52.87 -13.55 -6.33
C SER F 114 52.91 -13.99 -4.89
N VAL F 115 53.44 -15.18 -4.63
CA VAL F 115 53.43 -15.77 -3.30
C VAL F 115 54.81 -15.80 -2.67
N PHE F 116 54.92 -15.44 -1.39
CA PHE F 116 56.18 -15.46 -0.65
C PHE F 116 55.96 -16.11 0.71
N ILE F 117 56.96 -16.84 1.19
CA ILE F 117 56.83 -17.45 2.50
C ILE F 117 57.98 -17.08 3.43
N PHE F 118 57.66 -16.86 4.70
CA PHE F 118 58.63 -16.43 5.70
C PHE F 118 58.67 -17.37 6.91
N PRO F 119 59.85 -17.93 7.20
CA PRO F 119 60.01 -18.77 8.40
C PRO F 119 59.98 -17.91 9.65
N PRO F 120 59.79 -18.52 10.82
CA PRO F 120 59.83 -17.72 12.06
C PRO F 120 61.25 -17.17 12.33
N SER F 121 61.34 -16.02 13.00
CA SER F 121 62.65 -15.50 13.40
C SER F 121 63.17 -16.27 14.60
N ASP F 122 64.49 -16.30 14.78
CA ASP F 122 65.05 -16.92 15.99
C ASP F 122 64.60 -16.17 17.24
N GLU F 123 64.42 -14.85 17.13
CA GLU F 123 64.00 -14.10 18.30
C GLU F 123 62.64 -14.60 18.83
N GLN F 124 61.69 -14.89 17.93
CA GLN F 124 60.39 -15.40 18.41
C GLN F 124 60.50 -16.81 19.01
N LEU F 125 61.36 -17.66 18.42
CA LEU F 125 61.49 -19.03 18.88
C LEU F 125 62.01 -19.13 20.31
N LYS F 126 62.61 -18.06 20.81
CA LYS F 126 63.14 -18.07 22.17
C LYS F 126 62.02 -17.77 23.17
N SER F 127 60.81 -17.57 22.66
CA SER F 127 59.66 -17.33 23.52
C SER F 127 58.75 -18.57 23.60
N GLY F 128 59.10 -19.60 22.85
CA GLY F 128 58.35 -20.85 22.86
C GLY F 128 57.34 -21.01 21.73
N THR F 129 57.24 -20.00 20.87
CA THR F 129 56.26 -19.93 19.79
C THR F 129 56.92 -19.70 18.43
N ALA F 130 56.32 -20.22 17.36
CA ALA F 130 56.81 -19.99 16.00
C ALA F 130 55.67 -19.53 15.10
N SER F 131 55.86 -18.41 14.42
CA SER F 131 54.90 -17.93 13.42
C SER F 131 55.46 -18.01 12.00
N VAL F 132 54.74 -18.70 11.11
CA VAL F 132 55.11 -18.76 9.69
C VAL F 132 54.16 -17.89 8.89
N VAL F 133 54.70 -17.06 8.01
CA VAL F 133 53.88 -16.10 7.29
C VAL F 133 53.92 -16.31 5.79
N CYS F 134 52.73 -16.23 5.18
CA CYS F 134 52.58 -16.34 3.74
C CYS F 134 52.02 -15.05 3.17
N LEU F 135 52.69 -14.54 2.15
CA LEU F 135 52.27 -13.31 1.52
C LEU F 135 51.77 -13.55 0.12
N LEU F 136 50.56 -13.09 -0.17
CA LEU F 136 50.01 -13.08 -1.53
C LEU F 136 49.97 -11.64 -1.98
N ASN F 137 50.76 -11.30 -2.98
CA ASN F 137 50.93 -9.89 -3.33
C ASN F 137 50.28 -9.51 -4.66
N ASN F 138 49.52 -8.42 -4.66
CA ASN F 138 49.02 -7.79 -5.88
C ASN F 138 48.15 -8.66 -6.81
N PHE F 139 47.03 -9.14 -6.30
CA PHE F 139 46.13 -9.96 -7.12
C PHE F 139 44.76 -9.31 -7.32
N TYR F 140 43.97 -9.87 -8.22
CA TYR F 140 42.62 -9.39 -8.49
C TYR F 140 41.85 -10.52 -9.18
N PRO F 141 40.60 -10.76 -8.77
CA PRO F 141 39.81 -10.05 -7.76
C PRO F 141 40.16 -10.48 -6.34
N ARG F 142 39.38 -10.03 -5.36
CA ARG F 142 39.68 -10.19 -3.94
C ARG F 142 39.72 -11.62 -3.39
N GLU F 143 38.90 -12.50 -3.94
CA GLU F 143 38.76 -13.84 -3.36
C GLU F 143 40.01 -14.68 -3.59
N ALA F 144 40.51 -15.31 -2.52
CA ALA F 144 41.70 -16.15 -2.59
C ALA F 144 41.66 -17.18 -1.47
N LYS F 145 42.18 -18.37 -1.75
CA LYS F 145 42.26 -19.44 -0.75
C LYS F 145 43.70 -19.81 -0.44
N VAL F 146 44.03 -19.85 0.85
CA VAL F 146 45.35 -20.28 1.31
C VAL F 146 45.25 -21.51 2.20
N GLN F 147 45.98 -22.58 1.88
CA GLN F 147 46.04 -23.76 2.74
C GLN F 147 47.45 -23.94 3.29
N TRP F 148 47.58 -24.24 4.58
CA TRP F 148 48.88 -24.53 5.18
C TRP F 148 49.14 -26.03 5.25
N LYS F 149 50.35 -26.45 4.89
CA LYS F 149 50.72 -27.86 4.99
C LYS F 149 52.05 -28.02 5.73
N VAL F 150 52.06 -28.90 6.70
CA VAL F 150 53.27 -29.19 7.46
C VAL F 150 53.60 -30.68 7.23
N ASP F 151 54.74 -30.95 6.58
CA ASP F 151 55.09 -32.31 6.11
C ASP F 151 53.90 -32.94 5.41
N ASN F 152 53.29 -32.15 4.52
CA ASN F 152 52.14 -32.54 3.70
C ASN F 152 50.83 -32.78 4.44
N ALA F 153 50.80 -32.50 5.73
CA ALA F 153 49.54 -32.59 6.46
C ALA F 153 48.83 -31.23 6.48
N LEU F 154 47.61 -31.21 5.95
CA LEU F 154 46.78 -30.01 5.95
C LEU F 154 46.49 -29.52 7.37
N GLN F 155 46.73 -28.24 7.61
CA GLN F 155 46.51 -27.64 8.91
C GLN F 155 45.11 -27.03 8.98
N SER F 156 44.52 -27.00 10.16
CA SER F 156 43.24 -26.35 10.35
C SER F 156 43.12 -25.83 11.77
N GLY F 157 42.58 -24.63 11.91
CA GLY F 157 42.35 -24.02 13.21
C GLY F 157 43.53 -23.31 13.84
N ASN F 158 44.66 -23.25 13.13
CA ASN F 158 45.85 -22.60 13.69
C ASN F 158 46.41 -21.50 12.79
N SER F 159 45.58 -20.95 11.92
CA SER F 159 46.00 -19.82 11.10
C SER F 159 44.96 -18.72 11.03
N GLN F 160 45.43 -17.49 10.78
CA GLN F 160 44.56 -16.36 10.54
C GLN F 160 45.08 -15.53 9.39
N GLU F 161 44.18 -14.85 8.70
CA GLU F 161 44.55 -14.03 7.56
C GLU F 161 43.87 -12.66 7.51
N SER F 162 44.49 -11.74 6.79
CA SER F 162 43.95 -10.40 6.60
C SER F 162 44.24 -9.88 5.19
N VAL F 163 43.36 -9.03 4.66
CA VAL F 163 43.43 -8.57 3.28
C VAL F 163 43.40 -7.03 3.21
N THR F 164 44.24 -6.42 2.38
CA THR F 164 44.20 -4.96 2.21
C THR F 164 43.00 -4.52 1.39
N GLU F 165 42.70 -3.23 1.42
CA GLU F 165 41.71 -2.66 0.51
C GLU F 165 42.31 -2.52 -0.87
N GLN F 166 41.48 -2.25 -1.87
CA GLN F 166 41.96 -2.10 -3.23
C GLN F 166 42.98 -0.98 -3.33
N ASP F 167 44.13 -1.31 -3.90
CA ASP F 167 45.20 -0.34 -4.08
C ASP F 167 44.78 0.78 -5.03
N SER F 168 45.09 2.02 -4.66
CA SER F 168 44.54 3.14 -5.43
C SER F 168 45.18 3.33 -6.79
N LYS F 169 46.36 2.75 -7.02
CA LYS F 169 47.07 2.99 -8.28
C LYS F 169 46.98 1.79 -9.26
N ASP F 170 46.93 0.55 -8.75
CA ASP F 170 46.84 -0.59 -9.67
C ASP F 170 45.62 -1.48 -9.46
N SER F 171 44.76 -1.09 -8.51
CA SER F 171 43.47 -1.74 -8.26
C SER F 171 43.58 -3.20 -7.82
N THR F 172 44.71 -3.58 -7.25
CA THR F 172 44.91 -4.94 -6.77
C THR F 172 44.76 -5.02 -5.26
N TYR F 173 44.74 -6.25 -4.77
CA TYR F 173 44.71 -6.57 -3.34
C TYR F 173 45.96 -7.32 -2.93
N SER F 174 46.24 -7.33 -1.63
CA SER F 174 47.26 -8.19 -1.10
C SER F 174 46.75 -8.91 0.14
N LEU F 175 47.32 -10.07 0.44
CA LEU F 175 46.87 -10.86 1.59
C LEU F 175 48.02 -11.43 2.39
N SER F 176 47.84 -11.42 3.71
CA SER F 176 48.79 -11.99 4.64
C SER F 176 48.15 -13.08 5.49
N SER F 177 48.81 -14.22 5.60
CA SER F 177 48.33 -15.32 6.44
C SER F 177 49.40 -15.80 7.41
N THR F 178 49.01 -16.02 8.64
CA THR F 178 49.94 -16.46 9.67
C THR F 178 49.59 -17.81 10.29
N LEU F 179 50.51 -18.77 10.17
CA LEU F 179 50.40 -20.05 10.86
C LEU F 179 51.17 -20.00 12.17
N THR F 180 50.54 -20.36 13.29
CA THR F 180 51.20 -20.29 14.59
C THR F 180 51.29 -21.62 15.31
N LEU F 181 52.51 -22.02 15.65
CA LEU F 181 52.79 -23.31 16.27
C LEU F 181 53.58 -23.12 17.54
N SER F 182 53.58 -24.13 18.41
CA SER F 182 54.52 -24.16 19.50
C SER F 182 55.92 -24.42 18.94
N LYS F 183 56.96 -24.06 19.69
CA LYS F 183 58.33 -24.38 19.28
C LYS F 183 58.52 -25.89 19.15
N ALA F 184 57.97 -26.67 20.08
CA ALA F 184 58.09 -28.14 20.05
C ALA F 184 57.53 -28.73 18.74
N ASP F 185 56.33 -28.31 18.34
CA ASP F 185 55.73 -28.75 17.08
C ASP F 185 56.61 -28.35 15.89
N TYR F 186 57.03 -27.10 15.88
CA TYR F 186 57.82 -26.57 14.76
C TYR F 186 59.14 -27.30 14.59
N GLU F 187 59.76 -27.66 15.71
CA GLU F 187 61.08 -28.32 15.65
C GLU F 187 60.98 -29.78 15.26
N LYS F 188 59.78 -30.35 15.27
CA LYS F 188 59.63 -31.77 15.00
C LYS F 188 59.19 -32.07 13.57
N HIS F 189 59.12 -31.04 12.72
CA HIS F 189 58.68 -31.20 11.34
C HIS F 189 59.62 -30.41 10.42
N LYS F 190 59.64 -30.74 9.12
CA LYS F 190 60.62 -30.17 8.19
C LYS F 190 60.05 -29.24 7.14
N VAL F 191 59.05 -29.73 6.41
CA VAL F 191 58.55 -29.00 5.24
C VAL F 191 57.34 -28.13 5.61
N TYR F 192 57.48 -26.83 5.39
CA TYR F 192 56.41 -25.86 5.65
C TYR F 192 55.97 -25.25 4.33
N ALA F 193 54.69 -25.38 4.02
CA ALA F 193 54.21 -24.96 2.72
C ALA F 193 52.90 -24.19 2.80
N CYS F 194 52.80 -23.21 1.93
CA CYS F 194 51.64 -22.37 1.77
C CYS F 194 51.12 -22.60 0.36
N GLU F 195 49.90 -23.08 0.23
CA GLU F 195 49.33 -23.42 -1.09
C GLU F 195 48.15 -22.54 -1.46
N VAL F 196 48.24 -21.92 -2.63
CA VAL F 196 47.34 -20.85 -2.99
C VAL F 196 46.49 -21.15 -4.20
N THR F 197 45.19 -20.88 -4.07
CA THR F 197 44.20 -21.01 -5.13
C THR F 197 43.53 -19.65 -5.44
N HIS F 198 43.44 -19.30 -6.72
CA HIS F 198 42.92 -18.00 -7.14
C HIS F 198 42.38 -18.12 -8.56
N GLN F 199 41.41 -17.27 -8.92
CA GLN F 199 40.78 -17.31 -10.24
C GLN F 199 41.79 -17.12 -11.41
N GLY F 200 42.92 -16.48 -11.12
CA GLY F 200 43.93 -16.22 -12.12
C GLY F 200 44.92 -17.35 -12.35
N LEU F 201 44.76 -18.44 -11.61
CA LEU F 201 45.71 -19.56 -11.67
C LEU F 201 45.15 -20.78 -12.41
N SER F 202 46.02 -21.47 -13.16
CA SER F 202 45.58 -22.67 -13.88
C SER F 202 45.80 -23.93 -13.06
N SER F 203 46.59 -23.82 -12.00
CA SER F 203 46.74 -24.86 -10.98
C SER F 203 47.22 -24.15 -9.70
N PRO F 204 47.09 -24.80 -8.53
CA PRO F 204 47.53 -24.12 -7.29
C PRO F 204 49.03 -23.80 -7.22
N VAL F 205 49.36 -22.67 -6.60
CA VAL F 205 50.76 -22.29 -6.40
C VAL F 205 51.21 -22.66 -5.00
N THR F 206 52.30 -23.41 -4.88
CA THR F 206 52.82 -23.77 -3.57
C THR F 206 54.20 -23.17 -3.35
N LYS F 207 54.34 -22.41 -2.27
CA LYS F 207 55.65 -21.96 -1.78
C LYS F 207 56.01 -22.68 -0.50
N SER F 208 57.26 -23.14 -0.41
CA SER F 208 57.65 -23.89 0.78
C SER F 208 59.09 -23.60 1.19
N PHE F 209 59.43 -24.00 2.42
CA PHE F 209 60.81 -23.99 2.87
C PHE F 209 61.03 -25.21 3.75
N ASN F 210 62.30 -25.57 3.95
CA ASN F 210 62.65 -26.66 4.85
C ASN F 210 63.31 -26.07 6.09
N ARG F 211 62.85 -26.46 7.26
CA ARG F 211 63.41 -25.91 8.50
C ARG F 211 64.90 -26.25 8.66
N GLY F 212 65.71 -25.24 8.94
CA GLY F 212 67.12 -25.44 9.22
C GLY F 212 68.05 -25.14 8.05
N GLU F 213 67.65 -25.63 6.89
CA GLU F 213 68.40 -25.47 5.65
C GLU F 213 68.54 -24.01 5.23
N SER G 2 -22.16 -7.87 -9.47
CA SER G 2 -22.28 -7.75 -8.02
C SER G 2 -21.09 -6.97 -7.44
N ARG G 3 -19.90 -7.35 -7.86
CA ARG G 3 -18.70 -6.66 -7.44
C ARG G 3 -18.49 -5.50 -8.40
N TPO G 4 -18.18 -4.33 -7.86
CA TPO G 4 -17.98 -3.17 -8.71
CB TPO G 4 -17.86 -1.94 -7.85
CG2 TPO G 4 -17.74 -0.71 -8.75
OG1 TPO G 4 -19.11 -1.86 -7.16
P TPO G 4 -18.93 -1.87 -5.56
O1P TPO G 4 -17.95 -0.68 -5.09
O2P TPO G 4 -18.32 -3.29 -5.15
O3P TPO G 4 -20.24 -1.60 -4.94
C TPO G 4 -16.75 -3.36 -9.59
O TPO G 4 -15.67 -3.69 -9.10
N PRO G 5 -16.93 -3.20 -10.90
CA PRO G 5 -15.79 -3.25 -11.84
C PRO G 5 -14.85 -2.07 -11.66
N SER G 6 -13.71 -2.15 -12.34
CA SER G 6 -12.73 -1.08 -12.37
C SER G 6 -13.33 0.12 -13.09
N LEU G 7 -13.18 1.32 -12.53
CA LEU G 7 -13.91 2.48 -13.06
C LEU G 7 -12.98 3.55 -13.65
N PRO G 8 -13.47 4.31 -14.64
CA PRO G 8 -12.66 5.38 -15.24
C PRO G 8 -12.36 6.51 -14.26
N TPO G 9 -11.17 7.07 -14.35
CA TPO G 9 -10.76 8.28 -13.61
CB TPO G 9 -9.25 8.52 -13.81
CG2 TPO G 9 -8.73 9.74 -13.06
OG1 TPO G 9 -8.57 7.36 -13.29
P TPO G 9 -7.81 6.55 -14.48
O1P TPO G 9 -6.75 7.39 -15.07
O2P TPO G 9 -7.14 5.27 -13.78
O3P TPO G 9 -8.92 6.20 -15.57
C TPO G 9 -11.60 9.48 -14.08
O TPO G 9 -12.02 9.52 -15.25
N PRO G 10 -11.91 10.43 -13.18
CA PRO G 10 -12.66 11.58 -13.71
C PRO G 10 -11.88 12.32 -14.81
N PRO G 11 -12.62 12.96 -15.74
CA PRO G 11 -12.00 13.55 -16.94
C PRO G 11 -11.29 14.90 -16.73
N THR G 12 -11.13 15.35 -15.48
CA THR G 12 -10.51 16.65 -15.18
C THR G 12 -9.16 16.84 -15.88
N ARG G 13 -8.98 17.98 -16.56
CA ARG G 13 -7.76 18.21 -17.34
C ARG G 13 -6.64 18.94 -16.60
N GLU G 14 -5.43 18.69 -17.08
CA GLU G 14 -4.25 19.48 -16.76
C GLU G 14 -3.72 19.17 -15.37
N SER H 2 0.45 -53.31 -37.48
CA SER H 2 -0.84 -52.63 -37.46
C SER H 2 -1.49 -52.72 -36.08
N ARG H 3 -1.43 -53.91 -35.47
CA ARG H 3 -2.01 -54.14 -34.15
C ARG H 3 -1.06 -53.78 -32.98
N TPO H 4 -1.49 -52.81 -32.17
CA TPO H 4 -0.77 -52.39 -30.98
CB TPO H 4 -1.51 -51.21 -30.33
CG2 TPO H 4 -0.74 -50.73 -29.09
OG1 TPO H 4 -1.55 -50.14 -31.26
P TPO H 4 -3.05 -49.75 -31.71
O1P TPO H 4 -3.93 -49.32 -30.45
O2P TPO H 4 -3.69 -51.06 -32.38
O3P TPO H 4 -2.89 -48.61 -32.64
C TPO H 4 -0.63 -53.53 -30.00
O TPO H 4 -1.63 -54.12 -29.57
N PRO H 5 0.61 -53.87 -29.62
CA PRO H 5 0.82 -54.94 -28.64
C PRO H 5 0.39 -54.53 -27.25
N SER H 6 0.35 -55.45 -26.30
CA SER H 6 0.02 -55.12 -24.92
C SER H 6 1.09 -54.22 -24.31
N LEU H 7 0.64 -53.18 -23.61
CA LEU H 7 1.51 -52.10 -23.16
C LEU H 7 1.64 -52.07 -21.63
N PRO H 8 2.77 -51.55 -21.12
CA PRO H 8 2.94 -51.44 -19.65
C PRO H 8 1.91 -50.51 -19.00
N TPO H 9 1.46 -50.89 -17.80
CA TPO H 9 0.58 -50.09 -16.97
CB TPO H 9 0.12 -50.94 -15.78
CG2 TPO H 9 -0.79 -50.14 -14.82
OG1 TPO H 9 -0.64 -52.06 -16.25
P TPO H 9 0.06 -53.49 -15.95
O1P TPO H 9 0.10 -53.76 -14.50
O2P TPO H 9 -0.83 -54.60 -16.69
O3P TPO H 9 1.55 -53.42 -16.54
C TPO H 9 1.37 -48.84 -16.52
O TPO H 9 2.59 -48.92 -16.39
N PRO H 10 0.70 -47.69 -16.33
CA PRO H 10 1.52 -46.57 -15.82
C PRO H 10 2.08 -46.87 -14.41
N PRO H 11 3.24 -46.31 -14.08
CA PRO H 11 4.05 -46.65 -12.89
C PRO H 11 3.55 -46.10 -11.55
N THR H 12 2.35 -45.50 -11.52
CA THR H 12 1.79 -44.92 -10.30
C THR H 12 1.85 -45.85 -9.08
N ARG H 13 2.32 -45.35 -7.94
CA ARG H 13 2.43 -46.15 -6.70
C ARG H 13 1.17 -46.08 -5.84
N GLU H 14 0.90 -47.16 -5.10
CA GLU H 14 -0.12 -47.11 -4.04
C GLU H 14 0.30 -46.20 -2.90
N SER I 2 24.13 35.91 5.20
CA SER I 2 25.31 35.20 5.66
C SER I 2 25.01 34.30 6.87
N ARG I 3 24.28 34.82 7.86
CA ARG I 3 23.96 34.02 9.03
C ARG I 3 22.70 33.17 8.79
N TPO I 4 22.83 31.90 9.13
CA TPO I 4 21.79 30.93 8.90
CB TPO I 4 22.37 29.54 9.06
CG2 TPO I 4 21.25 28.52 8.78
OG1 TPO I 4 23.38 29.39 8.07
P TPO I 4 24.86 29.17 8.69
O1P TPO I 4 25.18 30.37 9.51
O2P TPO I 4 24.92 27.84 9.60
O3P TPO I 4 25.85 28.94 7.45
C TPO I 4 20.62 31.16 9.84
O TPO I 4 20.80 31.21 11.06
N PRO I 5 19.40 31.27 9.29
CA PRO I 5 18.21 31.38 10.12
C PRO I 5 17.94 30.08 10.90
N SER I 6 16.98 30.13 11.82
CA SER I 6 16.55 28.95 12.56
C SER I 6 15.86 27.99 11.63
N LEU I 7 16.25 26.70 11.64
CA LEU I 7 15.82 25.78 10.59
C LEU I 7 14.86 24.73 11.14
N PRO I 8 13.92 24.26 10.31
CA PRO I 8 12.96 23.25 10.79
C PRO I 8 13.65 21.92 11.12
N TPO I 9 13.12 21.22 12.13
CA TPO I 9 13.56 19.86 12.48
CB TPO I 9 12.90 19.46 13.85
CG2 TPO I 9 13.39 18.10 14.36
OG1 TPO I 9 13.32 20.43 14.81
P TPO I 9 12.11 21.33 15.43
O1P TPO I 9 12.86 22.43 16.33
O2P TPO I 9 11.22 20.43 16.21
O3P TPO I 9 11.36 22.00 14.20
C TPO I 9 13.10 18.93 11.35
O TPO I 9 12.10 19.22 10.71
N PRO I 10 13.84 17.82 11.06
CA PRO I 10 13.38 16.88 10.04
C PRO I 10 11.98 16.30 10.36
N PRO I 11 11.23 15.91 9.31
CA PRO I 11 9.81 15.54 9.46
C PRO I 11 9.53 14.14 10.04
N THR I 12 10.57 13.44 10.46
CA THR I 12 10.43 12.08 10.95
C THR I 12 9.35 11.94 12.04
N ARG I 13 8.45 10.97 11.88
CA ARG I 13 7.39 10.70 12.88
C ARG I 13 7.77 9.64 13.89
N GLU I 14 7.25 9.75 15.10
CA GLU I 14 7.37 8.65 16.03
C GLU I 14 6.25 7.64 15.77
C1 GOL J . -19.85 32.71 23.10
O1 GOL J . -19.20 31.54 22.62
C2 GOL J . -18.74 33.73 23.35
O2 GOL J . -17.46 33.15 23.28
C3 GOL J . -18.84 34.87 22.36
O3 GOL J . -19.46 35.91 23.08
C1 GOL K . -30.36 -15.24 -16.90
O1 GOL K . -30.92 -14.17 -17.64
C2 GOL K . -30.59 -16.55 -17.67
O2 GOL K . -31.93 -16.61 -18.12
C3 GOL K . -29.72 -16.56 -18.92
O3 GOL K . -29.56 -17.90 -19.34
C1 GOL L . 47.95 -9.53 9.09
O1 GOL L . 48.05 -8.39 9.91
C2 GOL L . 48.52 -10.75 9.82
O2 GOL L . 48.22 -10.72 11.20
C3 GOL L . 47.96 -12.02 9.21
O3 GOL L . 49.05 -12.87 8.99
#